data_1WJN
#
_entry.id   1WJN
#
_entity_poly.entity_id   1
_entity_poly.type   'polypeptide(L)'
_entity_poly.pdbx_seq_one_letter_code
;GSSGSSGQLLTLKIKCSNQPERQILEKQLPDSMTVQKVKGLLSRLLKVPVSELLLSYESSKMPGREIELENDLQPLQFYS
VENGDCLLVRWSGPSSG
;
_entity_poly.pdbx_strand_id   A
#
# COMPACT_ATOMS: atom_id res chain seq x y z
N GLY A 1 17.35 -1.12 -12.07
CA GLY A 1 16.82 0.22 -12.22
C GLY A 1 17.86 1.29 -11.94
N SER A 2 17.45 2.38 -11.30
CA SER A 2 18.35 3.47 -10.98
C SER A 2 19.02 3.25 -9.63
N SER A 3 18.20 3.10 -8.59
CA SER A 3 18.71 2.89 -7.24
C SER A 3 19.60 4.06 -6.81
N GLY A 4 19.15 5.28 -7.10
CA GLY A 4 19.91 6.46 -6.73
C GLY A 4 19.70 6.84 -5.28
N SER A 5 20.23 8.01 -4.90
CA SER A 5 20.11 8.49 -3.53
C SER A 5 18.73 9.08 -3.28
N SER A 6 18.25 9.90 -4.23
CA SER A 6 16.95 10.52 -4.11
C SER A 6 15.89 9.50 -3.70
N GLY A 7 15.23 9.76 -2.57
CA GLY A 7 14.19 8.86 -2.10
C GLY A 7 14.75 7.49 -1.73
N GLN A 8 14.36 6.99 -0.56
CA GLN A 8 14.83 5.69 -0.09
C GLN A 8 13.70 4.65 -0.16
N LEU A 9 14.08 3.39 -0.30
CA LEU A 9 13.10 2.30 -0.38
C LEU A 9 12.77 1.78 1.01
N LEU A 10 11.47 1.63 1.27
CA LEU A 10 11.01 1.12 2.57
C LEU A 10 10.69 -0.36 2.49
N THR A 11 10.80 -1.04 3.62
CA THR A 11 10.51 -2.47 3.68
C THR A 11 9.25 -2.74 4.49
N LEU A 12 8.15 -3.01 3.79
CA LEU A 12 6.87 -3.29 4.45
C LEU A 12 6.35 -4.67 4.06
N LYS A 13 5.24 -5.07 4.68
CA LYS A 13 4.65 -6.37 4.40
C LYS A 13 3.23 -6.21 3.85
N ILE A 14 2.97 -6.86 2.72
CA ILE A 14 1.67 -6.79 2.08
C ILE A 14 0.77 -7.95 2.52
N LYS A 15 -0.46 -7.64 2.91
CA LYS A 15 -1.40 -8.66 3.34
C LYS A 15 -2.83 -8.26 2.98
N CYS A 16 -3.48 -9.08 2.15
CA CYS A 16 -4.84 -8.82 1.73
C CYS A 16 -5.78 -8.71 2.93
N SER A 17 -6.58 -7.65 2.97
CA SER A 17 -7.51 -7.43 4.06
C SER A 17 -8.69 -8.41 3.98
N ASN A 18 -9.10 -8.74 2.76
CA ASN A 18 -10.20 -9.66 2.55
C ASN A 18 -9.72 -11.10 2.54
N GLN A 19 -8.46 -11.28 2.15
CA GLN A 19 -7.87 -12.62 2.10
C GLN A 19 -6.75 -12.77 3.12
N PRO A 20 -7.12 -13.11 4.37
CA PRO A 20 -6.16 -13.29 5.46
C PRO A 20 -5.29 -14.52 5.27
N GLU A 21 -5.90 -15.61 4.80
CA GLU A 21 -5.18 -16.85 4.59
C GLU A 21 -3.98 -16.64 3.67
N ARG A 22 -4.19 -15.91 2.58
CA ARG A 22 -3.13 -15.63 1.63
C ARG A 22 -1.83 -15.25 2.36
N GLN A 23 -0.79 -16.03 2.13
CA GLN A 23 0.50 -15.78 2.76
C GLN A 23 0.89 -14.30 2.65
N ILE A 24 1.82 -13.87 3.49
CA ILE A 24 2.28 -12.49 3.49
C ILE A 24 3.60 -12.35 2.74
N LEU A 25 3.69 -11.31 1.91
CA LEU A 25 4.90 -11.06 1.13
C LEU A 25 5.52 -9.73 1.51
N GLU A 26 6.72 -9.46 0.98
CA GLU A 26 7.42 -8.22 1.27
C GLU A 26 7.84 -7.52 -0.02
N LYS A 27 7.50 -6.25 -0.14
CA LYS A 27 7.84 -5.46 -1.32
C LYS A 27 8.57 -4.18 -0.94
N GLN A 28 9.65 -3.87 -1.65
CA GLN A 28 10.43 -2.67 -1.39
C GLN A 28 10.13 -1.59 -2.41
N LEU A 29 9.58 -0.47 -1.94
CA LEU A 29 9.24 0.65 -2.81
C LEU A 29 9.75 1.96 -2.23
N PRO A 30 10.13 2.89 -3.12
CA PRO A 30 10.63 4.21 -2.73
C PRO A 30 9.55 5.09 -2.12
N ASP A 31 9.80 5.61 -0.93
CA ASP A 31 8.84 6.48 -0.25
C ASP A 31 8.26 7.51 -1.22
N SER A 32 9.02 7.83 -2.26
CA SER A 32 8.57 8.81 -3.26
C SER A 32 7.37 8.27 -4.03
N MET A 33 7.41 6.98 -4.36
CA MET A 33 6.32 6.35 -5.10
C MET A 33 4.96 6.85 -4.62
N THR A 34 4.08 7.17 -5.56
CA THR A 34 2.75 7.66 -5.23
C THR A 34 1.78 6.51 -5.01
N VAL A 35 1.01 6.59 -3.93
CA VAL A 35 0.04 5.56 -3.59
C VAL A 35 -0.62 5.00 -4.86
N GLN A 36 -0.77 5.85 -5.86
CA GLN A 36 -1.39 5.45 -7.12
C GLN A 36 -0.58 4.34 -7.78
N LYS A 37 0.72 4.58 -7.92
CA LYS A 37 1.61 3.59 -8.55
C LYS A 37 1.51 2.25 -7.84
N VAL A 38 1.58 2.28 -6.50
CA VAL A 38 1.51 1.05 -5.71
C VAL A 38 0.25 0.27 -6.05
N LYS A 39 -0.86 0.98 -6.25
CA LYS A 39 -2.13 0.36 -6.58
C LYS A 39 -2.13 -0.18 -8.00
N GLY A 40 -1.51 0.56 -8.91
CA GLY A 40 -1.43 0.15 -10.29
C GLY A 40 -0.52 -1.05 -10.50
N LEU A 41 0.48 -1.17 -9.65
CA LEU A 41 1.43 -2.27 -9.73
C LEU A 41 0.77 -3.60 -9.36
N LEU A 42 -0.02 -3.57 -8.30
CA LEU A 42 -0.72 -4.77 -7.83
C LEU A 42 -2.00 -4.99 -8.62
N SER A 43 -2.53 -3.91 -9.20
CA SER A 43 -3.77 -3.99 -9.98
C SER A 43 -3.69 -5.12 -11.00
N ARG A 44 -2.56 -5.21 -11.69
CA ARG A 44 -2.35 -6.24 -12.70
C ARG A 44 -2.15 -7.60 -12.06
N LEU A 45 -1.75 -7.60 -10.78
CA LEU A 45 -1.53 -8.83 -10.05
C LEU A 45 -2.85 -9.47 -9.63
N LEU A 46 -3.59 -8.77 -8.78
CA LEU A 46 -4.87 -9.26 -8.30
C LEU A 46 -5.98 -8.94 -9.30
N LYS A 47 -5.59 -8.56 -10.51
CA LYS A 47 -6.54 -8.24 -11.56
C LYS A 47 -7.60 -7.27 -11.05
N VAL A 48 -7.20 -6.39 -10.13
CA VAL A 48 -8.11 -5.41 -9.57
C VAL A 48 -7.74 -3.99 -10.02
N PRO A 49 -8.76 -3.20 -10.39
CA PRO A 49 -8.57 -1.82 -10.84
C PRO A 49 -8.12 -0.90 -9.72
N VAL A 50 -7.10 -0.10 -9.99
CA VAL A 50 -6.57 0.84 -9.01
C VAL A 50 -7.70 1.57 -8.29
N SER A 51 -8.86 1.63 -8.93
CA SER A 51 -10.02 2.30 -8.35
C SER A 51 -10.59 1.50 -7.18
N GLU A 52 -10.69 0.19 -7.37
CA GLU A 52 -11.21 -0.69 -6.33
C GLU A 52 -10.11 -1.16 -5.40
N LEU A 53 -8.92 -0.59 -5.59
CA LEU A 53 -7.76 -0.95 -4.76
C LEU A 53 -7.56 0.07 -3.64
N LEU A 54 -8.16 -0.21 -2.48
CA LEU A 54 -8.03 0.69 -1.34
C LEU A 54 -6.86 0.28 -0.45
N LEU A 55 -5.78 1.05 -0.51
CA LEU A 55 -4.61 0.78 0.30
C LEU A 55 -4.71 1.42 1.68
N SER A 56 -4.40 0.65 2.71
CA SER A 56 -4.47 1.14 4.08
C SER A 56 -3.28 0.65 4.90
N TYR A 57 -2.51 1.59 5.44
CA TYR A 57 -1.34 1.25 6.24
C TYR A 57 -1.64 1.36 7.72
N GLU A 58 -1.04 0.49 8.52
CA GLU A 58 -1.25 0.48 9.96
C GLU A 58 -0.09 1.17 10.68
N SER A 59 -0.37 2.30 11.30
CA SER A 59 0.65 3.06 12.01
C SER A 59 0.97 2.40 13.36
N SER A 60 2.21 1.97 13.52
CA SER A 60 2.64 1.32 14.74
C SER A 60 2.25 2.15 15.97
N LYS A 61 2.72 3.39 16.01
CA LYS A 61 2.41 4.28 17.11
C LYS A 61 0.95 4.14 17.55
N MET A 62 0.06 4.01 16.57
CA MET A 62 -1.36 3.85 16.85
C MET A 62 -1.88 2.50 16.36
N PRO A 63 -1.74 1.48 17.21
CA PRO A 63 -2.19 0.11 16.89
C PRO A 63 -3.71 0.00 16.82
N GLY A 64 -4.19 -1.05 16.16
CA GLY A 64 -5.63 -1.25 16.04
C GLY A 64 -6.32 -0.12 15.31
N ARG A 65 -5.60 0.50 14.37
CA ARG A 65 -6.15 1.61 13.60
C ARG A 65 -5.48 1.71 12.24
N GLU A 66 -6.29 1.61 11.19
CA GLU A 66 -5.78 1.69 9.82
C GLU A 66 -6.20 2.99 9.15
N ILE A 67 -5.32 3.52 8.30
CA ILE A 67 -5.59 4.76 7.59
C ILE A 67 -5.86 4.51 6.11
N GLU A 68 -7.12 4.69 5.70
CA GLU A 68 -7.51 4.47 4.32
C GLU A 68 -6.96 5.59 3.42
N LEU A 69 -5.95 5.26 2.62
CA LEU A 69 -5.34 6.23 1.72
C LEU A 69 -6.27 6.55 0.56
N GLU A 70 -6.92 7.71 0.64
CA GLU A 70 -7.84 8.13 -0.41
C GLU A 70 -7.10 8.89 -1.51
N ASN A 71 -5.99 9.52 -1.14
CA ASN A 71 -5.19 10.29 -2.09
C ASN A 71 -4.13 9.40 -2.74
N ASP A 72 -4.15 9.35 -4.07
CA ASP A 72 -3.19 8.54 -4.81
C ASP A 72 -2.00 9.38 -5.26
N LEU A 73 -2.25 10.63 -5.60
CA LEU A 73 -1.20 11.55 -6.04
C LEU A 73 -0.23 11.83 -4.91
N GLN A 74 -0.56 11.35 -3.72
CA GLN A 74 0.29 11.56 -2.55
C GLN A 74 1.22 10.37 -2.32
N PRO A 75 2.49 10.66 -2.01
CA PRO A 75 3.51 9.63 -1.77
C PRO A 75 3.26 8.86 -0.48
N LEU A 76 4.11 7.88 -0.21
CA LEU A 76 3.99 7.07 1.00
C LEU A 76 4.46 7.85 2.23
N GLN A 77 5.46 8.70 2.03
CA GLN A 77 6.00 9.51 3.12
C GLN A 77 4.98 10.52 3.61
N PHE A 78 4.00 10.82 2.77
CA PHE A 78 2.96 11.78 3.12
C PHE A 78 2.07 11.23 4.24
N TYR A 79 1.96 9.91 4.31
CA TYR A 79 1.14 9.27 5.32
C TYR A 79 2.01 8.78 6.49
N SER A 80 3.15 9.43 6.67
CA SER A 80 4.07 9.06 7.75
C SER A 80 4.39 7.57 7.71
N VAL A 81 4.53 7.03 6.51
CA VAL A 81 4.84 5.62 6.32
C VAL A 81 6.34 5.39 6.30
N GLU A 82 6.82 4.60 7.27
CA GLU A 82 8.24 4.30 7.35
C GLU A 82 8.47 2.79 7.44
N ASN A 83 9.66 2.36 7.00
CA ASN A 83 10.01 0.94 7.02
C ASN A 83 9.47 0.27 8.29
N GLY A 84 9.04 -0.98 8.15
CA GLY A 84 8.51 -1.72 9.29
C GLY A 84 7.01 -1.75 9.31
N ASP A 85 6.38 -0.71 8.78
CA ASP A 85 4.93 -0.61 8.73
C ASP A 85 4.33 -1.84 8.04
N CYS A 86 3.00 -1.89 7.98
CA CYS A 86 2.31 -3.01 7.35
C CYS A 86 1.35 -2.51 6.27
N LEU A 87 1.44 -3.09 5.08
CA LEU A 87 0.58 -2.71 3.97
C LEU A 87 -0.65 -3.61 3.89
N LEU A 88 -1.82 -3.00 3.75
CA LEU A 88 -3.07 -3.75 3.65
C LEU A 88 -3.79 -3.44 2.35
N VAL A 89 -3.93 -4.45 1.51
CA VAL A 89 -4.61 -4.29 0.23
C VAL A 89 -6.06 -4.76 0.30
N ARG A 90 -6.99 -3.81 0.24
CA ARG A 90 -8.41 -4.12 0.31
C ARG A 90 -9.13 -3.63 -0.94
N TRP A 91 -10.10 -4.41 -1.41
CA TRP A 91 -10.87 -4.05 -2.60
C TRP A 91 -12.29 -4.60 -2.50
N SER A 92 -13.25 -3.81 -2.99
CA SER A 92 -14.65 -4.20 -2.96
C SER A 92 -15.15 -4.53 -4.35
N GLY A 93 -16.08 -5.47 -4.44
CA GLY A 93 -16.63 -5.86 -5.73
C GLY A 93 -17.94 -5.17 -6.03
N PRO A 94 -19.02 -5.58 -5.35
CA PRO A 94 -20.35 -5.01 -5.54
C PRO A 94 -20.44 -3.58 -5.00
N SER A 95 -20.48 -2.61 -5.91
CA SER A 95 -20.56 -1.21 -5.53
C SER A 95 -21.83 -0.94 -4.73
N SER A 96 -21.83 0.17 -3.99
CA SER A 96 -22.97 0.54 -3.17
C SER A 96 -22.96 2.03 -2.86
N GLY A 97 -24.02 2.72 -3.28
CA GLY A 97 -24.11 4.15 -3.03
C GLY A 97 -25.01 4.85 -4.05
N GLY A 1 28.10 6.75 1.15
CA GLY A 1 27.68 7.90 1.94
C GLY A 1 26.72 8.79 1.19
N SER A 2 26.98 10.10 1.25
CA SER A 2 26.12 11.07 0.57
C SER A 2 24.65 10.76 0.82
N SER A 3 24.33 10.40 2.05
CA SER A 3 22.95 10.08 2.42
C SER A 3 22.02 11.27 2.17
N GLY A 4 20.72 11.06 2.38
CA GLY A 4 19.76 12.11 2.16
C GLY A 4 18.33 11.64 2.35
N SER A 5 17.38 12.55 2.16
CA SER A 5 15.97 12.22 2.32
C SER A 5 15.19 12.56 1.05
N SER A 6 15.80 12.30 -0.11
CA SER A 6 15.16 12.58 -1.39
C SER A 6 14.54 11.32 -1.97
N GLY A 7 13.98 10.48 -1.10
CA GLY A 7 13.36 9.25 -1.55
C GLY A 7 14.13 8.01 -1.11
N GLN A 8 13.45 7.14 -0.37
CA GLN A 8 14.08 5.92 0.12
C GLN A 8 13.10 4.75 0.10
N LEU A 9 13.63 3.55 -0.13
CA LEU A 9 12.78 2.36 -0.19
C LEU A 9 12.44 1.87 1.22
N LEU A 10 11.16 1.63 1.46
CA LEU A 10 10.69 1.15 2.76
C LEU A 10 10.35 -0.33 2.72
N THR A 11 10.70 -1.05 3.78
CA THR A 11 10.43 -2.47 3.85
C THR A 11 9.13 -2.75 4.61
N LEU A 12 8.07 -3.03 3.85
CA LEU A 12 6.76 -3.32 4.44
C LEU A 12 6.28 -4.71 4.05
N LYS A 13 5.14 -5.10 4.59
CA LYS A 13 4.56 -6.41 4.30
C LYS A 13 3.17 -6.26 3.70
N ILE A 14 2.96 -6.86 2.53
CA ILE A 14 1.68 -6.80 1.85
C ILE A 14 0.74 -7.90 2.35
N LYS A 15 -0.46 -7.50 2.75
CA LYS A 15 -1.46 -8.44 3.26
C LYS A 15 -2.85 -8.10 2.73
N CYS A 16 -3.40 -8.99 1.92
CA CYS A 16 -4.74 -8.77 1.36
C CYS A 16 -5.82 -9.20 2.34
N SER A 17 -6.59 -8.23 2.80
CA SER A 17 -7.67 -8.49 3.76
C SER A 17 -8.72 -9.42 3.15
N ASN A 18 -9.09 -9.14 1.91
CA ASN A 18 -10.08 -9.94 1.21
C ASN A 18 -9.56 -11.36 0.96
N GLN A 19 -8.30 -11.59 1.31
CA GLN A 19 -7.69 -12.90 1.12
C GLN A 19 -6.94 -13.33 2.39
N PRO A 20 -7.65 -14.04 3.27
CA PRO A 20 -7.08 -14.53 4.53
C PRO A 20 -6.05 -15.65 4.31
N GLU A 21 -6.04 -16.20 3.09
CA GLU A 21 -5.11 -17.26 2.76
C GLU A 21 -3.90 -16.72 2.01
N ARG A 22 -4.13 -15.70 1.18
CA ARG A 22 -3.06 -15.08 0.40
C ARG A 22 -1.80 -14.93 1.26
N GLN A 23 -0.82 -15.79 1.02
CA GLN A 23 0.43 -15.75 1.76
C GLN A 23 1.04 -14.34 1.73
N ILE A 24 1.57 -13.90 2.86
CA ILE A 24 2.18 -12.58 2.96
C ILE A 24 3.49 -12.53 2.19
N LEU A 25 3.85 -11.33 1.72
CA LEU A 25 5.09 -11.14 0.98
C LEU A 25 5.83 -9.90 1.47
N GLU A 26 7.09 -9.78 1.07
CA GLU A 26 7.91 -8.63 1.47
C GLU A 26 8.42 -7.88 0.23
N LYS A 27 7.97 -6.64 0.08
CA LYS A 27 8.37 -5.81 -1.04
C LYS A 27 8.93 -4.47 -0.56
N GLN A 28 9.88 -3.93 -1.30
CA GLN A 28 10.49 -2.65 -0.95
C GLN A 28 10.24 -1.61 -2.03
N LEU A 29 9.52 -0.55 -1.68
CA LEU A 29 9.20 0.51 -2.62
C LEU A 29 9.62 1.87 -2.07
N PRO A 30 9.99 2.79 -2.96
CA PRO A 30 10.42 4.15 -2.59
C PRO A 30 9.27 4.99 -2.06
N ASP A 31 9.46 5.57 -0.88
CA ASP A 31 8.44 6.41 -0.27
C ASP A 31 7.91 7.44 -1.26
N SER A 32 8.72 7.77 -2.26
CA SER A 32 8.34 8.73 -3.27
C SER A 32 7.19 8.21 -4.13
N MET A 33 7.20 6.90 -4.38
CA MET A 33 6.16 6.27 -5.18
C MET A 33 4.78 6.71 -4.71
N THR A 34 3.98 7.23 -5.64
CA THR A 34 2.63 7.70 -5.33
C THR A 34 1.70 6.52 -5.05
N VAL A 35 0.75 6.72 -4.15
CA VAL A 35 -0.20 5.67 -3.79
C VAL A 35 -0.76 5.00 -5.03
N GLN A 36 -0.96 5.78 -6.09
CA GLN A 36 -1.48 5.24 -7.34
C GLN A 36 -0.54 4.21 -7.93
N LYS A 37 0.76 4.47 -7.85
CA LYS A 37 1.76 3.56 -8.38
C LYS A 37 1.68 2.20 -7.70
N VAL A 38 1.59 2.21 -6.37
CA VAL A 38 1.50 0.98 -5.60
C VAL A 38 0.22 0.22 -5.93
N LYS A 39 -0.86 0.96 -6.16
CA LYS A 39 -2.15 0.36 -6.49
C LYS A 39 -2.14 -0.20 -7.90
N GLY A 40 -1.45 0.48 -8.81
CA GLY A 40 -1.37 0.03 -10.19
C GLY A 40 -0.52 -1.21 -10.35
N LEU A 41 0.47 -1.36 -9.48
CA LEU A 41 1.36 -2.52 -9.52
C LEU A 41 0.61 -3.80 -9.16
N LEU A 42 -0.26 -3.72 -8.17
CA LEU A 42 -1.04 -4.87 -7.73
C LEU A 42 -2.30 -5.03 -8.58
N SER A 43 -2.72 -3.94 -9.21
CA SER A 43 -3.91 -3.96 -10.05
C SER A 43 -3.80 -5.05 -11.11
N ARG A 44 -2.64 -5.14 -11.73
CA ARG A 44 -2.41 -6.14 -12.77
C ARG A 44 -2.24 -7.52 -12.16
N LEU A 45 -1.83 -7.57 -10.89
CA LEU A 45 -1.64 -8.82 -10.20
C LEU A 45 -2.97 -9.46 -9.83
N LEU A 46 -3.76 -8.75 -9.03
CA LEU A 46 -5.07 -9.24 -8.60
C LEU A 46 -6.15 -8.83 -9.59
N LYS A 47 -5.73 -8.42 -10.78
CA LYS A 47 -6.66 -8.00 -11.82
C LYS A 47 -7.76 -7.11 -11.25
N VAL A 48 -7.36 -6.20 -10.36
CA VAL A 48 -8.31 -5.28 -9.74
C VAL A 48 -8.06 -3.85 -10.19
N PRO A 49 -9.13 -3.11 -10.46
CA PRO A 49 -9.06 -1.71 -10.90
C PRO A 49 -8.57 -0.77 -9.78
N VAL A 50 -7.55 0.01 -10.08
CA VAL A 50 -7.00 0.94 -9.11
C VAL A 50 -8.09 1.79 -8.48
N SER A 51 -9.21 1.93 -9.18
CA SER A 51 -10.34 2.71 -8.69
C SER A 51 -10.99 2.03 -7.48
N GLU A 52 -11.21 0.72 -7.59
CA GLU A 52 -11.82 -0.04 -6.51
C GLU A 52 -10.79 -0.37 -5.43
N LEU A 53 -9.54 -0.52 -5.84
CA LEU A 53 -8.46 -0.84 -4.91
C LEU A 53 -8.44 0.14 -3.75
N LEU A 54 -7.99 -0.33 -2.59
CA LEU A 54 -7.91 0.52 -1.41
C LEU A 54 -6.70 0.16 -0.57
N LEU A 55 -5.72 1.07 -0.53
CA LEU A 55 -4.50 0.84 0.24
C LEU A 55 -4.61 1.47 1.63
N SER A 56 -4.25 0.69 2.65
CA SER A 56 -4.32 1.16 4.02
C SER A 56 -3.12 0.65 4.83
N TYR A 57 -2.30 1.58 5.30
CA TYR A 57 -1.12 1.23 6.09
C TYR A 57 -1.41 1.32 7.58
N GLU A 58 -0.78 0.45 8.35
CA GLU A 58 -0.98 0.42 9.80
C GLU A 58 0.25 0.99 10.52
N SER A 59 0.07 2.15 11.14
CA SER A 59 1.16 2.80 11.86
C SER A 59 1.60 1.97 13.05
N SER A 60 2.87 1.57 13.04
CA SER A 60 3.42 0.76 14.12
C SER A 60 3.08 1.35 15.48
N LYS A 61 3.58 2.55 15.74
CA LYS A 61 3.31 3.24 17.00
C LYS A 61 1.88 2.99 17.47
N MET A 62 0.94 3.06 16.54
CA MET A 62 -0.47 2.84 16.86
C MET A 62 -1.00 1.62 16.13
N PRO A 63 -0.80 0.44 16.73
CA PRO A 63 -1.26 -0.84 16.16
C PRO A 63 -2.78 -0.97 16.18
N GLY A 64 -3.34 -1.52 15.10
CA GLY A 64 -4.78 -1.70 15.02
C GLY A 64 -5.45 -0.55 14.29
N ARG A 65 -4.90 0.64 14.40
CA ARG A 65 -5.46 1.82 13.75
C ARG A 65 -4.85 2.00 12.36
N GLU A 66 -5.53 1.46 11.34
CA GLU A 66 -5.05 1.57 9.97
C GLU A 66 -5.52 2.88 9.33
N ILE A 67 -4.70 3.40 8.42
CA ILE A 67 -5.02 4.65 7.75
C ILE A 67 -5.46 4.41 6.31
N GLU A 68 -6.72 4.71 6.01
CA GLU A 68 -7.26 4.51 4.68
C GLU A 68 -6.82 5.64 3.75
N LEU A 69 -5.84 5.35 2.89
CA LEU A 69 -5.33 6.33 1.95
C LEU A 69 -6.37 6.66 0.88
N GLU A 70 -6.91 7.87 0.94
CA GLU A 70 -7.92 8.30 -0.02
C GLU A 70 -7.29 9.12 -1.14
N ASN A 71 -6.08 9.62 -0.89
CA ASN A 71 -5.36 10.42 -1.88
C ASN A 71 -4.40 9.55 -2.69
N ASP A 72 -4.58 9.56 -4.00
CA ASP A 72 -3.73 8.77 -4.90
C ASP A 72 -2.56 9.61 -5.42
N LEU A 73 -2.80 10.91 -5.55
CA LEU A 73 -1.78 11.83 -6.04
C LEU A 73 -0.86 12.28 -4.90
N GLN A 74 -0.63 11.38 -3.95
CA GLN A 74 0.23 11.69 -2.81
C GLN A 74 1.15 10.52 -2.49
N PRO A 75 2.41 10.82 -2.16
CA PRO A 75 3.42 9.81 -1.82
C PRO A 75 3.13 9.13 -0.49
N LEU A 76 3.78 7.99 -0.26
CA LEU A 76 3.59 7.26 0.99
C LEU A 76 4.06 8.07 2.18
N GLN A 77 5.13 8.84 1.98
CA GLN A 77 5.68 9.67 3.05
C GLN A 77 4.66 10.70 3.52
N PHE A 78 3.72 11.05 2.64
CA PHE A 78 2.69 12.02 2.97
C PHE A 78 1.81 11.52 4.11
N TYR A 79 1.70 10.21 4.23
CA TYR A 79 0.89 9.60 5.28
C TYR A 79 1.76 9.18 6.46
N SER A 80 2.95 9.75 6.54
CA SER A 80 3.88 9.43 7.62
C SER A 80 4.25 7.95 7.61
N VAL A 81 4.27 7.36 6.41
CA VAL A 81 4.60 5.95 6.27
C VAL A 81 6.11 5.74 6.30
N GLU A 82 6.57 4.89 7.21
CA GLU A 82 7.99 4.59 7.35
C GLU A 82 8.25 3.09 7.29
N ASN A 83 9.47 2.72 6.94
CA ASN A 83 9.84 1.30 6.85
C ASN A 83 9.41 0.55 8.10
N GLY A 84 8.96 -0.68 7.92
CA GLY A 84 8.53 -1.49 9.04
C GLY A 84 7.02 -1.57 9.15
N ASP A 85 6.33 -0.64 8.51
CA ASP A 85 4.87 -0.61 8.54
C ASP A 85 4.28 -1.75 7.72
N CYS A 86 2.99 -1.97 7.87
CA CYS A 86 2.30 -3.04 7.14
C CYS A 86 1.32 -2.47 6.12
N LEU A 87 1.36 -3.01 4.91
CA LEU A 87 0.47 -2.56 3.84
C LEU A 87 -0.75 -3.46 3.74
N LEU A 88 -1.94 -2.86 3.83
CA LEU A 88 -3.18 -3.61 3.74
C LEU A 88 -3.90 -3.32 2.42
N VAL A 89 -3.88 -4.28 1.52
CA VAL A 89 -4.53 -4.13 0.22
C VAL A 89 -5.97 -4.61 0.27
N ARG A 90 -6.90 -3.73 -0.11
CA ARG A 90 -8.32 -4.06 -0.10
C ARG A 90 -8.99 -3.57 -1.39
N TRP A 91 -10.27 -3.91 -1.54
CA TRP A 91 -11.03 -3.49 -2.71
C TRP A 91 -12.49 -3.90 -2.58
N SER A 92 -13.37 -3.19 -3.29
CA SER A 92 -14.80 -3.46 -3.24
C SER A 92 -15.30 -3.94 -4.60
N GLY A 93 -16.20 -4.92 -4.60
CA GLY A 93 -16.75 -5.44 -5.84
C GLY A 93 -18.22 -5.75 -5.73
N PRO A 94 -19.06 -4.71 -5.86
CA PRO A 94 -20.52 -4.85 -5.78
C PRO A 94 -21.09 -5.59 -6.99
N SER A 95 -21.83 -6.66 -6.72
CA SER A 95 -22.44 -7.46 -7.79
C SER A 95 -23.96 -7.40 -7.71
N SER A 96 -24.50 -6.19 -7.75
CA SER A 96 -25.95 -6.00 -7.68
C SER A 96 -26.40 -4.93 -8.68
N GLY A 97 -27.65 -5.05 -9.13
CA GLY A 97 -28.18 -4.08 -10.07
C GLY A 97 -29.18 -4.70 -11.04
N GLY A 1 23.51 1.90 -0.88
CA GLY A 1 23.41 2.90 -1.93
C GLY A 1 22.11 3.68 -1.88
N SER A 2 22.22 4.99 -1.73
CA SER A 2 21.04 5.85 -1.66
C SER A 2 20.41 6.03 -3.03
N SER A 3 19.38 5.23 -3.32
CA SER A 3 18.69 5.30 -4.60
C SER A 3 17.48 6.21 -4.52
N GLY A 4 17.65 7.45 -4.97
CA GLY A 4 16.54 8.41 -4.94
C GLY A 4 16.91 9.68 -4.20
N SER A 5 16.99 10.79 -4.93
CA SER A 5 17.33 12.07 -4.35
C SER A 5 16.44 12.37 -3.13
N SER A 6 15.14 12.46 -3.37
CA SER A 6 14.18 12.74 -2.32
C SER A 6 13.26 11.55 -2.08
N GLY A 7 13.76 10.58 -1.32
CA GLY A 7 12.97 9.40 -1.03
C GLY A 7 13.82 8.13 -0.93
N GLN A 8 13.33 7.15 -0.18
CA GLN A 8 14.05 5.90 -0.01
C GLN A 8 13.10 4.71 -0.02
N LEU A 9 13.65 3.51 -0.21
CA LEU A 9 12.84 2.30 -0.24
C LEU A 9 12.50 1.84 1.18
N LEU A 10 11.22 1.57 1.41
CA LEU A 10 10.76 1.12 2.72
C LEU A 10 10.37 -0.36 2.68
N THR A 11 10.67 -1.08 3.75
CA THR A 11 10.35 -2.50 3.83
C THR A 11 8.99 -2.71 4.50
N LEU A 12 8.00 -3.09 3.71
CA LEU A 12 6.65 -3.32 4.22
C LEU A 12 6.12 -4.67 3.74
N LYS A 13 5.24 -5.27 4.54
CA LYS A 13 4.66 -6.55 4.19
C LYS A 13 3.25 -6.37 3.64
N ILE A 14 3.04 -6.82 2.39
CA ILE A 14 1.74 -6.71 1.75
C ILE A 14 0.80 -7.82 2.22
N LYS A 15 -0.36 -7.42 2.75
CA LYS A 15 -1.35 -8.38 3.24
C LYS A 15 -2.74 -8.03 2.72
N CYS A 16 -3.42 -9.02 2.17
CA CYS A 16 -4.76 -8.81 1.63
C CYS A 16 -5.82 -9.06 2.71
N SER A 17 -6.31 -7.98 3.31
CA SER A 17 -7.32 -8.07 4.36
C SER A 17 -8.42 -9.05 3.96
N ASN A 18 -9.11 -8.75 2.86
CA ASN A 18 -10.18 -9.60 2.38
C ASN A 18 -9.70 -11.04 2.21
N GLN A 19 -8.40 -11.21 2.08
CA GLN A 19 -7.81 -12.54 1.91
C GLN A 19 -6.93 -12.90 3.10
N PRO A 20 -7.55 -13.47 4.14
CA PRO A 20 -6.84 -13.86 5.36
C PRO A 20 -5.94 -15.07 5.13
N GLU A 21 -6.24 -15.86 4.11
CA GLU A 21 -5.46 -17.03 3.78
C GLU A 21 -4.27 -16.67 2.89
N ARG A 22 -4.42 -15.59 2.13
CA ARG A 22 -3.36 -15.13 1.24
C ARG A 22 -2.08 -14.84 2.02
N GLN A 23 -1.08 -15.68 1.85
CA GLN A 23 0.20 -15.51 2.53
C GLN A 23 0.71 -14.08 2.38
N ILE A 24 1.55 -13.66 3.32
CA ILE A 24 2.10 -12.31 3.30
C ILE A 24 3.37 -12.26 2.46
N LEU A 25 3.52 -11.18 1.69
CA LEU A 25 4.69 -11.01 0.83
C LEU A 25 5.50 -9.80 1.26
N GLU A 26 6.77 -9.77 0.85
CA GLU A 26 7.65 -8.67 1.20
C GLU A 26 8.12 -7.93 -0.05
N LYS A 27 8.07 -6.60 -0.02
CA LYS A 27 8.48 -5.78 -1.14
C LYS A 27 8.90 -4.39 -0.68
N GLN A 28 10.00 -3.90 -1.23
CA GLN A 28 10.50 -2.57 -0.87
C GLN A 28 10.16 -1.55 -1.96
N LEU A 29 9.44 -0.51 -1.57
CA LEU A 29 9.05 0.53 -2.51
C LEU A 29 9.52 1.90 -2.03
N PRO A 30 9.89 2.77 -2.99
CA PRO A 30 10.38 4.12 -2.68
C PRO A 30 9.26 5.03 -2.17
N ASP A 31 9.42 5.51 -0.95
CA ASP A 31 8.42 6.39 -0.34
C ASP A 31 7.89 7.39 -1.35
N SER A 32 8.68 7.67 -2.38
CA SER A 32 8.29 8.62 -3.41
C SER A 32 7.08 8.08 -4.19
N MET A 33 7.14 6.81 -4.56
CA MET A 33 6.05 6.18 -5.32
C MET A 33 4.70 6.65 -4.80
N THR A 34 3.89 7.22 -5.70
CA THR A 34 2.57 7.72 -5.32
C THR A 34 1.61 6.56 -5.07
N VAL A 35 0.73 6.73 -4.08
CA VAL A 35 -0.23 5.70 -3.73
C VAL A 35 -0.85 5.08 -4.98
N GLN A 36 -0.92 5.87 -6.05
CA GLN A 36 -1.49 5.41 -7.31
C GLN A 36 -0.61 4.34 -7.94
N LYS A 37 0.70 4.55 -7.89
CA LYS A 37 1.65 3.60 -8.46
C LYS A 37 1.57 2.25 -7.74
N VAL A 38 1.46 2.29 -6.42
CA VAL A 38 1.38 1.08 -5.62
C VAL A 38 0.14 0.27 -5.99
N LYS A 39 -0.99 0.94 -6.14
CA LYS A 39 -2.23 0.28 -6.50
C LYS A 39 -2.19 -0.22 -7.94
N GLY A 40 -1.43 0.48 -8.78
CA GLY A 40 -1.32 0.09 -10.18
C GLY A 40 -0.35 -1.08 -10.38
N LEU A 41 0.47 -1.33 -9.37
CA LEU A 41 1.44 -2.42 -9.45
C LEU A 41 0.76 -3.77 -9.21
N LEU A 42 -0.11 -3.82 -8.22
CA LEU A 42 -0.83 -5.05 -7.88
C LEU A 42 -2.13 -5.15 -8.67
N SER A 43 -2.58 -4.01 -9.20
CA SER A 43 -3.81 -3.98 -9.97
C SER A 43 -3.78 -4.99 -11.11
N ARG A 44 -2.64 -5.06 -11.79
CA ARG A 44 -2.47 -6.00 -12.90
C ARG A 44 -2.35 -7.43 -12.40
N LEU A 45 -1.97 -7.57 -11.13
CA LEU A 45 -1.82 -8.89 -10.53
C LEU A 45 -3.17 -9.47 -10.13
N LEU A 46 -3.84 -8.81 -9.19
CA LEU A 46 -5.15 -9.25 -8.72
C LEU A 46 -6.24 -8.87 -9.71
N LYS A 47 -5.83 -8.36 -10.87
CA LYS A 47 -6.78 -7.96 -11.91
C LYS A 47 -7.83 -7.03 -11.33
N VAL A 48 -7.42 -6.16 -10.42
CA VAL A 48 -8.33 -5.20 -9.80
C VAL A 48 -7.99 -3.77 -10.20
N PRO A 49 -9.03 -2.97 -10.47
CA PRO A 49 -8.86 -1.56 -10.87
C PRO A 49 -8.36 -0.70 -9.73
N VAL A 50 -7.34 0.10 -10.00
CA VAL A 50 -6.76 0.99 -8.99
C VAL A 50 -7.85 1.82 -8.31
N SER A 51 -8.98 1.99 -9.01
CA SER A 51 -10.08 2.77 -8.48
C SER A 51 -10.74 2.05 -7.31
N GLU A 52 -10.93 0.74 -7.46
CA GLU A 52 -11.55 -0.07 -6.42
C GLU A 52 -10.52 -0.50 -5.38
N LEU A 53 -9.25 -0.44 -5.75
CA LEU A 53 -8.17 -0.82 -4.85
C LEU A 53 -7.97 0.24 -3.76
N LEU A 54 -8.10 -0.18 -2.51
CA LEU A 54 -7.94 0.71 -1.37
C LEU A 54 -6.80 0.25 -0.48
N LEU A 55 -5.71 1.03 -0.46
CA LEU A 55 -4.55 0.69 0.36
C LEU A 55 -4.68 1.32 1.75
N SER A 56 -4.25 0.56 2.76
CA SER A 56 -4.31 1.03 4.14
C SER A 56 -3.13 0.52 4.95
N TYR A 57 -2.33 1.45 5.48
CA TYR A 57 -1.16 1.09 6.27
C TYR A 57 -1.45 1.21 7.76
N GLU A 58 -0.91 0.28 8.54
CA GLU A 58 -1.12 0.27 9.98
C GLU A 58 0.11 0.82 10.71
N SER A 59 -0.04 1.98 11.32
CA SER A 59 1.07 2.61 12.05
C SER A 59 1.40 1.82 13.31
N SER A 60 2.61 1.25 13.35
CA SER A 60 3.05 0.47 14.50
C SER A 60 2.85 1.26 15.79
N LYS A 61 3.43 2.45 15.85
CA LYS A 61 3.33 3.30 17.03
C LYS A 61 1.90 3.34 17.55
N MET A 62 0.94 3.43 16.63
CA MET A 62 -0.46 3.47 16.99
C MET A 62 -1.19 2.22 16.49
N PRO A 63 -1.09 1.13 17.27
CA PRO A 63 -1.73 -0.15 16.93
C PRO A 63 -3.25 -0.08 17.05
N GLY A 64 -3.94 -0.90 16.25
CA GLY A 64 -5.38 -0.92 16.30
C GLY A 64 -6.01 0.21 15.50
N ARG A 65 -5.29 0.69 14.49
CA ARG A 65 -5.77 1.79 13.66
C ARG A 65 -5.16 1.71 12.26
N GLU A 66 -6.00 1.92 11.25
CA GLU A 66 -5.54 1.88 9.86
C GLU A 66 -5.88 3.18 9.13
N ILE A 67 -4.96 3.63 8.29
CA ILE A 67 -5.17 4.86 7.54
C ILE A 67 -5.42 4.56 6.06
N GLU A 68 -6.68 4.69 5.64
CA GLU A 68 -7.05 4.43 4.26
C GLU A 68 -6.48 5.49 3.34
N LEU A 69 -5.44 5.13 2.60
CA LEU A 69 -4.80 6.07 1.66
C LEU A 69 -5.75 6.45 0.54
N GLU A 70 -6.40 7.60 0.70
CA GLU A 70 -7.34 8.09 -0.31
C GLU A 70 -6.60 8.75 -1.46
N ASN A 71 -5.83 9.78 -1.14
CA ASN A 71 -5.07 10.51 -2.14
C ASN A 71 -4.15 9.58 -2.93
N ASP A 72 -4.32 9.56 -4.24
CA ASP A 72 -3.51 8.71 -5.11
C ASP A 72 -2.31 9.47 -5.68
N LEU A 73 -2.48 10.78 -5.80
CA LEU A 73 -1.41 11.63 -6.33
C LEU A 73 -0.48 12.09 -5.21
N GLN A 74 -0.44 11.33 -4.13
CA GLN A 74 0.41 11.67 -2.99
C GLN A 74 1.30 10.49 -2.61
N PRO A 75 2.55 10.79 -2.25
CA PRO A 75 3.53 9.77 -1.86
C PRO A 75 3.19 9.13 -0.52
N LEU A 76 3.90 8.04 -0.19
CA LEU A 76 3.67 7.33 1.06
C LEU A 76 4.13 8.16 2.24
N GLN A 77 5.19 8.94 2.03
CA GLN A 77 5.73 9.80 3.09
C GLN A 77 4.70 10.82 3.55
N PHE A 78 3.76 11.15 2.67
CA PHE A 78 2.71 12.11 2.98
C PHE A 78 1.73 11.53 4.00
N TYR A 79 1.74 10.21 4.14
CA TYR A 79 0.85 9.53 5.07
C TYR A 79 1.60 9.09 6.32
N SER A 80 2.79 9.65 6.52
CA SER A 80 3.61 9.31 7.68
C SER A 80 3.93 7.82 7.70
N VAL A 81 4.34 7.30 6.55
CA VAL A 81 4.68 5.88 6.43
C VAL A 81 6.20 5.67 6.48
N GLU A 82 6.64 4.81 7.39
CA GLU A 82 8.05 4.52 7.53
C GLU A 82 8.31 3.02 7.57
N ASN A 83 9.55 2.62 7.30
CA ASN A 83 9.92 1.22 7.29
C ASN A 83 9.41 0.51 8.54
N GLY A 84 8.95 -0.72 8.39
CA GLY A 84 8.44 -1.47 9.52
C GLY A 84 6.94 -1.63 9.48
N ASP A 85 6.24 -0.57 9.06
CA ASP A 85 4.79 -0.60 8.98
C ASP A 85 4.31 -1.78 8.13
N CYS A 86 3.00 -1.99 8.11
CA CYS A 86 2.41 -3.08 7.33
C CYS A 86 1.50 -2.54 6.24
N LEU A 87 1.44 -3.25 5.12
CA LEU A 87 0.60 -2.85 4.00
C LEU A 87 -0.66 -3.72 3.90
N LEU A 88 -1.81 -3.07 3.95
CA LEU A 88 -3.08 -3.79 3.88
C LEU A 88 -3.79 -3.50 2.56
N VAL A 89 -3.77 -4.48 1.66
CA VAL A 89 -4.40 -4.34 0.35
C VAL A 89 -5.84 -4.86 0.38
N ARG A 90 -6.78 -4.01 0.00
CA ARG A 90 -8.19 -4.38 -0.02
C ARG A 90 -8.98 -3.46 -0.95
N TRP A 91 -9.91 -4.05 -1.71
CA TRP A 91 -10.74 -3.29 -2.63
C TRP A 91 -12.20 -3.35 -2.23
N SER A 92 -13.05 -2.69 -3.01
CA SER A 92 -14.49 -2.67 -2.73
C SER A 92 -15.28 -2.50 -4.02
N GLY A 93 -16.07 -3.52 -4.36
CA GLY A 93 -16.88 -3.47 -5.56
C GLY A 93 -18.07 -4.40 -5.49
N PRO A 94 -19.07 -4.03 -4.68
CA PRO A 94 -20.29 -4.82 -4.50
C PRO A 94 -21.18 -4.80 -5.74
N SER A 95 -21.37 -5.96 -6.36
CA SER A 95 -22.19 -6.07 -7.55
C SER A 95 -23.68 -6.13 -7.19
N SER A 96 -24.48 -5.29 -7.84
CA SER A 96 -25.91 -5.26 -7.58
C SER A 96 -26.68 -4.93 -8.87
N GLY A 97 -27.82 -5.59 -9.04
CA GLY A 97 -28.63 -5.37 -10.22
C GLY A 97 -29.56 -4.18 -10.06
N GLY A 1 21.79 -1.35 -4.60
CA GLY A 1 21.36 -0.03 -5.00
C GLY A 1 21.73 1.03 -3.97
N SER A 2 22.76 1.81 -4.26
CA SER A 2 23.21 2.86 -3.35
C SER A 2 23.44 4.16 -4.10
N SER A 3 22.58 5.14 -3.86
CA SER A 3 22.69 6.45 -4.50
C SER A 3 22.75 7.56 -3.47
N GLY A 4 21.84 7.54 -2.52
CA GLY A 4 21.81 8.57 -1.49
C GLY A 4 21.01 9.79 -1.90
N SER A 5 19.73 9.80 -1.55
CA SER A 5 18.87 10.92 -1.90
C SER A 5 17.73 11.06 -0.89
N SER A 6 16.91 12.09 -1.06
CA SER A 6 15.79 12.33 -0.16
C SER A 6 14.83 11.15 -0.16
N GLY A 7 14.55 10.62 -1.34
CA GLY A 7 13.65 9.49 -1.45
C GLY A 7 14.34 8.17 -1.20
N GLN A 8 13.73 7.33 -0.36
CA GLN A 8 14.30 6.03 -0.02
C GLN A 8 13.24 4.94 -0.09
N LEU A 9 13.69 3.69 -0.21
CA LEU A 9 12.78 2.56 -0.28
C LEU A 9 12.40 2.06 1.11
N LEU A 10 11.11 1.80 1.32
CA LEU A 10 10.63 1.32 2.61
C LEU A 10 10.33 -0.17 2.55
N THR A 11 10.52 -0.84 3.68
CA THR A 11 10.26 -2.28 3.77
C THR A 11 8.95 -2.57 4.48
N LEU A 12 7.91 -2.87 3.71
CA LEU A 12 6.59 -3.16 4.28
C LEU A 12 6.08 -4.51 3.79
N LYS A 13 5.10 -5.05 4.50
CA LYS A 13 4.52 -6.35 4.13
C LYS A 13 3.11 -6.15 3.57
N ILE A 14 2.84 -6.81 2.44
CA ILE A 14 1.53 -6.73 1.80
C ILE A 14 0.63 -7.87 2.25
N LYS A 15 -0.50 -7.53 2.84
CA LYS A 15 -1.46 -8.53 3.31
C LYS A 15 -2.88 -8.16 2.90
N CYS A 16 -3.44 -8.94 1.99
CA CYS A 16 -4.81 -8.69 1.51
C CYS A 16 -5.83 -8.92 2.62
N SER A 17 -6.72 -7.95 2.80
CA SER A 17 -7.74 -8.04 3.83
C SER A 17 -8.75 -9.14 3.50
N ASN A 18 -9.28 -9.78 4.55
CA ASN A 18 -10.25 -10.85 4.37
C ASN A 18 -9.80 -11.81 3.28
N GLN A 19 -8.50 -11.88 3.04
CA GLN A 19 -7.95 -12.76 2.02
C GLN A 19 -7.03 -13.81 2.65
N PRO A 20 -7.65 -14.89 3.16
CA PRO A 20 -6.91 -15.99 3.80
C PRO A 20 -6.10 -16.81 2.79
N GLU A 21 -6.55 -16.81 1.54
CA GLU A 21 -5.87 -17.54 0.48
C GLU A 21 -4.53 -16.90 0.14
N ARG A 22 -4.50 -15.57 0.12
CA ARG A 22 -3.28 -14.84 -0.18
C ARG A 22 -2.36 -14.79 1.02
N GLN A 23 -1.12 -15.25 0.84
CA GLN A 23 -0.14 -15.26 1.91
C GLN A 23 0.60 -13.93 1.99
N ILE A 24 0.89 -13.47 3.20
CA ILE A 24 1.60 -12.22 3.40
C ILE A 24 2.90 -12.19 2.61
N LEU A 25 3.29 -11.00 2.15
CA LEU A 25 4.51 -10.84 1.39
C LEU A 25 5.31 -9.63 1.87
N GLU A 26 6.45 -9.37 1.23
CA GLU A 26 7.29 -8.24 1.59
C GLU A 26 7.96 -7.64 0.36
N LYS A 27 7.60 -6.41 0.05
CA LYS A 27 8.17 -5.72 -1.11
C LYS A 27 8.78 -4.39 -0.70
N GLN A 28 9.78 -3.94 -1.46
CA GLN A 28 10.44 -2.67 -1.17
C GLN A 28 10.16 -1.65 -2.27
N LEU A 29 9.53 -0.54 -1.90
CA LEU A 29 9.22 0.52 -2.86
C LEU A 29 9.64 1.88 -2.33
N PRO A 30 9.97 2.80 -3.26
CA PRO A 30 10.40 4.15 -2.91
C PRO A 30 9.26 4.99 -2.34
N ASP A 31 9.46 5.49 -1.13
CA ASP A 31 8.44 6.32 -0.48
C ASP A 31 7.84 7.33 -1.45
N SER A 32 8.60 7.65 -2.49
CA SER A 32 8.15 8.60 -3.50
C SER A 32 6.95 8.05 -4.27
N MET A 33 7.02 6.78 -4.64
CA MET A 33 5.95 6.13 -5.37
C MET A 33 4.58 6.54 -4.83
N THR A 34 3.83 7.30 -5.62
CA THR A 34 2.51 7.75 -5.22
C THR A 34 1.57 6.58 -4.98
N VAL A 35 0.72 6.71 -3.97
CA VAL A 35 -0.24 5.66 -3.64
C VAL A 35 -0.89 5.09 -4.90
N GLN A 36 -0.97 5.91 -5.94
CA GLN A 36 -1.56 5.48 -7.20
C GLN A 36 -0.71 4.41 -7.87
N LYS A 37 0.59 4.69 -7.99
CA LYS A 37 1.51 3.76 -8.62
C LYS A 37 1.48 2.40 -7.93
N VAL A 38 1.66 2.40 -6.61
CA VAL A 38 1.63 1.17 -5.83
C VAL A 38 0.41 0.34 -6.17
N LYS A 39 -0.73 1.01 -6.32
CA LYS A 39 -1.98 0.32 -6.65
C LYS A 39 -1.96 -0.21 -8.07
N GLY A 40 -1.22 0.47 -8.95
CA GLY A 40 -1.13 0.05 -10.34
C GLY A 40 -0.17 -1.11 -10.52
N LEU A 41 0.51 -1.49 -9.43
CA LEU A 41 1.47 -2.60 -9.49
C LEU A 41 0.78 -3.94 -9.26
N LEU A 42 -0.14 -3.96 -8.30
CA LEU A 42 -0.87 -5.18 -7.97
C LEU A 42 -2.14 -5.29 -8.82
N SER A 43 -2.60 -4.14 -9.33
CA SER A 43 -3.80 -4.12 -10.15
C SER A 43 -3.80 -5.24 -11.17
N ARG A 44 -2.67 -5.44 -11.82
CA ARG A 44 -2.53 -6.49 -12.83
C ARG A 44 -2.40 -7.86 -12.17
N LEU A 45 -1.73 -7.89 -11.01
CA LEU A 45 -1.53 -9.13 -10.28
C LEU A 45 -2.87 -9.74 -9.86
N LEU A 46 -3.58 -9.03 -9.00
CA LEU A 46 -4.88 -9.50 -8.51
C LEU A 46 -5.99 -9.15 -9.50
N LYS A 47 -5.60 -8.65 -10.67
CA LYS A 47 -6.55 -8.28 -11.70
C LYS A 47 -7.65 -7.40 -11.13
N VAL A 48 -7.25 -6.33 -10.44
CA VAL A 48 -8.20 -5.41 -9.85
C VAL A 48 -7.91 -3.97 -10.27
N PRO A 49 -8.98 -3.21 -10.58
CA PRO A 49 -8.86 -1.81 -11.00
C PRO A 49 -8.40 -0.90 -9.87
N VAL A 50 -7.31 -0.18 -10.10
CA VAL A 50 -6.77 0.74 -9.10
C VAL A 50 -7.89 1.51 -8.40
N SER A 51 -9.00 1.70 -9.11
CA SER A 51 -10.14 2.43 -8.57
C SER A 51 -10.75 1.69 -7.40
N GLU A 52 -10.90 0.38 -7.54
CA GLU A 52 -11.47 -0.45 -6.49
C GLU A 52 -10.42 -0.79 -5.43
N LEU A 53 -9.15 -0.67 -5.80
CA LEU A 53 -8.05 -0.96 -4.89
C LEU A 53 -7.94 0.10 -3.81
N LEU A 54 -7.77 -0.33 -2.56
CA LEU A 54 -7.64 0.59 -1.44
C LEU A 54 -6.46 0.21 -0.56
N LEU A 55 -5.42 1.04 -0.59
CA LEU A 55 -4.23 0.79 0.20
C LEU A 55 -4.36 1.41 1.60
N SER A 56 -4.08 0.60 2.62
CA SER A 56 -4.18 1.06 4.00
C SER A 56 -3.02 0.53 4.83
N TYR A 57 -2.23 1.44 5.39
CA TYR A 57 -1.09 1.06 6.21
C TYR A 57 -1.43 1.13 7.69
N GLU A 58 -0.78 0.27 8.48
CA GLU A 58 -1.03 0.23 9.92
C GLU A 58 0.22 0.64 10.69
N SER A 59 0.08 1.62 11.57
CA SER A 59 1.19 2.10 12.37
C SER A 59 1.44 1.20 13.57
N SER A 60 2.71 1.08 13.97
CA SER A 60 3.08 0.25 15.10
C SER A 60 2.77 0.94 16.42
N LYS A 61 3.17 2.21 16.52
CA LYS A 61 2.94 2.99 17.73
C LYS A 61 1.47 2.94 18.13
N MET A 62 0.59 2.73 17.15
CA MET A 62 -0.84 2.67 17.40
C MET A 62 -1.46 1.45 16.73
N PRO A 63 -1.34 0.29 17.38
CA PRO A 63 -1.89 -0.97 16.86
C PRO A 63 -3.41 -1.00 16.87
N GLY A 64 -3.99 -1.67 15.89
CA GLY A 64 -5.44 -1.76 15.80
C GLY A 64 -6.05 -0.54 15.13
N ARG A 65 -5.26 0.16 14.33
CA ARG A 65 -5.73 1.34 13.63
C ARG A 65 -4.97 1.55 12.32
N GLU A 66 -5.68 1.46 11.21
CA GLU A 66 -5.07 1.63 9.89
C GLU A 66 -5.54 2.93 9.25
N ILE A 67 -4.73 3.44 8.32
CA ILE A 67 -5.05 4.68 7.63
C ILE A 67 -5.34 4.42 6.14
N GLU A 68 -6.60 4.52 5.76
CA GLU A 68 -6.99 4.29 4.38
C GLU A 68 -6.44 5.39 3.47
N LEU A 69 -5.47 5.04 2.65
CA LEU A 69 -4.84 5.99 1.73
C LEU A 69 -5.76 6.26 0.54
N GLU A 70 -6.39 7.43 0.54
CA GLU A 70 -7.29 7.81 -0.54
C GLU A 70 -6.57 8.69 -1.56
N ASN A 71 -5.66 9.53 -1.07
CA ASN A 71 -4.89 10.42 -1.93
C ASN A 71 -3.98 9.63 -2.87
N ASP A 72 -4.32 9.64 -4.15
CA ASP A 72 -3.54 8.92 -5.16
C ASP A 72 -2.41 9.80 -5.70
N LEU A 73 -2.50 11.10 -5.41
CA LEU A 73 -1.49 12.05 -5.87
C LEU A 73 -0.53 12.41 -4.74
N GLN A 74 -0.47 11.56 -3.72
CA GLN A 74 0.42 11.78 -2.59
C GLN A 74 1.26 10.54 -2.31
N PRO A 75 2.53 10.78 -1.95
CA PRO A 75 3.49 9.69 -1.64
C PRO A 75 3.14 8.97 -0.35
N LEU A 76 3.86 7.90 -0.05
CA LEU A 76 3.63 7.12 1.15
C LEU A 76 4.09 7.89 2.39
N GLN A 77 5.16 8.67 2.24
CA GLN A 77 5.70 9.45 3.34
C GLN A 77 4.68 10.48 3.82
N PHE A 78 3.84 10.95 2.90
CA PHE A 78 2.82 11.94 3.23
C PHE A 78 1.86 11.40 4.29
N TYR A 79 1.91 10.09 4.51
CA TYR A 79 1.05 9.45 5.50
C TYR A 79 1.86 8.94 6.68
N SER A 80 3.02 9.54 6.89
CA SER A 80 3.90 9.14 7.99
C SER A 80 4.25 7.66 7.90
N VAL A 81 4.24 7.14 6.67
CA VAL A 81 4.56 5.73 6.45
C VAL A 81 6.08 5.52 6.42
N GLU A 82 6.56 4.71 7.35
CA GLU A 82 7.99 4.42 7.44
C GLU A 82 8.24 2.91 7.43
N ASN A 83 9.49 2.52 7.20
CA ASN A 83 9.86 1.12 7.16
C ASN A 83 9.41 0.40 8.43
N GLY A 84 8.87 -0.80 8.27
CA GLY A 84 8.40 -1.56 9.41
C GLY A 84 6.90 -1.70 9.44
N ASP A 85 6.19 -0.64 9.05
CA ASP A 85 4.73 -0.66 9.03
C ASP A 85 4.21 -1.79 8.15
N CYS A 86 2.91 -2.02 8.22
CA CYS A 86 2.28 -3.08 7.42
C CYS A 86 1.36 -2.49 6.36
N LEU A 87 1.27 -3.17 5.22
CA LEU A 87 0.42 -2.71 4.13
C LEU A 87 -0.82 -3.58 3.99
N LEU A 88 -1.98 -2.92 3.94
CA LEU A 88 -3.25 -3.63 3.82
C LEU A 88 -3.92 -3.31 2.48
N VAL A 89 -3.92 -4.28 1.57
CA VAL A 89 -4.53 -4.09 0.27
C VAL A 89 -5.94 -4.67 0.24
N ARG A 90 -6.93 -3.79 0.20
CA ARG A 90 -8.33 -4.20 0.18
C ARG A 90 -9.08 -3.51 -0.96
N TRP A 91 -10.12 -4.17 -1.46
CA TRP A 91 -10.92 -3.63 -2.55
C TRP A 91 -12.37 -4.08 -2.44
N SER A 92 -13.29 -3.20 -2.85
CA SER A 92 -14.71 -3.49 -2.79
C SER A 92 -15.19 -4.16 -4.08
N GLY A 93 -16.12 -5.09 -3.95
CA GLY A 93 -16.65 -5.79 -5.11
C GLY A 93 -15.64 -6.72 -5.73
N PRO A 94 -15.50 -7.93 -5.15
CA PRO A 94 -14.57 -8.95 -5.63
C PRO A 94 -14.99 -9.53 -6.97
N SER A 95 -16.26 -9.37 -7.31
CA SER A 95 -16.79 -9.88 -8.57
C SER A 95 -17.50 -8.79 -9.35
N SER A 96 -16.82 -8.22 -10.33
CA SER A 96 -17.39 -7.16 -11.14
C SER A 96 -17.39 -7.53 -12.62
N GLY A 97 -16.21 -7.86 -13.14
CA GLY A 97 -16.09 -8.24 -14.54
C GLY A 97 -14.67 -8.64 -14.91
N GLY A 1 16.64 9.72 -14.80
CA GLY A 1 16.35 10.90 -14.00
C GLY A 1 17.48 11.25 -13.06
N SER A 2 17.16 11.94 -11.97
CA SER A 2 18.17 12.34 -10.99
C SER A 2 18.18 11.39 -9.80
N SER A 3 19.37 10.90 -9.46
CA SER A 3 19.52 9.98 -8.33
C SER A 3 20.48 10.54 -7.30
N GLY A 4 19.94 11.17 -6.26
CA GLY A 4 20.76 11.74 -5.21
C GLY A 4 20.02 11.89 -3.90
N SER A 5 20.10 10.88 -3.05
CA SER A 5 19.43 10.90 -1.77
C SER A 5 17.97 11.33 -1.92
N SER A 6 17.42 11.10 -3.10
CA SER A 6 16.04 11.47 -3.38
C SER A 6 15.10 10.29 -3.15
N GLY A 7 14.51 10.22 -1.95
CA GLY A 7 13.60 9.14 -1.63
C GLY A 7 14.32 7.88 -1.18
N GLN A 8 13.62 7.03 -0.44
CA GLN A 8 14.21 5.79 0.05
C GLN A 8 13.19 4.66 0.02
N LEU A 9 13.66 3.45 -0.30
CA LEU A 9 12.78 2.29 -0.37
C LEU A 9 12.40 1.82 1.03
N LEU A 10 11.12 1.55 1.24
CA LEU A 10 10.62 1.09 2.53
C LEU A 10 10.19 -0.37 2.46
N THR A 11 10.70 -1.18 3.38
CA THR A 11 10.36 -2.59 3.42
C THR A 11 9.08 -2.84 4.22
N LEU A 12 7.98 -3.04 3.50
CA LEU A 12 6.69 -3.28 4.13
C LEU A 12 6.15 -4.65 3.75
N LYS A 13 5.06 -5.06 4.40
CA LYS A 13 4.43 -6.34 4.13
C LYS A 13 3.00 -6.17 3.65
N ILE A 14 2.70 -6.71 2.48
CA ILE A 14 1.37 -6.61 1.91
C ILE A 14 0.49 -7.77 2.37
N LYS A 15 -0.65 -7.45 2.97
CA LYS A 15 -1.58 -8.46 3.45
C LYS A 15 -3.03 -8.05 3.17
N CYS A 16 -3.64 -8.71 2.21
CA CYS A 16 -5.03 -8.42 1.85
C CYS A 16 -5.96 -8.65 3.03
N SER A 17 -6.54 -7.58 3.54
CA SER A 17 -7.45 -7.67 4.67
C SER A 17 -8.49 -8.76 4.45
N ASN A 18 -8.78 -9.03 3.19
CA ASN A 18 -9.77 -10.05 2.83
C ASN A 18 -9.12 -11.44 2.76
N GLN A 19 -7.84 -11.46 2.40
CA GLN A 19 -7.10 -12.71 2.29
C GLN A 19 -6.06 -12.83 3.39
N PRO A 20 -6.50 -13.26 4.58
CA PRO A 20 -5.62 -13.43 5.74
C PRO A 20 -4.64 -14.59 5.57
N GLU A 21 -5.16 -15.74 5.16
CA GLU A 21 -4.32 -16.92 4.96
C GLU A 21 -3.28 -16.67 3.88
N ARG A 22 -3.72 -16.12 2.76
CA ARG A 22 -2.82 -15.82 1.64
C ARG A 22 -1.47 -15.31 2.15
N GLN A 23 -0.47 -16.18 2.12
CA GLN A 23 0.86 -15.82 2.59
C GLN A 23 1.18 -14.37 2.23
N ILE A 24 1.86 -13.67 3.15
CA ILE A 24 2.23 -12.28 2.94
C ILE A 24 3.50 -12.17 2.10
N LEU A 25 3.54 -11.15 1.23
CA LEU A 25 4.69 -10.93 0.37
C LEU A 25 5.53 -9.75 0.87
N GLU A 26 6.71 -9.59 0.29
CA GLU A 26 7.60 -8.51 0.67
C GLU A 26 7.98 -7.66 -0.53
N LYS A 27 7.55 -6.41 -0.53
CA LYS A 27 7.84 -5.50 -1.63
C LYS A 27 8.43 -4.19 -1.11
N GLN A 28 9.52 -3.74 -1.73
CA GLN A 28 10.17 -2.51 -1.33
C GLN A 28 9.91 -1.39 -2.35
N LEU A 29 9.31 -0.31 -1.87
CA LEU A 29 9.01 0.83 -2.74
C LEU A 29 9.50 2.13 -2.12
N PRO A 30 9.99 3.05 -2.98
CA PRO A 30 10.51 4.35 -2.55
C PRO A 30 9.40 5.27 -2.05
N ASP A 31 9.54 5.72 -0.81
CA ASP A 31 8.55 6.62 -0.20
C ASP A 31 8.05 7.64 -1.21
N SER A 32 8.89 7.93 -2.21
CA SER A 32 8.53 8.90 -3.25
C SER A 32 7.36 8.40 -4.08
N MET A 33 7.42 7.13 -4.47
CA MET A 33 6.37 6.52 -5.28
C MET A 33 5.00 6.96 -4.79
N THR A 34 4.17 7.43 -5.71
CA THR A 34 2.82 7.88 -5.38
C THR A 34 1.89 6.71 -5.10
N VAL A 35 1.06 6.84 -4.08
CA VAL A 35 0.12 5.79 -3.71
C VAL A 35 -0.54 5.19 -4.95
N GLN A 36 -0.74 6.02 -5.96
CA GLN A 36 -1.36 5.57 -7.20
C GLN A 36 -0.52 4.49 -7.87
N LYS A 37 0.79 4.73 -7.96
CA LYS A 37 1.70 3.77 -8.58
C LYS A 37 1.64 2.42 -7.87
N VAL A 38 1.72 2.44 -6.55
CA VAL A 38 1.67 1.23 -5.75
C VAL A 38 0.46 0.37 -6.12
N LYS A 39 -0.73 0.97 -6.01
CA LYS A 39 -1.96 0.27 -6.33
C LYS A 39 -1.85 -0.44 -7.67
N GLY A 40 -1.06 0.12 -8.58
CA GLY A 40 -0.88 -0.48 -9.89
C GLY A 40 0.00 -1.71 -9.84
N LEU A 41 0.95 -1.72 -8.92
CA LEU A 41 1.87 -2.85 -8.77
C LEU A 41 1.10 -4.15 -8.54
N LEU A 42 0.15 -4.10 -7.60
CA LEU A 42 -0.66 -5.28 -7.28
C LEU A 42 -1.81 -5.44 -8.28
N SER A 43 -2.37 -4.32 -8.70
CA SER A 43 -3.47 -4.34 -9.66
C SER A 43 -3.27 -5.43 -10.70
N ARG A 44 -2.04 -5.56 -11.18
CA ARG A 44 -1.71 -6.56 -12.19
C ARG A 44 -1.62 -7.94 -11.57
N LEU A 45 -1.09 -8.00 -10.35
CA LEU A 45 -0.94 -9.26 -9.64
C LEU A 45 -2.29 -9.93 -9.40
N LEU A 46 -3.18 -9.21 -8.72
CA LEU A 46 -4.51 -9.73 -8.43
C LEU A 46 -5.50 -9.34 -9.54
N LYS A 47 -5.00 -8.63 -10.54
CA LYS A 47 -5.83 -8.21 -11.66
C LYS A 47 -6.97 -7.32 -11.18
N VAL A 48 -6.72 -6.55 -10.13
CA VAL A 48 -7.73 -5.65 -9.58
C VAL A 48 -7.48 -4.21 -10.02
N PRO A 49 -8.57 -3.51 -10.36
CA PRO A 49 -8.50 -2.11 -10.81
C PRO A 49 -8.11 -1.15 -9.69
N VAL A 50 -7.15 -0.28 -9.96
CA VAL A 50 -6.69 0.68 -8.97
C VAL A 50 -7.85 1.50 -8.42
N SER A 51 -8.93 1.57 -9.19
CA SER A 51 -10.11 2.32 -8.77
C SER A 51 -10.73 1.73 -7.51
N GLU A 52 -10.89 0.41 -7.51
CA GLU A 52 -11.47 -0.28 -6.36
C GLU A 52 -10.42 -0.53 -5.28
N LEU A 53 -9.19 -0.80 -5.72
CA LEU A 53 -8.09 -1.05 -4.81
C LEU A 53 -8.08 -0.03 -3.67
N LEU A 54 -7.74 -0.49 -2.46
CA LEU A 54 -7.68 0.38 -1.30
C LEU A 54 -6.45 0.09 -0.45
N LEU A 55 -5.51 1.02 -0.43
CA LEU A 55 -4.29 0.86 0.35
C LEU A 55 -4.45 1.47 1.73
N SER A 56 -4.09 0.71 2.76
CA SER A 56 -4.19 1.18 4.14
C SER A 56 -3.02 0.65 4.97
N TYR A 57 -2.21 1.58 5.48
CA TYR A 57 -1.06 1.21 6.30
C TYR A 57 -1.39 1.30 7.79
N GLU A 58 -0.87 0.35 8.56
CA GLU A 58 -1.11 0.33 10.00
C GLU A 58 0.12 0.78 10.76
N SER A 59 -0.04 1.86 11.53
CA SER A 59 1.07 2.41 12.31
C SER A 59 1.45 1.46 13.45
N SER A 60 2.72 1.06 13.48
CA SER A 60 3.20 0.15 14.50
C SER A 60 2.86 0.67 15.90
N LYS A 61 3.25 1.92 16.17
CA LYS A 61 2.99 2.54 17.46
C LYS A 61 1.51 2.39 17.84
N MET A 62 0.64 2.39 16.84
CA MET A 62 -0.79 2.26 17.06
C MET A 62 -1.38 1.12 16.22
N PRO A 63 -1.29 -0.11 16.74
CA PRO A 63 -1.81 -1.29 16.05
C PRO A 63 -3.34 -1.31 15.99
N GLY A 64 -3.87 -2.05 15.03
CA GLY A 64 -5.32 -2.14 14.88
C GLY A 64 -5.89 -0.98 14.09
N ARG A 65 -5.43 0.23 14.39
CA ARG A 65 -5.91 1.42 13.70
C ARG A 65 -5.22 1.58 12.35
N GLU A 66 -5.98 1.42 11.28
CA GLU A 66 -5.44 1.54 9.92
C GLU A 66 -5.94 2.82 9.26
N ILE A 67 -5.09 3.40 8.41
CA ILE A 67 -5.44 4.63 7.71
C ILE A 67 -5.60 4.38 6.21
N GLU A 68 -6.78 4.67 5.69
CA GLU A 68 -7.06 4.48 4.26
C GLU A 68 -6.47 5.62 3.44
N LEU A 69 -5.48 5.29 2.62
CA LEU A 69 -4.82 6.27 1.77
C LEU A 69 -5.71 6.66 0.59
N GLU A 70 -6.47 7.73 0.75
CA GLU A 70 -7.36 8.20 -0.31
C GLU A 70 -6.62 9.11 -1.29
N ASN A 71 -5.44 9.58 -0.87
CA ASN A 71 -4.63 10.45 -1.71
C ASN A 71 -3.69 9.65 -2.59
N ASP A 72 -4.06 9.49 -3.86
CA ASP A 72 -3.25 8.74 -4.81
C ASP A 72 -2.10 9.60 -5.32
N LEU A 73 -2.37 10.88 -5.54
CA LEU A 73 -1.35 11.80 -6.04
C LEU A 73 -0.32 12.10 -4.97
N GLN A 74 -0.59 11.67 -3.74
CA GLN A 74 0.32 11.89 -2.62
C GLN A 74 1.21 10.67 -2.40
N PRO A 75 2.47 10.92 -2.05
CA PRO A 75 3.45 9.85 -1.80
C PRO A 75 3.15 9.09 -0.52
N LEU A 76 4.01 8.12 -0.20
CA LEU A 76 3.84 7.31 1.00
C LEU A 76 4.23 8.09 2.24
N GLN A 77 5.26 8.92 2.12
CA GLN A 77 5.74 9.73 3.23
C GLN A 77 4.64 10.67 3.74
N PHE A 78 3.82 11.15 2.81
CA PHE A 78 2.73 12.06 3.16
C PHE A 78 1.88 11.48 4.29
N TYR A 79 1.82 10.15 4.36
CA TYR A 79 1.04 9.48 5.39
C TYR A 79 1.93 9.01 6.53
N SER A 80 3.04 9.72 6.73
CA SER A 80 3.98 9.38 7.80
C SER A 80 4.37 7.90 7.73
N VAL A 81 4.28 7.34 6.53
CA VAL A 81 4.62 5.93 6.33
C VAL A 81 6.14 5.75 6.23
N GLU A 82 6.64 4.72 6.91
CA GLU A 82 8.07 4.43 6.89
C GLU A 82 8.32 2.93 6.81
N ASN A 83 9.59 2.56 6.61
CA ASN A 83 9.96 1.16 6.50
C ASN A 83 9.55 0.38 7.74
N GLY A 84 9.07 -0.84 7.54
CA GLY A 84 8.65 -1.67 8.66
C GLY A 84 7.14 -1.77 8.77
N ASP A 85 6.46 -0.66 8.50
CA ASP A 85 5.00 -0.63 8.57
C ASP A 85 4.39 -1.80 7.81
N CYS A 86 3.07 -1.92 7.86
CA CYS A 86 2.37 -2.99 7.18
C CYS A 86 1.38 -2.44 6.16
N LEU A 87 1.34 -3.05 4.98
CA LEU A 87 0.45 -2.62 3.92
C LEU A 87 -0.81 -3.49 3.88
N LEU A 88 -1.96 -2.85 3.93
CA LEU A 88 -3.24 -3.56 3.88
C LEU A 88 -4.01 -3.21 2.63
N VAL A 89 -4.08 -4.17 1.70
CA VAL A 89 -4.80 -3.96 0.45
C VAL A 89 -6.24 -4.45 0.55
N ARG A 90 -7.14 -3.78 -0.15
CA ARG A 90 -8.55 -4.15 -0.13
C ARG A 90 -9.27 -3.60 -1.37
N TRP A 91 -10.22 -4.37 -1.88
CA TRP A 91 -10.99 -3.96 -3.05
C TRP A 91 -12.46 -4.33 -2.90
N SER A 92 -13.34 -3.41 -3.28
CA SER A 92 -14.78 -3.63 -3.18
C SER A 92 -15.37 -3.93 -4.55
N GLY A 93 -16.23 -4.94 -4.62
CA GLY A 93 -16.86 -5.31 -5.87
C GLY A 93 -18.20 -5.99 -5.67
N PRO A 94 -19.19 -5.23 -5.18
CA PRO A 94 -20.53 -5.74 -4.93
C PRO A 94 -21.28 -6.06 -6.22
N SER A 95 -20.73 -5.59 -7.35
CA SER A 95 -21.35 -5.82 -8.65
C SER A 95 -21.89 -7.25 -8.76
N SER A 96 -21.01 -8.21 -8.51
CA SER A 96 -21.39 -9.62 -8.59
C SER A 96 -22.47 -9.94 -7.56
N GLY A 97 -22.16 -9.70 -6.29
CA GLY A 97 -23.11 -9.97 -5.23
C GLY A 97 -24.30 -9.02 -5.26
N GLY A 1 18.88 13.46 -3.77
CA GLY A 1 18.96 14.80 -4.34
C GLY A 1 20.30 15.06 -5.02
N SER A 2 21.37 15.06 -4.22
CA SER A 2 22.70 15.31 -4.75
C SER A 2 23.41 13.99 -5.07
N SER A 3 23.51 13.12 -4.07
CA SER A 3 24.17 11.83 -4.25
C SER A 3 23.17 10.69 -4.10
N GLY A 4 23.51 9.54 -4.67
CA GLY A 4 22.64 8.39 -4.58
C GLY A 4 21.40 8.53 -5.45
N SER A 5 20.29 7.95 -5.00
CA SER A 5 19.03 8.02 -5.75
C SER A 5 18.04 8.93 -5.05
N SER A 6 16.91 9.18 -5.71
CA SER A 6 15.87 10.02 -5.15
C SER A 6 14.92 9.22 -4.27
N GLY A 7 14.76 9.67 -3.02
CA GLY A 7 13.88 8.98 -2.10
C GLY A 7 14.45 7.65 -1.64
N GLN A 8 14.12 7.26 -0.41
CA GLN A 8 14.60 6.00 0.14
C GLN A 8 13.53 4.92 0.04
N LEU A 9 13.97 3.67 -0.09
CA LEU A 9 13.05 2.54 -0.19
C LEU A 9 12.64 2.05 1.19
N LEU A 10 11.35 1.80 1.37
CA LEU A 10 10.84 1.31 2.65
C LEU A 10 10.55 -0.18 2.59
N THR A 11 10.67 -0.84 3.74
CA THR A 11 10.42 -2.29 3.81
C THR A 11 9.09 -2.58 4.51
N LEU A 12 8.06 -2.82 3.72
CA LEU A 12 6.74 -3.12 4.26
C LEU A 12 6.25 -4.50 3.80
N LYS A 13 5.12 -4.93 4.34
CA LYS A 13 4.55 -6.23 3.99
C LYS A 13 3.17 -6.06 3.37
N ILE A 14 2.91 -6.79 2.29
CA ILE A 14 1.62 -6.73 1.61
C ILE A 14 0.75 -7.92 1.98
N LYS A 15 -0.51 -7.63 2.32
CA LYS A 15 -1.46 -8.68 2.70
C LYS A 15 -2.90 -8.22 2.45
N CYS A 16 -3.69 -9.09 1.82
CA CYS A 16 -5.08 -8.78 1.52
C CYS A 16 -5.96 -9.01 2.74
N SER A 17 -6.14 -7.98 3.55
CA SER A 17 -6.96 -8.08 4.76
C SER A 17 -8.28 -8.78 4.45
N ASN A 18 -8.78 -8.59 3.24
CA ASN A 18 -10.04 -9.20 2.83
C ASN A 18 -9.82 -10.62 2.34
N GLN A 19 -8.73 -11.23 2.78
CA GLN A 19 -8.41 -12.60 2.40
C GLN A 19 -7.61 -13.31 3.49
N PRO A 20 -8.26 -14.26 4.17
CA PRO A 20 -7.63 -15.02 5.25
C PRO A 20 -6.57 -15.99 4.74
N GLU A 21 -6.72 -16.41 3.48
CA GLU A 21 -5.76 -17.33 2.88
C GLU A 21 -4.60 -16.57 2.24
N ARG A 22 -4.91 -15.49 1.54
CA ARG A 22 -3.90 -14.68 0.88
C ARG A 22 -2.65 -14.55 1.76
N GLN A 23 -1.56 -15.14 1.30
CA GLN A 23 -0.30 -15.09 2.03
C GLN A 23 0.26 -13.66 2.07
N ILE A 24 1.28 -13.45 2.90
CA ILE A 24 1.90 -12.14 3.03
C ILE A 24 3.29 -12.13 2.40
N LEU A 25 3.61 -11.04 1.71
CA LEU A 25 4.91 -10.90 1.06
C LEU A 25 5.61 -9.62 1.51
N GLU A 26 6.86 -9.46 1.08
CA GLU A 26 7.63 -8.27 1.44
C GLU A 26 8.21 -7.61 0.19
N LYS A 27 7.86 -6.34 -0.01
CA LYS A 27 8.35 -5.59 -1.17
C LYS A 27 8.97 -4.27 -0.73
N GLN A 28 9.99 -3.82 -1.47
CA GLN A 28 10.67 -2.58 -1.16
C GLN A 28 10.43 -1.54 -2.25
N LEU A 29 9.79 -0.44 -1.89
CA LEU A 29 9.50 0.63 -2.84
C LEU A 29 9.93 1.98 -2.28
N PRO A 30 10.31 2.90 -3.19
CA PRO A 30 10.75 4.25 -2.81
C PRO A 30 9.61 5.10 -2.28
N ASP A 31 9.77 5.61 -1.06
CA ASP A 31 8.75 6.44 -0.43
C ASP A 31 8.20 7.45 -1.43
N SER A 32 8.99 7.78 -2.44
CA SER A 32 8.58 8.73 -3.46
C SER A 32 7.39 8.19 -4.27
N MET A 33 7.46 6.92 -4.62
CA MET A 33 6.40 6.28 -5.40
C MET A 33 5.03 6.67 -4.86
N THR A 34 4.19 7.22 -5.72
CA THR A 34 2.85 7.65 -5.33
C THR A 34 1.95 6.45 -5.08
N VAL A 35 1.10 6.54 -4.06
CA VAL A 35 0.19 5.47 -3.70
C VAL A 35 -0.44 4.85 -4.96
N GLN A 36 -0.83 5.71 -5.90
CA GLN A 36 -1.44 5.24 -7.13
C GLN A 36 -0.55 4.22 -7.84
N LYS A 37 0.75 4.49 -7.85
CA LYS A 37 1.71 3.59 -8.48
C LYS A 37 1.72 2.23 -7.80
N VAL A 38 1.67 2.24 -6.47
CA VAL A 38 1.67 1.01 -5.70
C VAL A 38 0.42 0.17 -5.99
N LYS A 39 -0.71 0.85 -6.14
CA LYS A 39 -1.97 0.18 -6.42
C LYS A 39 -1.98 -0.40 -7.83
N GLY A 40 -1.37 0.32 -8.77
CA GLY A 40 -1.31 -0.14 -10.14
C GLY A 40 -0.41 -1.34 -10.31
N LEU A 41 0.59 -1.46 -9.44
CA LEU A 41 1.54 -2.57 -9.50
C LEU A 41 0.82 -3.90 -9.27
N LEU A 42 -0.11 -3.90 -8.33
CA LEU A 42 -0.87 -5.11 -8.01
C LEU A 42 -2.17 -5.16 -8.81
N SER A 43 -2.64 -4.00 -9.25
CA SER A 43 -3.88 -3.91 -10.02
C SER A 43 -3.91 -4.98 -11.11
N ARG A 44 -2.73 -5.35 -11.61
CA ARG A 44 -2.62 -6.36 -12.65
C ARG A 44 -2.51 -7.75 -12.05
N LEU A 45 -2.02 -7.83 -10.82
CA LEU A 45 -1.86 -9.10 -10.12
C LEU A 45 -3.21 -9.67 -9.71
N LEU A 46 -3.99 -8.88 -8.98
CA LEU A 46 -5.32 -9.30 -8.53
C LEU A 46 -6.39 -8.93 -9.55
N LYS A 47 -5.98 -8.22 -10.60
CA LYS A 47 -6.91 -7.81 -11.65
C LYS A 47 -7.95 -6.84 -11.10
N VAL A 48 -7.55 -6.00 -10.16
CA VAL A 48 -8.44 -5.03 -9.56
C VAL A 48 -8.08 -3.61 -9.97
N PRO A 49 -9.11 -2.80 -10.26
CA PRO A 49 -8.92 -1.41 -10.67
C PRO A 49 -8.43 -0.52 -9.54
N VAL A 50 -7.32 0.19 -9.78
CA VAL A 50 -6.75 1.07 -8.77
C VAL A 50 -7.83 1.83 -8.02
N SER A 51 -8.98 2.01 -8.66
CA SER A 51 -10.10 2.73 -8.06
C SER A 51 -10.70 1.92 -6.91
N GLU A 52 -10.87 0.62 -7.14
CA GLU A 52 -11.43 -0.25 -6.13
C GLU A 52 -10.36 -0.74 -5.15
N LEU A 53 -9.11 -0.40 -5.45
CA LEU A 53 -7.99 -0.79 -4.62
C LEU A 53 -7.76 0.22 -3.50
N LEU A 54 -8.17 -0.17 -2.28
CA LEU A 54 -8.01 0.72 -1.12
C LEU A 54 -6.85 0.25 -0.25
N LEU A 55 -5.73 0.97 -0.34
CA LEU A 55 -4.54 0.63 0.45
C LEU A 55 -4.58 1.34 1.80
N SER A 56 -4.49 0.55 2.87
CA SER A 56 -4.51 1.10 4.22
C SER A 56 -3.33 0.59 5.03
N TYR A 57 -2.48 1.51 5.47
CA TYR A 57 -1.30 1.16 6.25
C TYR A 57 -1.57 1.29 7.75
N GLU A 58 -0.97 0.42 8.53
CA GLU A 58 -1.15 0.43 9.98
C GLU A 58 0.11 0.95 10.68
N SER A 59 0.02 2.15 11.22
CA SER A 59 1.15 2.76 11.92
C SER A 59 1.65 1.86 13.05
N SER A 60 2.95 1.90 13.30
CA SER A 60 3.55 1.09 14.35
C SER A 60 3.39 1.75 15.72
N LYS A 61 2.59 2.82 15.76
CA LYS A 61 2.35 3.54 17.00
C LYS A 61 0.90 3.39 17.45
N MET A 62 0.01 3.15 16.48
CA MET A 62 -1.41 2.98 16.78
C MET A 62 -1.92 1.64 16.26
N PRO A 63 -1.75 0.59 17.07
CA PRO A 63 -2.19 -0.77 16.72
C PRO A 63 -3.70 -0.90 16.69
N GLY A 64 -4.23 -1.43 15.59
CA GLY A 64 -5.66 -1.60 15.46
C GLY A 64 -6.31 -0.49 14.67
N ARG A 65 -5.54 0.55 14.36
CA ARG A 65 -6.04 1.68 13.61
C ARG A 65 -5.36 1.78 12.25
N GLU A 66 -6.13 1.59 11.19
CA GLU A 66 -5.61 1.66 9.82
C GLU A 66 -6.08 2.92 9.12
N ILE A 67 -5.18 3.55 8.37
CA ILE A 67 -5.51 4.76 7.63
C ILE A 67 -5.78 4.46 6.16
N GLU A 68 -6.95 4.89 5.68
CA GLU A 68 -7.32 4.66 4.28
C GLU A 68 -6.72 5.73 3.38
N LEU A 69 -5.78 5.32 2.55
CA LEU A 69 -5.12 6.25 1.63
C LEU A 69 -6.05 6.64 0.49
N GLU A 70 -6.85 7.68 0.71
CA GLU A 70 -7.79 8.15 -0.31
C GLU A 70 -7.07 8.95 -1.37
N ASN A 71 -5.93 9.53 -1.01
CA ASN A 71 -5.14 10.33 -1.94
C ASN A 71 -4.11 9.47 -2.67
N ASP A 72 -4.21 9.41 -3.99
CA ASP A 72 -3.29 8.63 -4.80
C ASP A 72 -2.15 9.50 -5.33
N LEU A 73 -2.38 10.79 -5.38
CA LEU A 73 -1.37 11.74 -5.86
C LEU A 73 -0.31 11.99 -4.79
N GLN A 74 -0.58 11.52 -3.57
CA GLN A 74 0.36 11.69 -2.47
C GLN A 74 1.23 10.45 -2.29
N PRO A 75 2.52 10.67 -2.00
CA PRO A 75 3.48 9.58 -1.80
C PRO A 75 3.22 8.81 -0.50
N LEU A 76 4.11 7.88 -0.19
CA LEU A 76 3.97 7.07 1.01
C LEU A 76 4.45 7.83 2.25
N GLN A 77 5.41 8.73 2.04
CA GLN A 77 5.95 9.53 3.14
C GLN A 77 4.92 10.54 3.63
N PHE A 78 3.99 10.90 2.76
CA PHE A 78 2.95 11.87 3.10
C PHE A 78 2.07 11.33 4.23
N TYR A 79 1.97 10.00 4.31
CA TYR A 79 1.17 9.36 5.34
C TYR A 79 2.02 8.95 6.53
N SER A 80 3.21 9.53 6.63
CA SER A 80 4.12 9.22 7.72
C SER A 80 4.48 7.74 7.73
N VAL A 81 4.43 7.12 6.56
CA VAL A 81 4.75 5.71 6.42
C VAL A 81 6.26 5.48 6.38
N GLU A 82 6.75 4.68 7.32
CA GLU A 82 8.18 4.39 7.40
C GLU A 82 8.44 2.89 7.30
N ASN A 83 9.69 2.53 7.09
CA ASN A 83 10.08 1.12 6.97
C ASN A 83 9.63 0.33 8.21
N GLY A 84 8.99 -0.81 7.97
CA GLY A 84 8.52 -1.64 9.07
C GLY A 84 7.00 -1.72 9.12
N ASP A 85 6.34 -0.63 8.75
CA ASP A 85 4.88 -0.58 8.75
C ASP A 85 4.30 -1.76 7.97
N CYS A 86 2.97 -1.82 7.91
CA CYS A 86 2.29 -2.89 7.19
C CYS A 86 1.40 -2.32 6.08
N LEU A 87 1.14 -3.13 5.07
CA LEU A 87 0.31 -2.71 3.95
C LEU A 87 -0.90 -3.63 3.79
N LEU A 88 -2.09 -3.06 3.87
CA LEU A 88 -3.33 -3.82 3.72
C LEU A 88 -4.00 -3.53 2.40
N VAL A 89 -4.14 -4.55 1.57
CA VAL A 89 -4.79 -4.41 0.26
C VAL A 89 -6.20 -4.97 0.28
N ARG A 90 -7.19 -4.09 0.26
CA ARG A 90 -8.59 -4.50 0.27
C ARG A 90 -9.42 -3.64 -0.69
N TRP A 91 -10.38 -4.26 -1.35
CA TRP A 91 -11.24 -3.55 -2.29
C TRP A 91 -12.71 -3.85 -2.01
N SER A 92 -13.58 -2.97 -2.48
CA SER A 92 -15.02 -3.13 -2.28
C SER A 92 -15.64 -3.92 -3.42
N GLY A 93 -15.37 -3.49 -4.65
CA GLY A 93 -15.91 -4.17 -5.80
C GLY A 93 -17.42 -4.30 -5.75
N PRO A 94 -18.12 -3.19 -5.97
CA PRO A 94 -19.59 -3.15 -5.96
C PRO A 94 -20.20 -3.88 -7.14
N SER A 95 -21.51 -4.09 -7.09
CA SER A 95 -22.22 -4.78 -8.16
C SER A 95 -21.76 -4.29 -9.53
N SER A 96 -21.03 -5.14 -10.25
CA SER A 96 -20.53 -4.79 -11.57
C SER A 96 -21.63 -4.88 -12.62
N GLY A 97 -21.83 -3.79 -13.35
CA GLY A 97 -22.86 -3.76 -14.38
C GLY A 97 -22.92 -2.44 -15.12
N GLY A 1 19.06 1.65 -6.20
CA GLY A 1 19.99 2.21 -5.25
C GLY A 1 20.12 3.72 -5.38
N SER A 2 19.00 4.41 -5.21
CA SER A 2 18.99 5.87 -5.31
C SER A 2 19.55 6.50 -4.04
N SER A 3 20.39 7.52 -4.22
CA SER A 3 21.00 8.22 -3.09
C SER A 3 20.86 9.72 -3.24
N GLY A 4 21.29 10.24 -4.39
CA GLY A 4 21.20 11.67 -4.63
C GLY A 4 19.80 12.21 -4.42
N SER A 5 18.84 11.70 -5.18
CA SER A 5 17.46 12.15 -5.08
C SER A 5 17.00 12.13 -3.62
N SER A 6 15.87 12.78 -3.36
CA SER A 6 15.32 12.84 -2.01
C SER A 6 14.25 11.77 -1.81
N GLY A 7 14.69 10.56 -1.50
CA GLY A 7 13.76 9.46 -1.28
C GLY A 7 14.46 8.16 -0.96
N GLN A 8 13.81 7.32 -0.17
CA GLN A 8 14.39 6.03 0.23
C GLN A 8 13.33 4.92 0.15
N LEU A 9 13.79 3.71 -0.08
CA LEU A 9 12.90 2.56 -0.19
C LEU A 9 12.54 2.04 1.20
N LEU A 10 11.25 1.77 1.42
CA LEU A 10 10.78 1.27 2.69
C LEU A 10 10.50 -0.23 2.62
N THR A 11 10.64 -0.92 3.75
CA THR A 11 10.40 -2.35 3.80
C THR A 11 9.10 -2.66 4.54
N LEU A 12 8.08 -3.04 3.77
CA LEU A 12 6.77 -3.36 4.35
C LEU A 12 6.28 -4.71 3.84
N LYS A 13 5.21 -5.22 4.45
CA LYS A 13 4.63 -6.50 4.05
C LYS A 13 3.22 -6.31 3.50
N ILE A 14 2.96 -6.89 2.34
CA ILE A 14 1.65 -6.79 1.71
C ILE A 14 0.72 -7.89 2.20
N LYS A 15 -0.46 -7.50 2.68
CA LYS A 15 -1.44 -8.45 3.19
C LYS A 15 -2.86 -7.95 2.93
N CYS A 16 -3.63 -8.73 2.19
CA CYS A 16 -5.01 -8.37 1.87
C CYS A 16 -5.89 -8.44 3.11
N SER A 17 -6.70 -7.41 3.32
CA SER A 17 -7.58 -7.35 4.48
C SER A 17 -8.85 -8.15 4.22
N ASN A 18 -9.16 -8.38 2.96
CA ASN A 18 -10.34 -9.14 2.58
C ASN A 18 -9.98 -10.57 2.18
N GLN A 19 -8.68 -10.85 2.14
CA GLN A 19 -8.19 -12.18 1.76
C GLN A 19 -7.11 -12.65 2.73
N PRO A 20 -7.54 -13.29 3.83
CA PRO A 20 -6.62 -13.80 4.85
C PRO A 20 -5.80 -14.99 4.35
N GLU A 21 -6.48 -15.89 3.64
CA GLU A 21 -5.82 -17.08 3.11
C GLU A 21 -4.56 -16.71 2.32
N ARG A 22 -4.66 -15.63 1.55
CA ARG A 22 -3.54 -15.16 0.76
C ARG A 22 -2.27 -15.08 1.59
N GLN A 23 -1.17 -15.58 1.03
CA GLN A 23 0.12 -15.57 1.73
C GLN A 23 0.71 -14.16 1.77
N ILE A 24 1.33 -13.82 2.88
CA ILE A 24 1.94 -12.49 3.04
C ILE A 24 3.27 -12.41 2.29
N LEU A 25 3.55 -11.24 1.74
CA LEU A 25 4.78 -11.01 0.99
C LEU A 25 5.49 -9.75 1.46
N GLU A 26 6.68 -9.51 0.94
CA GLU A 26 7.46 -8.33 1.31
C GLU A 26 8.05 -7.66 0.08
N LYS A 27 7.78 -6.37 -0.07
CA LYS A 27 8.28 -5.60 -1.21
C LYS A 27 8.85 -4.26 -0.76
N GLN A 28 9.89 -3.80 -1.44
CA GLN A 28 10.52 -2.53 -1.11
C GLN A 28 10.22 -1.48 -2.18
N LEU A 29 9.60 -0.38 -1.76
CA LEU A 29 9.25 0.70 -2.68
C LEU A 29 9.61 2.05 -2.09
N PRO A 30 10.02 2.99 -2.96
CA PRO A 30 10.39 4.35 -2.54
C PRO A 30 9.19 5.16 -2.06
N ASP A 31 9.30 5.71 -0.86
CA ASP A 31 8.22 6.51 -0.29
C ASP A 31 7.75 7.58 -1.28
N SER A 32 8.61 7.89 -2.24
CA SER A 32 8.28 8.89 -3.25
C SER A 32 7.16 8.40 -4.17
N MET A 33 7.17 7.11 -4.46
CA MET A 33 6.15 6.52 -5.32
C MET A 33 4.75 6.88 -4.83
N THR A 34 3.93 7.41 -5.74
CA THR A 34 2.57 7.80 -5.40
C THR A 34 1.70 6.57 -5.15
N VAL A 35 0.91 6.63 -4.08
CA VAL A 35 0.02 5.53 -3.73
C VAL A 35 -0.59 4.89 -4.97
N GLN A 36 -0.91 5.72 -5.96
CA GLN A 36 -1.50 5.23 -7.20
C GLN A 36 -0.60 4.19 -7.86
N LYS A 37 0.68 4.53 -7.98
CA LYS A 37 1.66 3.63 -8.59
C LYS A 37 1.65 2.26 -7.91
N VAL A 38 1.68 2.28 -6.58
CA VAL A 38 1.66 1.04 -5.80
C VAL A 38 0.41 0.23 -6.07
N LYS A 39 -0.71 0.93 -6.24
CA LYS A 39 -1.99 0.28 -6.51
C LYS A 39 -2.01 -0.33 -7.90
N GLY A 40 -1.36 0.34 -8.85
CA GLY A 40 -1.31 -0.16 -10.22
C GLY A 40 -0.41 -1.37 -10.36
N LEU A 41 0.53 -1.52 -9.43
CA LEU A 41 1.46 -2.64 -9.46
C LEU A 41 0.75 -3.95 -9.18
N LEU A 42 -0.22 -3.91 -8.25
CA LEU A 42 -0.98 -5.10 -7.90
C LEU A 42 -2.16 -5.30 -8.85
N SER A 43 -2.78 -4.19 -9.25
CA SER A 43 -3.92 -4.24 -10.15
C SER A 43 -3.73 -5.34 -11.20
N ARG A 44 -2.50 -5.49 -11.68
CA ARG A 44 -2.20 -6.50 -12.68
C ARG A 44 -2.23 -7.90 -12.07
N LEU A 45 -1.67 -8.03 -10.87
CA LEU A 45 -1.63 -9.32 -10.18
C LEU A 45 -3.03 -9.76 -9.77
N LEU A 46 -3.77 -8.87 -9.13
CA LEU A 46 -5.12 -9.16 -8.69
C LEU A 46 -6.14 -8.71 -9.73
N LYS A 47 -5.66 -8.42 -10.93
CA LYS A 47 -6.53 -7.98 -12.02
C LYS A 47 -7.61 -7.04 -11.50
N VAL A 48 -7.27 -6.23 -10.51
CA VAL A 48 -8.21 -5.29 -9.93
C VAL A 48 -7.88 -3.86 -10.32
N PRO A 49 -8.92 -3.08 -10.64
CA PRO A 49 -8.76 -1.67 -11.04
C PRO A 49 -8.31 -0.78 -9.88
N VAL A 50 -7.22 -0.06 -10.08
CA VAL A 50 -6.69 0.83 -9.05
C VAL A 50 -7.81 1.66 -8.42
N SER A 51 -8.89 1.84 -9.16
CA SER A 51 -10.02 2.62 -8.68
C SER A 51 -10.73 1.89 -7.54
N GLU A 52 -10.88 0.58 -7.69
CA GLU A 52 -11.54 -0.22 -6.67
C GLU A 52 -10.57 -0.63 -5.57
N LEU A 53 -9.28 -0.44 -5.83
CA LEU A 53 -8.24 -0.79 -4.87
C LEU A 53 -8.17 0.25 -3.76
N LEU A 54 -7.82 -0.20 -2.55
CA LEU A 54 -7.69 0.70 -1.41
C LEU A 54 -6.52 0.30 -0.53
N LEU A 55 -5.47 1.12 -0.54
CA LEU A 55 -4.28 0.87 0.25
C LEU A 55 -4.41 1.49 1.64
N SER A 56 -4.20 0.69 2.67
CA SER A 56 -4.29 1.15 4.05
C SER A 56 -3.15 0.60 4.89
N TYR A 57 -2.36 1.50 5.47
CA TYR A 57 -1.23 1.10 6.31
C TYR A 57 -1.59 1.17 7.79
N GLU A 58 -1.04 0.24 8.57
CA GLU A 58 -1.30 0.20 9.99
C GLU A 58 -0.10 0.69 10.79
N SER A 59 -0.29 1.77 11.54
CA SER A 59 0.78 2.35 12.34
C SER A 59 1.19 1.40 13.46
N SER A 60 2.46 1.01 13.47
CA SER A 60 2.98 0.10 14.48
C SER A 60 2.66 0.61 15.89
N LYS A 61 2.64 1.94 16.04
CA LYS A 61 2.35 2.56 17.33
C LYS A 61 0.88 2.43 17.67
N MET A 62 0.03 2.36 16.63
CA MET A 62 -1.41 2.24 16.83
C MET A 62 -1.95 1.05 16.04
N PRO A 63 -1.81 -0.15 16.60
CA PRO A 63 -2.29 -1.39 15.97
C PRO A 63 -3.81 -1.47 15.94
N GLY A 64 -4.35 -1.93 14.82
CA GLY A 64 -5.79 -2.05 14.68
C GLY A 64 -6.42 -0.84 14.00
N ARG A 65 -5.71 0.29 14.02
CA ARG A 65 -6.20 1.51 13.40
C ARG A 65 -5.44 1.80 12.11
N GLU A 66 -5.90 1.22 11.01
CA GLU A 66 -5.25 1.42 9.72
C GLU A 66 -5.82 2.65 9.02
N ILE A 67 -4.94 3.43 8.39
CA ILE A 67 -5.34 4.64 7.70
C ILE A 67 -5.61 4.36 6.22
N GLU A 68 -6.75 4.81 5.73
CA GLU A 68 -7.13 4.61 4.34
C GLU A 68 -6.42 5.62 3.43
N LEU A 69 -5.61 5.10 2.50
CA LEU A 69 -4.88 5.96 1.57
C LEU A 69 -5.74 6.31 0.36
N GLU A 70 -6.69 7.21 0.57
CA GLU A 70 -7.58 7.64 -0.51
C GLU A 70 -6.82 8.47 -1.55
N ASN A 71 -6.07 9.46 -1.08
CA ASN A 71 -5.30 10.32 -1.97
C ASN A 71 -4.22 9.52 -2.69
N ASP A 72 -4.44 9.28 -3.99
CA ASP A 72 -3.49 8.52 -4.79
C ASP A 72 -2.33 9.42 -5.23
N LEU A 73 -2.65 10.67 -5.56
CA LEU A 73 -1.63 11.61 -6.00
C LEU A 73 -0.60 11.87 -4.90
N GLN A 74 -0.97 11.51 -3.67
CA GLN A 74 -0.07 11.70 -2.53
C GLN A 74 0.82 10.48 -2.34
N PRO A 75 2.10 10.73 -2.04
CA PRO A 75 3.10 9.66 -1.82
C PRO A 75 2.84 8.89 -0.54
N LEU A 76 3.68 7.89 -0.28
CA LEU A 76 3.55 7.07 0.92
C LEU A 76 4.08 7.82 2.15
N GLN A 77 5.05 8.69 1.93
CA GLN A 77 5.64 9.47 3.02
C GLN A 77 4.63 10.46 3.59
N PHE A 78 3.68 10.87 2.76
CA PHE A 78 2.65 11.81 3.18
C PHE A 78 1.76 11.20 4.25
N TYR A 79 1.65 9.88 4.24
CA TYR A 79 0.82 9.16 5.22
C TYR A 79 1.67 8.69 6.39
N SER A 80 2.83 9.31 6.57
CA SER A 80 3.73 8.95 7.66
C SER A 80 4.06 7.46 7.62
N VAL A 81 4.23 6.92 6.42
CA VAL A 81 4.55 5.51 6.24
C VAL A 81 6.06 5.29 6.17
N GLU A 82 6.58 4.52 7.12
CA GLU A 82 8.01 4.23 7.15
C GLU A 82 8.27 2.73 7.17
N ASN A 83 9.51 2.34 6.88
CA ASN A 83 9.88 0.93 6.85
C ASN A 83 9.47 0.24 8.15
N GLY A 84 8.88 -0.94 8.02
CA GLY A 84 8.45 -1.70 9.19
C GLY A 84 6.94 -1.85 9.26
N ASP A 85 6.23 -0.81 8.84
CA ASP A 85 4.77 -0.82 8.87
C ASP A 85 4.23 -2.02 8.10
N CYS A 86 2.91 -2.09 7.97
CA CYS A 86 2.26 -3.19 7.27
C CYS A 86 1.28 -2.66 6.23
N LEU A 87 1.48 -3.06 4.98
CA LEU A 87 0.61 -2.63 3.89
C LEU A 87 -0.61 -3.54 3.77
N LEU A 88 -1.80 -2.94 3.84
CA LEU A 88 -3.04 -3.70 3.72
C LEU A 88 -3.78 -3.36 2.43
N VAL A 89 -3.80 -4.31 1.51
CA VAL A 89 -4.47 -4.12 0.23
C VAL A 89 -5.92 -4.57 0.29
N ARG A 90 -6.84 -3.61 0.27
CA ARG A 90 -8.26 -3.92 0.33
C ARG A 90 -9.01 -3.25 -0.81
N TRP A 91 -10.16 -3.81 -1.17
CA TRP A 91 -10.97 -3.26 -2.25
C TRP A 91 -12.44 -3.60 -2.05
N SER A 92 -13.31 -2.63 -2.34
CA SER A 92 -14.75 -2.82 -2.19
C SER A 92 -15.34 -3.55 -3.39
N GLY A 93 -15.17 -2.96 -4.57
CA GLY A 93 -15.68 -3.56 -5.79
C GLY A 93 -17.07 -4.15 -5.60
N PRO A 94 -18.05 -3.27 -5.32
CA PRO A 94 -19.44 -3.68 -5.11
C PRO A 94 -20.10 -4.16 -6.40
N SER A 95 -21.20 -4.89 -6.26
CA SER A 95 -21.92 -5.40 -7.42
C SER A 95 -22.19 -4.29 -8.43
N SER A 96 -22.64 -3.14 -7.94
CA SER A 96 -22.94 -2.00 -8.80
C SER A 96 -22.22 -0.75 -8.32
N GLY A 97 -22.36 0.33 -9.07
CA GLY A 97 -21.71 1.57 -8.70
C GLY A 97 -20.66 2.00 -9.72
N GLY A 1 8.39 14.36 -12.41
CA GLY A 1 8.75 13.96 -11.05
C GLY A 1 9.44 15.07 -10.29
N SER A 2 10.43 15.70 -10.91
CA SER A 2 11.16 16.78 -10.27
C SER A 2 11.60 16.40 -8.87
N SER A 3 12.08 15.17 -8.73
CA SER A 3 12.53 14.66 -7.43
C SER A 3 13.84 15.32 -7.01
N GLY A 4 13.89 15.80 -5.78
CA GLY A 4 15.09 16.45 -5.28
C GLY A 4 15.82 15.61 -4.26
N SER A 5 15.13 15.29 -3.16
CA SER A 5 15.72 14.49 -2.09
C SER A 5 15.67 13.00 -2.43
N SER A 6 16.83 12.34 -2.34
CA SER A 6 16.91 10.92 -2.64
C SER A 6 15.80 10.14 -1.94
N GLY A 7 15.22 9.18 -2.66
CA GLY A 7 14.16 8.38 -2.09
C GLY A 7 14.66 7.07 -1.51
N GLN A 8 14.27 6.79 -0.27
CA GLN A 8 14.69 5.56 0.39
C GLN A 8 13.59 4.50 0.32
N LEU A 9 14.00 3.24 0.15
CA LEU A 9 13.06 2.13 0.06
C LEU A 9 12.46 1.82 1.43
N LEU A 10 11.19 1.44 1.45
CA LEU A 10 10.51 1.09 2.70
C LEU A 10 10.07 -0.36 2.70
N THR A 11 10.54 -1.12 3.69
CA THR A 11 10.20 -2.53 3.80
C THR A 11 8.84 -2.71 4.46
N LEU A 12 7.83 -3.00 3.65
CA LEU A 12 6.48 -3.20 4.14
C LEU A 12 5.96 -4.59 3.77
N LYS A 13 5.00 -5.09 4.55
CA LYS A 13 4.42 -6.40 4.30
C LYS A 13 3.04 -6.27 3.65
N ILE A 14 2.88 -6.89 2.49
CA ILE A 14 1.61 -6.84 1.77
C ILE A 14 0.66 -7.94 2.27
N LYS A 15 -0.46 -7.53 2.84
CA LYS A 15 -1.44 -8.47 3.35
C LYS A 15 -2.83 -8.17 2.77
N CYS A 16 -3.45 -9.19 2.17
CA CYS A 16 -4.77 -9.05 1.59
C CYS A 16 -5.86 -9.37 2.60
N SER A 17 -6.63 -8.36 2.98
CA SER A 17 -7.71 -8.54 3.94
C SER A 17 -8.80 -9.45 3.38
N ASN A 18 -9.13 -9.26 2.11
CA ASN A 18 -10.14 -10.06 1.46
C ASN A 18 -9.66 -11.50 1.24
N GLN A 19 -8.38 -11.73 1.52
CA GLN A 19 -7.79 -13.05 1.35
C GLN A 19 -7.03 -13.47 2.61
N PRO A 20 -7.73 -14.18 3.51
CA PRO A 20 -7.13 -14.66 4.77
C PRO A 20 -6.09 -15.75 4.55
N GLU A 21 -6.25 -16.49 3.46
CA GLU A 21 -5.33 -17.57 3.13
C GLU A 21 -4.09 -17.03 2.40
N ARG A 22 -4.29 -15.98 1.62
CA ARG A 22 -3.19 -15.38 0.87
C ARG A 22 -1.99 -15.12 1.78
N GLN A 23 -0.90 -15.82 1.52
CA GLN A 23 0.32 -15.68 2.31
C GLN A 23 0.79 -14.22 2.31
N ILE A 24 1.68 -13.89 3.24
CA ILE A 24 2.21 -12.55 3.35
C ILE A 24 3.37 -12.33 2.39
N LEU A 25 3.45 -11.15 1.80
CA LEU A 25 4.51 -10.82 0.86
C LEU A 25 5.33 -9.64 1.35
N GLU A 26 6.59 -9.56 0.90
CA GLU A 26 7.47 -8.47 1.30
C GLU A 26 8.05 -7.77 0.08
N LYS A 27 7.81 -6.47 -0.02
CA LYS A 27 8.31 -5.68 -1.15
C LYS A 27 8.85 -4.33 -0.67
N GLN A 28 9.86 -3.82 -1.37
CA GLN A 28 10.45 -2.54 -1.02
C GLN A 28 10.27 -1.52 -2.14
N LEU A 29 9.62 -0.41 -1.83
CA LEU A 29 9.39 0.64 -2.82
C LEU A 29 9.77 2.01 -2.25
N PRO A 30 10.15 2.93 -3.16
CA PRO A 30 10.54 4.29 -2.78
C PRO A 30 9.37 5.12 -2.28
N ASP A 31 9.45 5.57 -1.03
CA ASP A 31 8.39 6.38 -0.44
C ASP A 31 7.94 7.47 -1.41
N SER A 32 8.79 7.79 -2.38
CA SER A 32 8.48 8.82 -3.36
C SER A 32 7.32 8.38 -4.25
N MET A 33 7.34 7.13 -4.66
CA MET A 33 6.28 6.58 -5.51
C MET A 33 4.91 6.97 -4.99
N THR A 34 4.07 7.49 -5.88
CA THR A 34 2.72 7.89 -5.51
C THR A 34 1.82 6.70 -5.29
N VAL A 35 0.95 6.79 -4.28
CA VAL A 35 0.03 5.70 -3.96
C VAL A 35 -0.57 5.10 -5.23
N GLN A 36 -0.81 5.95 -6.23
CA GLN A 36 -1.38 5.51 -7.49
C GLN A 36 -0.53 4.42 -8.12
N LYS A 37 0.78 4.62 -8.12
CA LYS A 37 1.72 3.66 -8.70
C LYS A 37 1.67 2.33 -7.94
N VAL A 38 1.75 2.42 -6.61
CA VAL A 38 1.71 1.23 -5.77
C VAL A 38 0.43 0.43 -5.99
N LYS A 39 -0.67 1.15 -6.20
CA LYS A 39 -1.97 0.51 -6.43
C LYS A 39 -2.02 -0.11 -7.82
N GLY A 40 -1.44 0.57 -8.79
CA GLY A 40 -1.42 0.07 -10.16
C GLY A 40 -0.52 -1.13 -10.33
N LEU A 41 0.57 -1.16 -9.57
CA LEU A 41 1.52 -2.27 -9.63
C LEU A 41 0.86 -3.58 -9.21
N LEU A 42 0.08 -3.53 -8.15
CA LEU A 42 -0.61 -4.71 -7.65
C LEU A 42 -1.95 -4.90 -8.35
N SER A 43 -2.47 -3.82 -8.94
CA SER A 43 -3.75 -3.88 -9.65
C SER A 43 -3.76 -5.03 -10.64
N ARG A 44 -2.60 -5.36 -11.17
CA ARG A 44 -2.48 -6.44 -12.15
C ARG A 44 -2.29 -7.78 -11.45
N LEU A 45 -1.86 -7.74 -10.20
CA LEU A 45 -1.64 -8.95 -9.42
C LEU A 45 -2.96 -9.54 -8.95
N LEU A 46 -3.74 -8.73 -8.24
CA LEU A 46 -5.03 -9.18 -7.72
C LEU A 46 -6.14 -8.90 -8.73
N LYS A 47 -5.76 -8.50 -9.94
CA LYS A 47 -6.71 -8.21 -10.99
C LYS A 47 -7.74 -7.19 -10.52
N VAL A 48 -7.30 -6.22 -9.74
CA VAL A 48 -8.20 -5.18 -9.23
C VAL A 48 -7.75 -3.79 -9.68
N PRO A 49 -8.73 -2.97 -10.10
CA PRO A 49 -8.47 -1.61 -10.57
C PRO A 49 -8.03 -0.68 -9.44
N VAL A 50 -7.01 0.13 -9.72
CA VAL A 50 -6.49 1.07 -8.72
C VAL A 50 -7.62 1.83 -8.04
N SER A 51 -8.76 1.91 -8.73
CA SER A 51 -9.91 2.62 -8.19
C SER A 51 -10.57 1.82 -7.07
N GLU A 52 -10.68 0.51 -7.27
CA GLU A 52 -11.29 -0.36 -6.27
C GLU A 52 -10.23 -0.94 -5.34
N LEU A 53 -9.04 -0.35 -5.37
CA LEU A 53 -7.93 -0.81 -4.52
C LEU A 53 -7.70 0.16 -3.37
N LEU A 54 -8.18 -0.21 -2.19
CA LEU A 54 -8.02 0.61 -1.00
C LEU A 54 -6.80 0.18 -0.19
N LEU A 55 -5.71 0.94 -0.32
CA LEU A 55 -4.48 0.63 0.40
C LEU A 55 -4.46 1.30 1.77
N SER A 56 -4.41 0.49 2.82
CA SER A 56 -4.40 1.01 4.18
C SER A 56 -3.18 0.50 4.94
N TYR A 57 -2.34 1.43 5.39
CA TYR A 57 -1.13 1.08 6.13
C TYR A 57 -1.37 1.15 7.64
N GLU A 58 -0.76 0.23 8.37
CA GLU A 58 -0.90 0.19 9.82
C GLU A 58 0.32 0.79 10.51
N SER A 59 0.09 1.76 11.40
CA SER A 59 1.17 2.42 12.12
C SER A 59 1.88 1.44 13.04
N SER A 60 3.21 1.55 13.10
CA SER A 60 4.02 0.67 13.94
C SER A 60 3.94 1.10 15.40
N LYS A 61 3.99 2.40 15.65
CA LYS A 61 3.92 2.92 17.01
C LYS A 61 2.51 2.75 17.58
N MET A 62 1.53 2.58 16.71
CA MET A 62 0.14 2.41 17.13
C MET A 62 -0.50 1.25 16.38
N PRO A 63 -0.33 0.03 16.91
CA PRO A 63 -0.89 -1.18 16.32
C PRO A 63 -2.40 -1.25 16.45
N GLY A 64 -3.09 -1.52 15.33
CA GLY A 64 -4.54 -1.60 15.35
C GLY A 64 -5.19 -0.46 14.59
N ARG A 65 -4.44 0.63 14.43
CA ARG A 65 -4.96 1.80 13.72
C ARG A 65 -4.46 1.83 12.28
N GLU A 66 -5.39 1.79 11.33
CA GLU A 66 -5.05 1.81 9.92
C GLU A 66 -5.55 3.09 9.25
N ILE A 67 -4.89 3.49 8.17
CA ILE A 67 -5.28 4.69 7.44
C ILE A 67 -5.61 4.37 5.98
N GLU A 68 -6.87 4.57 5.61
CA GLU A 68 -7.32 4.30 4.25
C GLU A 68 -6.83 5.39 3.30
N LEU A 69 -5.84 5.04 2.47
CA LEU A 69 -5.28 6.00 1.52
C LEU A 69 -6.27 6.26 0.38
N GLU A 70 -6.70 7.52 0.27
CA GLU A 70 -7.64 7.90 -0.78
C GLU A 70 -7.01 8.92 -1.73
N ASN A 71 -5.75 9.25 -1.47
CA ASN A 71 -5.04 10.22 -2.30
C ASN A 71 -4.00 9.51 -3.17
N ASP A 72 -4.37 9.23 -4.42
CA ASP A 72 -3.47 8.57 -5.36
C ASP A 72 -2.43 9.54 -5.90
N LEU A 73 -2.68 10.83 -5.72
CA LEU A 73 -1.77 11.86 -6.20
C LEU A 73 -0.81 12.29 -5.09
N GLN A 74 -0.66 11.44 -4.08
CA GLN A 74 0.23 11.73 -2.97
C GLN A 74 1.15 10.54 -2.69
N PRO A 75 2.40 10.84 -2.32
CA PRO A 75 3.41 9.82 -2.02
C PRO A 75 3.10 9.08 -0.72
N LEU A 76 3.96 8.12 -0.39
CA LEU A 76 3.79 7.33 0.83
C LEU A 76 4.24 8.12 2.06
N GLN A 77 5.24 8.98 1.87
CA GLN A 77 5.76 9.78 2.96
C GLN A 77 4.72 10.78 3.45
N PHE A 78 3.77 11.12 2.58
CA PHE A 78 2.72 12.07 2.92
C PHE A 78 1.76 11.46 3.94
N TYR A 79 1.89 10.16 4.17
CA TYR A 79 1.03 9.46 5.12
C TYR A 79 1.82 9.03 6.36
N SER A 80 3.08 9.45 6.41
CA SER A 80 3.95 9.10 7.54
C SER A 80 4.32 7.63 7.50
N VAL A 81 4.32 7.05 6.31
CA VAL A 81 4.66 5.64 6.13
C VAL A 81 6.17 5.44 6.14
N GLU A 82 6.67 4.73 7.14
CA GLU A 82 8.10 4.47 7.26
C GLU A 82 8.38 2.97 7.20
N ASN A 83 9.66 2.62 7.00
CA ASN A 83 10.05 1.22 6.93
C ASN A 83 9.62 0.47 8.18
N GLY A 84 9.09 -0.74 7.99
CA GLY A 84 8.65 -1.55 9.11
C GLY A 84 7.13 -1.64 9.19
N ASP A 85 6.45 -0.60 8.72
CA ASP A 85 4.99 -0.57 8.74
C ASP A 85 4.42 -1.78 8.00
N CYS A 86 3.10 -1.85 7.95
CA CYS A 86 2.41 -2.95 7.27
C CYS A 86 1.42 -2.43 6.24
N LEU A 87 1.33 -3.12 5.11
CA LEU A 87 0.42 -2.71 4.05
C LEU A 87 -0.81 -3.63 4.00
N LEU A 88 -1.99 -3.03 3.95
CA LEU A 88 -3.23 -3.79 3.90
C LEU A 88 -3.97 -3.53 2.60
N VAL A 89 -4.00 -4.54 1.73
CA VAL A 89 -4.67 -4.42 0.44
C VAL A 89 -6.14 -4.83 0.56
N ARG A 90 -7.03 -4.03 -0.01
CA ARG A 90 -8.45 -4.32 0.03
C ARG A 90 -9.14 -3.83 -1.25
N TRP A 91 -10.34 -4.35 -1.50
CA TRP A 91 -11.11 -3.97 -2.68
C TRP A 91 -12.55 -4.46 -2.58
N SER A 92 -13.47 -3.64 -3.05
CA SER A 92 -14.89 -3.98 -3.01
C SER A 92 -15.55 -3.74 -4.36
N GLY A 93 -16.17 -4.79 -4.90
CA GLY A 93 -16.84 -4.67 -6.19
C GLY A 93 -16.62 -5.90 -7.06
N PRO A 94 -17.41 -6.95 -6.82
CA PRO A 94 -17.32 -8.20 -7.57
C PRO A 94 -17.80 -8.04 -9.02
N SER A 95 -16.91 -7.58 -9.88
CA SER A 95 -17.24 -7.37 -11.29
C SER A 95 -17.45 -8.71 -11.99
N SER A 96 -18.62 -8.88 -12.60
CA SER A 96 -18.95 -10.11 -13.31
C SER A 96 -18.16 -10.23 -14.60
N GLY A 97 -17.45 -11.35 -14.75
CA GLY A 97 -16.66 -11.55 -15.96
C GLY A 97 -17.46 -12.16 -17.08
N GLY A 1 22.23 -0.38 -3.98
CA GLY A 1 22.20 0.72 -3.02
C GLY A 1 23.58 1.15 -2.59
N SER A 2 24.19 2.04 -3.37
CA SER A 2 25.52 2.54 -3.07
C SER A 2 25.50 4.05 -2.84
N SER A 3 25.05 4.78 -3.85
CA SER A 3 24.98 6.24 -3.77
C SER A 3 24.16 6.68 -2.56
N GLY A 4 22.94 6.15 -2.47
CA GLY A 4 22.07 6.50 -1.35
C GLY A 4 21.22 7.73 -1.64
N SER A 5 20.66 7.78 -2.85
CA SER A 5 19.82 8.90 -3.25
C SER A 5 18.78 9.21 -2.18
N SER A 6 18.24 10.43 -2.23
CA SER A 6 17.22 10.84 -1.26
C SER A 6 16.18 9.76 -1.06
N GLY A 7 15.56 9.34 -2.16
CA GLY A 7 14.53 8.30 -2.09
C GLY A 7 15.09 6.98 -1.61
N GLN A 8 14.55 6.46 -0.51
CA GLN A 8 15.00 5.19 0.04
C GLN A 8 13.86 4.18 0.07
N LEU A 9 14.17 2.93 -0.25
CA LEU A 9 13.17 1.87 -0.25
C LEU A 9 12.67 1.59 1.16
N LEU A 10 11.37 1.32 1.28
CA LEU A 10 10.76 1.03 2.57
C LEU A 10 10.33 -0.42 2.66
N THR A 11 10.88 -1.15 3.63
CA THR A 11 10.56 -2.55 3.82
C THR A 11 9.22 -2.71 4.55
N LEU A 12 8.20 -3.10 3.80
CA LEU A 12 6.87 -3.30 4.38
C LEU A 12 6.34 -4.69 4.06
N LYS A 13 5.18 -5.01 4.62
CA LYS A 13 4.56 -6.31 4.41
C LYS A 13 3.18 -6.17 3.78
N ILE A 14 3.04 -6.67 2.55
CA ILE A 14 1.77 -6.60 1.84
C ILE A 14 0.87 -7.79 2.19
N LYS A 15 -0.36 -7.49 2.61
CA LYS A 15 -1.31 -8.54 2.96
C LYS A 15 -2.73 -8.12 2.58
N CYS A 16 -3.33 -8.86 1.65
CA CYS A 16 -4.69 -8.57 1.20
C CYS A 16 -5.71 -9.10 2.20
N SER A 17 -6.50 -8.20 2.78
CA SER A 17 -7.52 -8.57 3.75
C SER A 17 -8.53 -9.53 3.12
N ASN A 18 -9.12 -9.11 2.01
CA ASN A 18 -10.11 -9.93 1.32
C ASN A 18 -9.57 -11.33 1.04
N GLN A 19 -8.25 -11.48 1.15
CA GLN A 19 -7.60 -12.76 0.92
C GLN A 19 -6.91 -13.26 2.18
N PRO A 20 -7.64 -14.04 3.00
CA PRO A 20 -7.11 -14.60 4.24
C PRO A 20 -6.06 -15.67 4.00
N GLU A 21 -6.26 -16.46 2.95
CA GLU A 21 -5.32 -17.52 2.62
C GLU A 21 -3.99 -16.95 2.12
N ARG A 22 -4.07 -15.99 1.21
CA ARG A 22 -2.88 -15.35 0.66
C ARG A 22 -1.83 -15.12 1.74
N GLN A 23 -0.63 -15.65 1.52
CA GLN A 23 0.45 -15.50 2.49
C GLN A 23 1.08 -14.12 2.40
N ILE A 24 1.56 -13.61 3.53
CA ILE A 24 2.18 -12.30 3.57
C ILE A 24 3.48 -12.27 2.78
N LEU A 25 3.74 -11.14 2.13
CA LEU A 25 4.96 -10.99 1.33
C LEU A 25 5.76 -9.78 1.78
N GLU A 26 6.83 -9.48 1.06
CA GLU A 26 7.69 -8.34 1.39
C GLU A 26 8.21 -7.66 0.13
N LYS A 27 7.82 -6.40 -0.06
CA LYS A 27 8.24 -5.64 -1.23
C LYS A 27 8.78 -4.27 -0.81
N GLN A 28 9.91 -3.89 -1.41
CA GLN A 28 10.53 -2.60 -1.10
C GLN A 28 10.21 -1.57 -2.18
N LEU A 29 9.59 -0.47 -1.77
CA LEU A 29 9.22 0.59 -2.69
C LEU A 29 9.62 1.95 -2.14
N PRO A 30 9.99 2.87 -3.04
CA PRO A 30 10.40 4.24 -2.67
C PRO A 30 9.22 5.07 -2.17
N ASP A 31 9.37 5.60 -0.95
CA ASP A 31 8.31 6.42 -0.36
C ASP A 31 7.75 7.40 -1.37
N SER A 32 8.56 7.75 -2.37
CA SER A 32 8.15 8.68 -3.40
C SER A 32 7.00 8.12 -4.23
N MET A 33 7.11 6.83 -4.58
CA MET A 33 6.08 6.17 -5.36
C MET A 33 4.69 6.58 -4.90
N THR A 34 3.98 7.30 -5.76
CA THR A 34 2.63 7.76 -5.44
C THR A 34 1.71 6.59 -5.15
N VAL A 35 0.86 6.74 -4.14
CA VAL A 35 -0.07 5.70 -3.75
C VAL A 35 -0.69 5.04 -4.98
N GLN A 36 -0.88 5.83 -6.03
CA GLN A 36 -1.47 5.32 -7.27
C GLN A 36 -0.56 4.27 -7.91
N LYS A 37 0.73 4.59 -7.99
CA LYS A 37 1.70 3.68 -8.58
C LYS A 37 1.65 2.32 -7.91
N VAL A 38 1.77 2.31 -6.57
CA VAL A 38 1.73 1.07 -5.81
C VAL A 38 0.48 0.26 -6.12
N LYS A 39 -0.65 0.95 -6.26
CA LYS A 39 -1.92 0.30 -6.56
C LYS A 39 -1.88 -0.32 -7.95
N GLY A 40 -1.34 0.42 -8.91
CA GLY A 40 -1.27 -0.07 -10.27
C GLY A 40 -0.43 -1.33 -10.39
N LEU A 41 0.56 -1.45 -9.52
CA LEU A 41 1.45 -2.62 -9.52
C LEU A 41 0.67 -3.89 -9.19
N LEU A 42 -0.32 -3.76 -8.31
CA LEU A 42 -1.15 -4.89 -7.92
C LEU A 42 -2.39 -5.00 -8.79
N SER A 43 -2.84 -3.86 -9.32
CA SER A 43 -4.02 -3.83 -10.17
C SER A 43 -3.93 -4.87 -11.28
N ARG A 44 -2.73 -5.03 -11.82
CA ARG A 44 -2.50 -6.00 -12.89
C ARG A 44 -2.24 -7.39 -12.32
N LEU A 45 -2.07 -7.46 -11.01
CA LEU A 45 -1.81 -8.74 -10.34
C LEU A 45 -3.12 -9.40 -9.90
N LEU A 46 -3.94 -8.67 -9.16
CA LEU A 46 -5.21 -9.18 -8.68
C LEU A 46 -6.34 -8.84 -9.65
N LYS A 47 -5.96 -8.29 -10.81
CA LYS A 47 -6.93 -7.92 -11.83
C LYS A 47 -7.97 -6.96 -11.27
N VAL A 48 -7.52 -6.02 -10.44
CA VAL A 48 -8.42 -5.04 -9.83
C VAL A 48 -8.00 -3.63 -10.21
N PRO A 49 -9.00 -2.78 -10.56
CA PRO A 49 -8.77 -1.39 -10.95
C PRO A 49 -8.30 -0.53 -9.77
N VAL A 50 -7.25 0.25 -9.99
CA VAL A 50 -6.73 1.12 -8.95
C VAL A 50 -7.84 1.92 -8.28
N SER A 51 -8.94 2.09 -8.99
CA SER A 51 -10.08 2.84 -8.47
C SER A 51 -10.75 2.09 -7.33
N GLU A 52 -10.92 0.79 -7.51
CA GLU A 52 -11.55 -0.05 -6.49
C GLU A 52 -10.54 -0.45 -5.41
N LEU A 53 -9.26 -0.41 -5.76
CA LEU A 53 -8.20 -0.76 -4.83
C LEU A 53 -8.10 0.25 -3.70
N LEU A 54 -8.10 -0.24 -2.47
CA LEU A 54 -8.00 0.62 -1.30
C LEU A 54 -6.82 0.23 -0.42
N LEU A 55 -5.74 1.00 -0.51
CA LEU A 55 -4.55 0.73 0.28
C LEU A 55 -4.60 1.44 1.63
N SER A 56 -4.37 0.68 2.70
CA SER A 56 -4.40 1.23 4.04
C SER A 56 -3.24 0.70 4.88
N TYR A 57 -2.44 1.61 5.42
CA TYR A 57 -1.30 1.24 6.24
C TYR A 57 -1.63 1.33 7.73
N GLU A 58 -1.09 0.42 8.51
CA GLU A 58 -1.33 0.40 9.95
C GLU A 58 -0.15 1.02 10.71
N SER A 59 -0.40 2.15 11.36
CA SER A 59 0.65 2.83 12.12
C SER A 59 1.08 2.01 13.33
N SER A 60 2.31 1.50 13.29
CA SER A 60 2.85 0.69 14.37
C SER A 60 2.54 1.33 15.73
N LYS A 61 3.01 2.57 15.91
CA LYS A 61 2.80 3.28 17.15
C LYS A 61 1.37 3.08 17.66
N MET A 62 0.40 3.12 16.75
CA MET A 62 -0.99 2.94 17.10
C MET A 62 -1.56 1.70 16.43
N PRO A 63 -1.36 0.53 17.07
CA PRO A 63 -1.85 -0.75 16.56
C PRO A 63 -3.36 -0.87 16.63
N GLY A 64 -3.92 -1.78 15.84
CA GLY A 64 -5.36 -1.98 15.83
C GLY A 64 -6.09 -0.83 15.16
N ARG A 65 -5.38 -0.07 14.36
CA ARG A 65 -5.98 1.07 13.65
C ARG A 65 -5.30 1.29 12.30
N GLU A 66 -6.09 1.21 11.24
CA GLU A 66 -5.57 1.40 9.88
C GLU A 66 -6.03 2.74 9.31
N ILE A 67 -5.26 3.26 8.35
CA ILE A 67 -5.58 4.53 7.72
C ILE A 67 -5.81 4.36 6.22
N GLU A 68 -7.02 4.64 5.78
CA GLU A 68 -7.37 4.52 4.37
C GLU A 68 -6.73 5.63 3.55
N LEU A 69 -5.84 5.26 2.64
CA LEU A 69 -5.15 6.23 1.79
C LEU A 69 -6.02 6.61 0.59
N GLU A 70 -6.76 7.70 0.72
CA GLU A 70 -7.62 8.17 -0.35
C GLU A 70 -6.82 8.92 -1.42
N ASN A 71 -5.79 9.63 -0.97
CA ASN A 71 -4.95 10.39 -1.88
C ASN A 71 -4.09 9.47 -2.74
N ASP A 72 -4.26 9.57 -4.06
CA ASP A 72 -3.51 8.74 -4.99
C ASP A 72 -2.32 9.52 -5.58
N LEU A 73 -2.49 10.83 -5.67
CA LEU A 73 -1.43 11.68 -6.22
C LEU A 73 -0.39 12.00 -5.16
N GLN A 74 -0.64 11.55 -3.94
CA GLN A 74 0.29 11.80 -2.83
C GLN A 74 1.13 10.55 -2.55
N PRO A 75 2.41 10.77 -2.22
CA PRO A 75 3.34 9.68 -1.91
C PRO A 75 3.02 8.99 -0.59
N LEU A 76 3.81 7.99 -0.25
CA LEU A 76 3.62 7.24 0.99
C LEU A 76 4.11 8.03 2.19
N GLN A 77 5.19 8.79 1.99
CA GLN A 77 5.76 9.60 3.05
C GLN A 77 4.76 10.64 3.54
N PHE A 78 3.83 11.03 2.68
CA PHE A 78 2.83 12.01 3.02
C PHE A 78 1.96 11.52 4.18
N TYR A 79 1.78 10.21 4.27
CA TYR A 79 0.98 9.61 5.33
C TYR A 79 1.86 9.14 6.48
N SER A 80 3.03 9.77 6.62
CA SER A 80 3.96 9.41 7.68
C SER A 80 4.30 7.92 7.64
N VAL A 81 4.49 7.40 6.43
CA VAL A 81 4.82 5.99 6.24
C VAL A 81 6.33 5.77 6.26
N GLU A 82 6.76 4.79 7.05
CA GLU A 82 8.19 4.48 7.15
C GLU A 82 8.42 2.99 6.99
N ASN A 83 9.67 2.57 7.18
CA ASN A 83 10.04 1.16 7.07
C ASN A 83 9.49 0.36 8.25
N GLY A 84 9.01 -0.85 7.97
CA GLY A 84 8.47 -1.69 9.03
C GLY A 84 6.95 -1.73 9.01
N ASP A 85 6.34 -0.59 8.70
CA ASP A 85 4.88 -0.51 8.65
C ASP A 85 4.30 -1.66 7.84
N CYS A 86 3.00 -1.91 8.04
CA CYS A 86 2.32 -2.99 7.33
C CYS A 86 1.43 -2.42 6.22
N LEU A 87 1.40 -3.12 5.08
CA LEU A 87 0.59 -2.69 3.95
C LEU A 87 -0.65 -3.57 3.80
N LEU A 88 -1.82 -2.94 3.84
CA LEU A 88 -3.08 -3.68 3.71
C LEU A 88 -3.78 -3.31 2.41
N VAL A 89 -3.89 -4.30 1.51
CA VAL A 89 -4.54 -4.09 0.22
C VAL A 89 -5.95 -4.67 0.22
N ARG A 90 -6.94 -3.82 0.44
CA ARG A 90 -8.33 -4.25 0.46
C ARG A 90 -9.13 -3.55 -0.63
N TRP A 91 -10.19 -4.21 -1.09
CA TRP A 91 -11.04 -3.64 -2.13
C TRP A 91 -12.46 -4.18 -2.03
N SER A 92 -13.43 -3.36 -2.44
CA SER A 92 -14.83 -3.76 -2.39
C SER A 92 -15.26 -4.44 -3.68
N GLY A 93 -16.19 -5.38 -3.57
CA GLY A 93 -16.67 -6.11 -4.73
C GLY A 93 -18.18 -6.30 -4.71
N PRO A 94 -18.64 -7.26 -3.90
CA PRO A 94 -20.07 -7.57 -3.78
C PRO A 94 -20.85 -6.46 -3.07
N SER A 95 -22.12 -6.34 -3.40
CA SER A 95 -22.98 -5.32 -2.80
C SER A 95 -22.98 -5.44 -1.28
N SER A 96 -23.04 -4.30 -0.60
CA SER A 96 -23.05 -4.27 0.85
C SER A 96 -24.08 -3.26 1.38
N GLY A 97 -24.74 -3.62 2.47
CA GLY A 97 -25.74 -2.73 3.05
C GLY A 97 -27.10 -3.40 3.18
N GLY A 1 28.14 7.11 -9.14
CA GLY A 1 26.92 7.86 -8.92
C GLY A 1 25.71 6.95 -8.74
N SER A 2 25.20 6.43 -9.85
CA SER A 2 24.04 5.55 -9.82
C SER A 2 22.90 6.18 -9.03
N SER A 3 22.66 7.47 -9.30
CA SER A 3 21.59 8.20 -8.61
C SER A 3 20.33 8.23 -9.46
N GLY A 4 19.19 8.41 -8.81
CA GLY A 4 17.92 8.46 -9.52
C GLY A 4 16.83 9.13 -8.71
N SER A 5 16.11 8.33 -7.91
CA SER A 5 15.03 8.86 -7.10
C SER A 5 15.58 9.58 -5.87
N SER A 6 14.71 10.30 -5.17
CA SER A 6 15.10 11.04 -3.97
C SER A 6 14.66 10.31 -2.71
N GLY A 7 13.43 9.83 -2.71
CA GLY A 7 12.90 9.12 -1.56
C GLY A 7 13.57 7.77 -1.36
N GLN A 8 13.53 7.27 -0.13
CA GLN A 8 14.15 5.98 0.19
C GLN A 8 13.13 4.86 0.10
N LEU A 9 13.61 3.63 -0.09
CA LEU A 9 12.74 2.47 -0.19
C LEU A 9 12.34 1.96 1.19
N LEU A 10 11.04 1.71 1.37
CA LEU A 10 10.54 1.22 2.65
C LEU A 10 10.20 -0.26 2.56
N THR A 11 10.52 -1.00 3.61
CA THR A 11 10.25 -2.43 3.66
C THR A 11 8.96 -2.72 4.41
N LEU A 12 7.86 -2.84 3.66
CA LEU A 12 6.56 -3.11 4.26
C LEU A 12 6.05 -4.50 3.85
N LYS A 13 5.11 -5.03 4.61
CA LYS A 13 4.54 -6.34 4.33
C LYS A 13 3.14 -6.21 3.73
N ILE A 14 2.93 -6.85 2.58
CA ILE A 14 1.64 -6.80 1.91
C ILE A 14 0.75 -7.96 2.37
N LYS A 15 -0.38 -7.62 2.98
CA LYS A 15 -1.32 -8.62 3.46
C LYS A 15 -2.75 -8.27 3.05
N CYS A 16 -3.25 -8.95 2.04
CA CYS A 16 -4.61 -8.72 1.54
C CYS A 16 -5.64 -8.98 2.64
N SER A 17 -6.52 -8.01 2.86
CA SER A 17 -7.54 -8.13 3.89
C SER A 17 -8.67 -9.05 3.42
N ASN A 18 -9.05 -10.00 4.27
CA ASN A 18 -10.11 -10.94 3.95
C ASN A 18 -9.66 -11.91 2.86
N GLN A 19 -8.35 -12.12 2.77
CA GLN A 19 -7.80 -13.03 1.76
C GLN A 19 -6.78 -13.97 2.39
N PRO A 20 -7.28 -15.03 3.05
CA PRO A 20 -6.43 -16.03 3.69
C PRO A 20 -5.66 -16.89 2.70
N GLU A 21 -6.38 -17.43 1.72
CA GLU A 21 -5.77 -18.27 0.70
C GLU A 21 -4.46 -17.67 0.22
N ARG A 22 -4.37 -16.35 0.25
CA ARG A 22 -3.17 -15.65 -0.19
C ARG A 22 -2.12 -15.61 0.92
N GLN A 23 -0.85 -15.63 0.54
CA GLN A 23 0.24 -15.60 1.51
C GLN A 23 0.87 -14.21 1.57
N ILE A 24 1.18 -13.76 2.78
CA ILE A 24 1.79 -12.45 2.97
C ILE A 24 3.16 -12.38 2.30
N LEU A 25 3.46 -11.22 1.73
CA LEU A 25 4.74 -11.02 1.04
C LEU A 25 5.40 -9.73 1.52
N GLU A 26 6.58 -9.44 0.96
CA GLU A 26 7.31 -8.23 1.32
C GLU A 26 7.92 -7.57 0.08
N LYS A 27 7.57 -6.32 -0.15
CA LYS A 27 8.08 -5.58 -1.30
C LYS A 27 8.68 -4.24 -0.87
N GLN A 28 9.82 -3.89 -1.44
CA GLN A 28 10.48 -2.64 -1.11
C GLN A 28 10.25 -1.60 -2.21
N LEU A 29 9.55 -0.53 -1.85
CA LEU A 29 9.25 0.54 -2.80
C LEU A 29 9.66 1.89 -2.24
N PRO A 30 10.01 2.83 -3.13
CA PRO A 30 10.43 4.18 -2.75
C PRO A 30 9.27 5.01 -2.19
N ASP A 31 9.44 5.50 -0.98
CA ASP A 31 8.41 6.31 -0.33
C ASP A 31 7.83 7.34 -1.30
N SER A 32 8.63 7.69 -2.32
CA SER A 32 8.19 8.67 -3.32
C SER A 32 7.03 8.13 -4.13
N MET A 33 7.11 6.85 -4.50
CA MET A 33 6.05 6.21 -5.27
C MET A 33 4.67 6.60 -4.75
N THR A 34 3.87 7.22 -5.61
CA THR A 34 2.53 7.65 -5.23
C THR A 34 1.61 6.44 -5.04
N VAL A 35 0.75 6.52 -4.03
CA VAL A 35 -0.19 5.44 -3.73
C VAL A 35 -0.73 4.82 -5.02
N GLN A 36 -1.07 5.66 -5.99
CA GLN A 36 -1.59 5.20 -7.25
C GLN A 36 -0.64 4.19 -7.90
N LYS A 37 0.64 4.54 -7.92
CA LYS A 37 1.65 3.67 -8.53
C LYS A 37 1.61 2.29 -7.89
N VAL A 38 1.70 2.25 -6.56
CA VAL A 38 1.67 0.98 -5.83
C VAL A 38 0.43 0.18 -6.17
N LYS A 39 -0.70 0.87 -6.32
CA LYS A 39 -1.96 0.22 -6.65
C LYS A 39 -1.93 -0.34 -8.08
N GLY A 40 -1.36 0.44 -9.00
CA GLY A 40 -1.28 0.01 -10.38
C GLY A 40 -0.40 -1.20 -10.56
N LEU A 41 0.50 -1.43 -9.61
CA LEU A 41 1.41 -2.57 -9.66
C LEU A 41 0.67 -3.87 -9.37
N LEU A 42 -0.14 -3.85 -8.32
CA LEU A 42 -0.91 -5.03 -7.92
C LEU A 42 -2.17 -5.17 -8.75
N SER A 43 -2.57 -4.07 -9.40
CA SER A 43 -3.77 -4.07 -10.23
C SER A 43 -3.62 -5.03 -11.40
N ARG A 44 -2.41 -5.12 -11.94
CA ARG A 44 -2.14 -6.01 -13.06
C ARG A 44 -2.09 -7.47 -12.60
N LEU A 45 -1.85 -7.67 -11.32
CA LEU A 45 -1.78 -9.01 -10.76
C LEU A 45 -3.15 -9.47 -10.27
N LEU A 46 -3.70 -8.75 -9.30
CA LEU A 46 -5.01 -9.09 -8.74
C LEU A 46 -6.12 -8.79 -9.76
N LYS A 47 -5.73 -8.28 -10.92
CA LYS A 47 -6.68 -7.95 -11.97
C LYS A 47 -7.76 -7.01 -11.45
N VAL A 48 -7.36 -6.10 -10.56
CA VAL A 48 -8.30 -5.13 -9.99
C VAL A 48 -7.90 -3.70 -10.34
N PRO A 49 -8.89 -2.87 -10.67
CA PRO A 49 -8.67 -1.47 -11.04
C PRO A 49 -8.22 -0.63 -9.85
N VAL A 50 -7.15 0.13 -10.03
CA VAL A 50 -6.63 0.99 -8.97
C VAL A 50 -7.74 1.80 -8.33
N SER A 51 -8.84 1.97 -9.05
CA SER A 51 -9.98 2.74 -8.55
C SER A 51 -10.65 1.99 -7.38
N GLU A 52 -10.81 0.68 -7.54
CA GLU A 52 -11.44 -0.14 -6.52
C GLU A 52 -10.44 -0.54 -5.44
N LEU A 53 -9.15 -0.44 -5.78
CA LEU A 53 -8.09 -0.79 -4.85
C LEU A 53 -7.97 0.25 -3.74
N LEU A 54 -7.75 -0.22 -2.51
CA LEU A 54 -7.61 0.68 -1.38
C LEU A 54 -6.41 0.27 -0.51
N LEU A 55 -5.39 1.11 -0.48
CA LEU A 55 -4.20 0.84 0.31
C LEU A 55 -4.31 1.46 1.70
N SER A 56 -4.17 0.62 2.72
CA SER A 56 -4.26 1.09 4.10
C SER A 56 -3.10 0.55 4.93
N TYR A 57 -2.28 1.46 5.47
CA TYR A 57 -1.14 1.08 6.27
C TYR A 57 -1.48 1.17 7.76
N GLU A 58 -0.99 0.21 8.54
CA GLU A 58 -1.24 0.18 9.98
C GLU A 58 0.02 0.54 10.75
N SER A 59 0.02 1.72 11.36
CA SER A 59 1.17 2.19 12.13
C SER A 59 1.40 1.31 13.35
N SER A 60 2.66 1.14 13.72
CA SER A 60 3.02 0.33 14.87
C SER A 60 2.81 1.10 16.17
N LYS A 61 2.82 2.42 16.07
CA LYS A 61 2.63 3.28 17.23
C LYS A 61 1.18 3.29 17.68
N MET A 62 0.27 3.12 16.72
CA MET A 62 -1.16 3.11 17.01
C MET A 62 -1.82 1.86 16.44
N PRO A 63 -1.76 0.76 17.20
CA PRO A 63 -2.34 -0.52 16.79
C PRO A 63 -3.88 -0.49 16.80
N GLY A 64 -4.48 -1.47 16.14
CA GLY A 64 -5.93 -1.53 16.08
C GLY A 64 -6.53 -0.37 15.31
N ARG A 65 -5.74 0.22 14.41
CA ARG A 65 -6.20 1.34 13.61
C ARG A 65 -5.44 1.41 12.29
N GLU A 66 -6.18 1.57 11.19
CA GLU A 66 -5.57 1.66 9.87
C GLU A 66 -5.96 2.95 9.17
N ILE A 67 -5.04 3.51 8.39
CA ILE A 67 -5.29 4.75 7.68
C ILE A 67 -5.56 4.48 6.20
N GLU A 68 -6.80 4.73 5.79
CA GLU A 68 -7.20 4.51 4.40
C GLU A 68 -6.62 5.59 3.50
N LEU A 69 -5.66 5.21 2.66
CA LEU A 69 -5.03 6.15 1.74
C LEU A 69 -5.94 6.44 0.55
N GLU A 70 -6.62 7.58 0.60
CA GLU A 70 -7.52 7.98 -0.48
C GLU A 70 -6.80 8.87 -1.48
N ASN A 71 -5.89 9.70 -0.98
CA ASN A 71 -5.14 10.61 -1.83
C ASN A 71 -4.13 9.85 -2.68
N ASP A 72 -4.54 9.48 -3.89
CA ASP A 72 -3.67 8.74 -4.81
C ASP A 72 -2.55 9.62 -5.32
N LEU A 73 -2.79 10.93 -5.34
CA LEU A 73 -1.79 11.89 -5.80
C LEU A 73 -0.85 12.28 -4.67
N GLN A 74 -0.63 11.37 -3.74
CA GLN A 74 0.25 11.62 -2.61
C GLN A 74 1.13 10.40 -2.32
N PRO A 75 2.40 10.65 -1.97
CA PRO A 75 3.36 9.59 -1.67
C PRO A 75 3.04 8.88 -0.35
N LEU A 76 3.76 7.79 -0.09
CA LEU A 76 3.55 7.02 1.13
C LEU A 76 4.03 7.80 2.35
N GLN A 77 5.10 8.58 2.18
CA GLN A 77 5.65 9.38 3.26
C GLN A 77 4.63 10.40 3.75
N PHE A 78 3.85 10.94 2.82
CA PHE A 78 2.83 11.93 3.16
C PHE A 78 1.84 11.37 4.17
N TYR A 79 1.89 10.06 4.39
CA TYR A 79 0.99 9.41 5.34
C TYR A 79 1.75 8.91 6.56
N SER A 80 2.95 9.45 6.76
CA SER A 80 3.78 9.07 7.89
C SER A 80 4.17 7.60 7.81
N VAL A 81 4.26 7.08 6.58
CA VAL A 81 4.63 5.69 6.37
C VAL A 81 6.15 5.51 6.41
N GLU A 82 6.61 4.73 7.38
CA GLU A 82 8.04 4.48 7.53
C GLU A 82 8.35 2.98 7.39
N ASN A 83 9.63 2.67 7.26
CA ASN A 83 10.06 1.28 7.12
C ASN A 83 9.63 0.44 8.32
N GLY A 84 9.15 -0.77 8.06
CA GLY A 84 8.71 -1.64 9.13
C GLY A 84 7.20 -1.73 9.22
N ASP A 85 6.52 -0.65 8.86
CA ASP A 85 5.06 -0.60 8.90
C ASP A 85 4.45 -1.75 8.10
N CYS A 86 3.13 -1.84 8.11
CA CYS A 86 2.43 -2.89 7.38
C CYS A 86 1.62 -2.31 6.23
N LEU A 87 1.27 -3.15 5.26
CA LEU A 87 0.50 -2.72 4.11
C LEU A 87 -0.75 -3.58 3.93
N LEU A 88 -1.92 -2.94 3.97
CA LEU A 88 -3.18 -3.65 3.81
C LEU A 88 -3.81 -3.34 2.46
N VAL A 89 -3.77 -4.32 1.55
CA VAL A 89 -4.34 -4.15 0.22
C VAL A 89 -5.76 -4.69 0.17
N ARG A 90 -6.73 -3.78 0.29
CA ARG A 90 -8.14 -4.16 0.25
C ARG A 90 -8.89 -3.37 -0.82
N TRP A 91 -10.00 -3.93 -1.30
CA TRP A 91 -10.80 -3.27 -2.31
C TRP A 91 -12.29 -3.52 -2.08
N SER A 92 -13.13 -2.64 -2.61
CA SER A 92 -14.57 -2.77 -2.45
C SER A 92 -15.23 -3.18 -3.77
N GLY A 93 -15.37 -4.49 -3.96
CA GLY A 93 -15.97 -4.99 -5.18
C GLY A 93 -15.29 -6.24 -5.69
N PRO A 94 -15.51 -7.37 -5.00
CA PRO A 94 -14.92 -8.66 -5.37
C PRO A 94 -15.51 -9.22 -6.65
N SER A 95 -14.68 -9.87 -7.45
CA SER A 95 -15.13 -10.46 -8.71
C SER A 95 -15.99 -9.47 -9.49
N SER A 96 -15.54 -8.22 -9.55
CA SER A 96 -16.27 -7.18 -10.26
C SER A 96 -15.83 -7.10 -11.73
N GLY A 97 -16.72 -7.53 -12.62
CA GLY A 97 -16.41 -7.51 -14.04
C GLY A 97 -17.62 -7.23 -14.90
N GLY A 1 21.96 3.53 -0.93
CA GLY A 1 22.71 4.78 -0.89
C GLY A 1 23.06 5.29 -2.26
N SER A 2 22.54 6.46 -2.62
CA SER A 2 22.80 7.07 -3.92
C SER A 2 23.23 8.52 -3.77
N SER A 3 24.09 8.79 -2.79
CA SER A 3 24.57 10.14 -2.54
C SER A 3 23.40 11.11 -2.35
N GLY A 4 22.40 10.67 -1.59
CA GLY A 4 21.24 11.50 -1.34
C GLY A 4 20.15 11.30 -2.37
N SER A 5 19.37 10.23 -2.21
CA SER A 5 18.28 9.93 -3.14
C SER A 5 17.02 10.70 -2.77
N SER A 6 16.20 11.01 -3.77
CA SER A 6 14.96 11.74 -3.56
C SER A 6 13.95 10.89 -2.79
N GLY A 7 13.93 9.60 -3.10
CA GLY A 7 13.01 8.70 -2.43
C GLY A 7 13.66 7.37 -2.06
N GLN A 8 13.65 7.06 -0.76
CA GLN A 8 14.24 5.83 -0.27
C GLN A 8 13.22 4.70 -0.26
N LEU A 9 13.69 3.47 -0.46
CA LEU A 9 12.81 2.31 -0.47
C LEU A 9 12.48 1.86 0.95
N LEU A 10 11.21 1.57 1.20
CA LEU A 10 10.77 1.14 2.51
C LEU A 10 10.43 -0.35 2.50
N THR A 11 10.65 -1.01 3.64
CA THR A 11 10.36 -2.43 3.77
C THR A 11 9.06 -2.68 4.50
N LEU A 12 8.01 -3.03 3.76
CA LEU A 12 6.71 -3.29 4.34
C LEU A 12 6.18 -4.66 3.93
N LYS A 13 5.22 -5.18 4.68
CA LYS A 13 4.63 -6.47 4.38
C LYS A 13 3.21 -6.31 3.83
N ILE A 14 2.97 -6.90 2.66
CA ILE A 14 1.67 -6.82 2.02
C ILE A 14 0.76 -7.97 2.47
N LYS A 15 -0.39 -7.63 3.03
CA LYS A 15 -1.35 -8.62 3.50
C LYS A 15 -2.77 -8.22 3.14
N CYS A 16 -3.40 -9.02 2.28
CA CYS A 16 -4.77 -8.75 1.85
C CYS A 16 -5.74 -8.92 3.01
N SER A 17 -6.58 -7.90 3.22
CA SER A 17 -7.56 -7.92 4.31
C SER A 17 -8.71 -8.88 3.98
N ASN A 18 -8.82 -9.24 2.71
CA ASN A 18 -9.87 -10.15 2.28
C ASN A 18 -9.32 -11.55 2.04
N GLN A 19 -8.04 -11.63 1.69
CA GLN A 19 -7.39 -12.92 1.44
C GLN A 19 -6.42 -13.26 2.58
N PRO A 20 -6.97 -13.79 3.68
CA PRO A 20 -6.17 -14.16 4.85
C PRO A 20 -5.30 -15.39 4.58
N GLU A 21 -5.88 -16.38 3.92
CA GLU A 21 -5.16 -17.61 3.60
C GLU A 21 -3.91 -17.31 2.80
N ARG A 22 -3.94 -16.23 2.03
CA ARG A 22 -2.81 -15.83 1.21
C ARG A 22 -1.66 -15.32 2.09
N GLN A 23 -0.64 -16.15 2.28
CA GLN A 23 0.51 -15.79 3.10
C GLN A 23 0.91 -14.34 2.85
N ILE A 24 1.64 -13.77 3.79
CA ILE A 24 2.10 -12.38 3.67
C ILE A 24 3.39 -12.30 2.85
N LEU A 25 3.56 -11.19 2.14
CA LEU A 25 4.75 -10.98 1.32
C LEU A 25 5.45 -9.69 1.72
N GLU A 26 6.65 -9.49 1.15
CA GLU A 26 7.43 -8.29 1.45
C GLU A 26 7.89 -7.61 0.16
N LYS A 27 7.51 -6.34 0.00
CA LYS A 27 7.88 -5.58 -1.19
C LYS A 27 8.52 -4.25 -0.80
N GLN A 28 9.62 -3.91 -1.48
CA GLN A 28 10.33 -2.67 -1.20
C GLN A 28 10.03 -1.62 -2.28
N LEU A 29 9.45 -0.50 -1.88
CA LEU A 29 9.11 0.56 -2.81
C LEU A 29 9.57 1.92 -2.27
N PRO A 30 9.98 2.82 -3.18
CA PRO A 30 10.44 4.16 -2.82
C PRO A 30 9.31 5.04 -2.31
N ASP A 31 9.47 5.57 -1.11
CA ASP A 31 8.45 6.44 -0.50
C ASP A 31 7.94 7.46 -1.53
N SER A 32 8.75 7.74 -2.53
CA SER A 32 8.39 8.70 -3.57
C SER A 32 7.18 8.20 -4.37
N MET A 33 7.18 6.91 -4.67
CA MET A 33 6.09 6.30 -5.43
C MET A 33 4.74 6.72 -4.86
N THR A 34 3.96 7.43 -5.67
CA THR A 34 2.64 7.88 -5.24
C THR A 34 1.70 6.71 -5.01
N VAL A 35 0.87 6.81 -3.98
CA VAL A 35 -0.08 5.76 -3.65
C VAL A 35 -0.67 5.14 -4.91
N GLN A 36 -0.83 5.96 -5.95
CA GLN A 36 -1.39 5.49 -7.21
C GLN A 36 -0.51 4.41 -7.82
N LYS A 37 0.75 4.75 -8.06
CA LYS A 37 1.70 3.81 -8.66
C LYS A 37 1.68 2.48 -7.91
N VAL A 38 1.62 2.54 -6.59
CA VAL A 38 1.60 1.34 -5.76
C VAL A 38 0.38 0.49 -6.09
N LYS A 39 -0.77 1.13 -6.25
CA LYS A 39 -2.01 0.43 -6.57
C LYS A 39 -1.96 -0.16 -7.98
N GLY A 40 -1.44 0.62 -8.93
CA GLY A 40 -1.33 0.16 -10.30
C GLY A 40 -0.43 -1.05 -10.44
N LEU A 41 0.50 -1.20 -9.50
CA LEU A 41 1.43 -2.32 -9.53
C LEU A 41 0.71 -3.64 -9.28
N LEU A 42 0.01 -3.74 -8.16
CA LEU A 42 -0.73 -4.95 -7.82
C LEU A 42 -2.00 -5.07 -8.66
N SER A 43 -2.45 -3.93 -9.19
CA SER A 43 -3.66 -3.90 -10.00
C SER A 43 -3.60 -4.97 -11.09
N ARG A 44 -2.43 -5.14 -11.68
CA ARG A 44 -2.24 -6.12 -12.74
C ARG A 44 -2.06 -7.52 -12.16
N LEU A 45 -1.70 -7.59 -10.88
CA LEU A 45 -1.50 -8.86 -10.20
C LEU A 45 -2.84 -9.52 -9.88
N LEU A 46 -3.63 -8.86 -9.03
CA LEU A 46 -4.93 -9.39 -8.65
C LEU A 46 -5.99 -9.02 -9.67
N LYS A 47 -5.55 -8.49 -10.81
CA LYS A 47 -6.47 -8.09 -11.87
C LYS A 47 -7.58 -7.19 -11.34
N VAL A 48 -7.20 -6.23 -10.51
CA VAL A 48 -8.16 -5.30 -9.92
C VAL A 48 -7.85 -3.87 -10.35
N PRO A 49 -8.92 -3.10 -10.66
CA PRO A 49 -8.79 -1.71 -11.08
C PRO A 49 -8.36 -0.80 -9.93
N VAL A 50 -7.31 -0.01 -10.18
CA VAL A 50 -6.79 0.90 -9.17
C VAL A 50 -7.93 1.66 -8.48
N SER A 51 -9.06 1.77 -9.17
CA SER A 51 -10.21 2.48 -8.63
C SER A 51 -10.85 1.67 -7.49
N GLU A 52 -10.97 0.36 -7.69
CA GLU A 52 -11.56 -0.51 -6.69
C GLU A 52 -10.51 -0.93 -5.65
N LEU A 53 -9.27 -0.51 -5.87
CA LEU A 53 -8.18 -0.85 -4.95
C LEU A 53 -8.09 0.18 -3.83
N LEU A 54 -8.06 -0.32 -2.59
CA LEU A 54 -7.97 0.55 -1.42
C LEU A 54 -6.81 0.13 -0.53
N LEU A 55 -5.72 0.90 -0.59
CA LEU A 55 -4.54 0.62 0.21
C LEU A 55 -4.65 1.27 1.59
N SER A 56 -4.26 0.52 2.62
CA SER A 56 -4.31 1.02 3.99
C SER A 56 -3.14 0.49 4.81
N TYR A 57 -2.34 1.40 5.34
CA TYR A 57 -1.18 1.03 6.14
C TYR A 57 -1.49 1.16 7.63
N GLU A 58 -0.93 0.24 8.43
CA GLU A 58 -1.14 0.26 9.87
C GLU A 58 0.05 0.87 10.59
N SER A 59 -0.17 2.01 11.23
CA SER A 59 0.89 2.71 11.96
C SER A 59 1.59 1.76 12.93
N SER A 60 2.88 2.02 13.17
CA SER A 60 3.66 1.18 14.08
C SER A 60 3.47 1.62 15.53
N LYS A 61 2.66 2.66 15.72
CA LYS A 61 2.40 3.18 17.06
C LYS A 61 0.91 3.03 17.41
N MET A 62 0.07 2.99 16.39
CA MET A 62 -1.37 2.85 16.59
C MET A 62 -1.87 1.54 15.99
N PRO A 63 -1.64 0.43 16.71
CA PRO A 63 -2.06 -0.89 16.26
C PRO A 63 -3.58 -1.06 16.30
N GLY A 64 -4.14 -1.66 15.25
CA GLY A 64 -5.57 -1.87 15.18
C GLY A 64 -6.28 -0.82 14.35
N ARG A 65 -5.62 0.33 14.17
CA ARG A 65 -6.19 1.42 13.38
C ARG A 65 -5.41 1.63 12.09
N GLU A 66 -6.06 1.40 10.95
CA GLU A 66 -5.42 1.56 9.66
C GLU A 66 -5.84 2.87 9.01
N ILE A 67 -4.91 3.48 8.28
CA ILE A 67 -5.18 4.75 7.60
C ILE A 67 -5.46 4.53 6.12
N GLU A 68 -6.74 4.58 5.75
CA GLU A 68 -7.13 4.39 4.35
C GLU A 68 -6.62 5.53 3.48
N LEU A 69 -5.69 5.21 2.58
CA LEU A 69 -5.12 6.21 1.69
C LEU A 69 -6.08 6.51 0.54
N GLU A 70 -6.58 7.74 0.51
CA GLU A 70 -7.50 8.16 -0.53
C GLU A 70 -6.80 9.06 -1.56
N ASN A 71 -5.73 9.71 -1.11
CA ASN A 71 -4.97 10.60 -1.98
C ASN A 71 -4.00 9.81 -2.86
N ASP A 72 -4.38 9.59 -4.11
CA ASP A 72 -3.54 8.85 -5.04
C ASP A 72 -2.48 9.76 -5.66
N LEU A 73 -2.52 11.04 -5.31
CA LEU A 73 -1.57 12.00 -5.84
C LEU A 73 -0.54 12.37 -4.78
N GLN A 74 -0.51 11.61 -3.69
CA GLN A 74 0.44 11.86 -2.61
C GLN A 74 1.30 10.63 -2.34
N PRO A 75 2.58 10.85 -2.03
CA PRO A 75 3.53 9.77 -1.75
C PRO A 75 3.23 9.07 -0.43
N LEU A 76 3.97 8.00 -0.15
CA LEU A 76 3.79 7.25 1.09
C LEU A 76 4.30 8.02 2.29
N GLN A 77 5.36 8.80 2.08
CA GLN A 77 5.95 9.60 3.15
C GLN A 77 4.96 10.64 3.66
N PHE A 78 4.01 11.01 2.80
CA PHE A 78 3.01 12.01 3.16
C PHE A 78 2.08 11.47 4.24
N TYR A 79 2.09 10.15 4.43
CA TYR A 79 1.24 9.52 5.43
C TYR A 79 2.07 9.07 6.64
N SER A 80 3.25 9.68 6.79
CA SER A 80 4.14 9.34 7.91
C SER A 80 4.51 7.87 7.87
N VAL A 81 4.53 7.30 6.67
CA VAL A 81 4.88 5.89 6.50
C VAL A 81 6.39 5.68 6.54
N GLU A 82 6.84 4.75 7.38
CA GLU A 82 8.26 4.46 7.50
C GLU A 82 8.51 2.95 7.51
N ASN A 83 9.72 2.55 7.16
CA ASN A 83 10.09 1.15 7.12
C ASN A 83 9.55 0.41 8.34
N GLY A 84 9.01 -0.78 8.12
CA GLY A 84 8.47 -1.56 9.22
C GLY A 84 6.95 -1.65 9.18
N ASP A 85 6.31 -0.51 8.92
CA ASP A 85 4.85 -0.47 8.84
C ASP A 85 4.30 -1.64 8.03
N CYS A 86 2.99 -1.81 8.07
CA CYS A 86 2.34 -2.90 7.34
C CYS A 86 1.38 -2.35 6.29
N LEU A 87 1.31 -3.03 5.15
CA LEU A 87 0.44 -2.61 4.06
C LEU A 87 -0.78 -3.52 3.96
N LEU A 88 -1.96 -2.93 3.99
CA LEU A 88 -3.20 -3.69 3.90
C LEU A 88 -3.90 -3.43 2.56
N VAL A 89 -3.94 -4.45 1.71
CA VAL A 89 -4.58 -4.35 0.41
C VAL A 89 -6.00 -4.91 0.44
N ARG A 90 -6.96 -4.09 0.02
CA ARG A 90 -8.36 -4.50 0.00
C ARG A 90 -9.11 -3.83 -1.16
N TRP A 91 -10.19 -4.47 -1.60
CA TRP A 91 -10.98 -3.93 -2.70
C TRP A 91 -12.44 -4.33 -2.54
N SER A 92 -13.35 -3.48 -3.01
CA SER A 92 -14.77 -3.74 -2.92
C SER A 92 -15.27 -4.51 -4.15
N GLY A 93 -15.85 -5.67 -3.90
CA GLY A 93 -16.35 -6.48 -5.00
C GLY A 93 -15.68 -7.85 -5.07
N PRO A 94 -16.02 -8.73 -4.12
CA PRO A 94 -15.46 -10.08 -4.06
C PRO A 94 -15.94 -10.97 -5.20
N SER A 95 -15.02 -11.72 -5.78
CA SER A 95 -15.35 -12.61 -6.89
C SER A 95 -15.74 -14.00 -6.37
N SER A 96 -16.62 -14.67 -7.11
CA SER A 96 -17.08 -16.00 -6.73
C SER A 96 -15.93 -16.83 -6.18
N GLY A 97 -14.81 -16.82 -6.89
CA GLY A 97 -13.66 -17.58 -6.46
C GLY A 97 -12.40 -17.22 -7.21
N GLY A 1 26.04 1.12 -5.53
CA GLY A 1 24.71 1.63 -5.21
C GLY A 1 24.65 3.14 -5.29
N SER A 2 23.43 3.67 -5.34
CA SER A 2 23.23 5.12 -5.41
C SER A 2 22.48 5.64 -4.19
N SER A 3 23.20 6.25 -3.28
CA SER A 3 22.61 6.78 -2.05
C SER A 3 22.73 8.31 -2.01
N GLY A 4 21.68 8.97 -1.52
CA GLY A 4 21.70 10.42 -1.43
C GLY A 4 20.33 11.02 -1.68
N SER A 5 19.64 10.52 -2.69
CA SER A 5 18.32 11.02 -3.04
C SER A 5 17.30 10.68 -1.94
N SER A 6 16.39 11.61 -1.67
CA SER A 6 15.37 11.42 -0.65
C SER A 6 14.58 10.15 -0.92
N GLY A 7 14.33 9.87 -2.20
CA GLY A 7 13.58 8.69 -2.57
C GLY A 7 14.21 7.41 -2.06
N GLN A 8 13.84 7.01 -0.84
CA GLN A 8 14.39 5.80 -0.24
C GLN A 8 13.34 4.69 -0.20
N LEU A 9 13.79 3.45 -0.34
CA LEU A 9 12.88 2.31 -0.33
C LEU A 9 12.56 1.89 1.10
N LEU A 10 11.29 1.60 1.36
CA LEU A 10 10.85 1.20 2.69
C LEU A 10 10.47 -0.28 2.71
N THR A 11 10.75 -0.94 3.82
CA THR A 11 10.43 -2.37 3.96
C THR A 11 9.08 -2.56 4.65
N LEU A 12 8.09 -3.00 3.89
CA LEU A 12 6.76 -3.23 4.43
C LEU A 12 6.24 -4.61 4.03
N LYS A 13 5.18 -5.06 4.70
CA LYS A 13 4.59 -6.36 4.42
C LYS A 13 3.24 -6.20 3.73
N ILE A 14 3.08 -6.87 2.59
CA ILE A 14 1.84 -6.81 1.83
C ILE A 14 0.87 -7.91 2.26
N LYS A 15 -0.33 -7.50 2.66
CA LYS A 15 -1.35 -8.45 3.10
C LYS A 15 -2.69 -8.14 2.45
N CYS A 16 -2.99 -8.88 1.38
CA CYS A 16 -4.25 -8.69 0.65
C CYS A 16 -5.44 -9.05 1.53
N SER A 17 -6.16 -8.04 2.00
CA SER A 17 -7.32 -8.26 2.85
C SER A 17 -8.40 -9.04 2.11
N ASN A 18 -8.30 -9.07 0.78
CA ASN A 18 -9.27 -9.78 -0.04
C ASN A 18 -8.83 -11.21 -0.30
N GLN A 19 -7.61 -11.53 0.13
CA GLN A 19 -7.06 -12.87 -0.04
C GLN A 19 -6.45 -13.39 1.26
N PRO A 20 -7.28 -14.05 2.07
CA PRO A 20 -6.84 -14.61 3.35
C PRO A 20 -5.91 -15.80 3.18
N GLU A 21 -6.12 -16.57 2.12
CA GLU A 21 -5.29 -17.73 1.84
C GLU A 21 -3.90 -17.31 1.36
N ARG A 22 -3.86 -16.27 0.54
CA ARG A 22 -2.60 -15.76 0.00
C ARG A 22 -1.61 -15.45 1.11
N GLN A 23 -0.44 -16.06 1.06
CA GLN A 23 0.59 -15.85 2.07
C GLN A 23 1.11 -14.41 2.01
N ILE A 24 1.56 -13.91 3.16
CA ILE A 24 2.08 -12.56 3.24
C ILE A 24 3.40 -12.43 2.48
N LEU A 25 3.67 -11.23 1.99
CA LEU A 25 4.89 -10.97 1.24
C LEU A 25 5.56 -9.68 1.70
N GLU A 26 6.81 -9.47 1.28
CA GLU A 26 7.56 -8.28 1.66
C GLU A 26 8.20 -7.64 0.44
N LYS A 27 7.77 -6.43 0.10
CA LYS A 27 8.30 -5.72 -1.05
C LYS A 27 8.77 -4.32 -0.64
N GLN A 28 9.93 -3.92 -1.15
CA GLN A 28 10.48 -2.60 -0.84
C GLN A 28 10.14 -1.60 -1.93
N LEU A 29 9.50 -0.50 -1.54
CA LEU A 29 9.12 0.55 -2.48
C LEU A 29 9.60 1.91 -2.02
N PRO A 30 10.00 2.75 -2.98
CA PRO A 30 10.49 4.11 -2.69
C PRO A 30 9.39 5.04 -2.19
N ASP A 31 9.58 5.58 -1.00
CA ASP A 31 8.59 6.49 -0.42
C ASP A 31 8.08 7.48 -1.45
N SER A 32 8.87 7.70 -2.49
CA SER A 32 8.50 8.63 -3.56
C SER A 32 7.29 8.11 -4.33
N MET A 33 7.30 6.82 -4.63
CA MET A 33 6.21 6.19 -5.38
C MET A 33 4.86 6.68 -4.85
N THR A 34 4.01 7.15 -5.76
CA THR A 34 2.70 7.65 -5.40
C THR A 34 1.75 6.50 -5.07
N VAL A 35 0.99 6.65 -3.99
CA VAL A 35 0.04 5.63 -3.57
C VAL A 35 -0.66 5.01 -4.77
N GLN A 36 -0.95 5.83 -5.77
CA GLN A 36 -1.62 5.37 -6.98
C GLN A 36 -0.82 4.28 -7.67
N LYS A 37 0.50 4.49 -7.76
CA LYS A 37 1.38 3.52 -8.40
C LYS A 37 1.30 2.16 -7.71
N VAL A 38 1.45 2.17 -6.38
CA VAL A 38 1.40 0.93 -5.61
C VAL A 38 0.14 0.14 -5.95
N LYS A 39 -0.98 0.83 -6.09
CA LYS A 39 -2.25 0.19 -6.42
C LYS A 39 -2.24 -0.33 -7.86
N GLY A 40 -1.65 0.45 -8.76
CA GLY A 40 -1.60 0.06 -10.16
C GLY A 40 -0.68 -1.14 -10.38
N LEU A 41 0.30 -1.30 -9.50
CA LEU A 41 1.24 -2.41 -9.60
C LEU A 41 0.52 -3.75 -9.50
N LEU A 42 -0.18 -3.95 -8.38
CA LEU A 42 -0.91 -5.19 -8.15
C LEU A 42 -2.19 -5.22 -8.99
N SER A 43 -2.74 -4.05 -9.27
CA SER A 43 -3.97 -3.94 -10.05
C SER A 43 -3.93 -4.89 -11.25
N ARG A 44 -2.82 -4.87 -11.97
CA ARG A 44 -2.65 -5.71 -13.14
C ARG A 44 -2.53 -7.18 -12.73
N LEU A 45 -2.08 -7.42 -11.51
CA LEU A 45 -1.91 -8.77 -11.00
C LEU A 45 -3.26 -9.35 -10.58
N LEU A 46 -3.88 -8.73 -9.58
CA LEU A 46 -5.17 -9.20 -9.09
C LEU A 46 -6.30 -8.77 -10.03
N LYS A 47 -5.93 -8.21 -11.17
CA LYS A 47 -6.90 -7.76 -12.15
C LYS A 47 -7.95 -6.86 -11.50
N VAL A 48 -7.52 -6.04 -10.56
CA VAL A 48 -8.42 -5.13 -9.86
C VAL A 48 -8.10 -3.68 -10.20
N PRO A 49 -9.15 -2.88 -10.43
CA PRO A 49 -9.01 -1.46 -10.75
C PRO A 49 -8.52 -0.64 -9.57
N VAL A 50 -7.56 0.25 -9.83
CA VAL A 50 -7.00 1.10 -8.79
C VAL A 50 -8.09 1.94 -8.12
N SER A 51 -9.14 2.25 -8.87
CA SER A 51 -10.25 3.04 -8.36
C SER A 51 -10.99 2.29 -7.25
N GLU A 52 -10.78 0.98 -7.20
CA GLU A 52 -11.43 0.15 -6.19
C GLU A 52 -10.43 -0.28 -5.12
N LEU A 53 -9.16 -0.40 -5.51
CA LEU A 53 -8.11 -0.80 -4.58
C LEU A 53 -7.94 0.23 -3.47
N LEU A 54 -8.08 -0.21 -2.23
CA LEU A 54 -7.94 0.68 -1.08
C LEU A 54 -6.73 0.28 -0.24
N LEU A 55 -5.68 1.10 -0.29
CA LEU A 55 -4.47 0.84 0.47
C LEU A 55 -4.55 1.46 1.87
N SER A 56 -4.29 0.65 2.89
CA SER A 56 -4.34 1.12 4.27
C SER A 56 -3.17 0.57 5.07
N TYR A 57 -2.30 1.45 5.53
CA TYR A 57 -1.14 1.05 6.32
C TYR A 57 -1.43 1.15 7.82
N GLU A 58 -0.91 0.19 8.58
CA GLU A 58 -1.11 0.18 10.02
C GLU A 58 0.13 0.66 10.75
N SER A 59 -0.04 1.68 11.60
CA SER A 59 1.06 2.24 12.36
C SER A 59 1.56 1.26 13.42
N SER A 60 2.82 0.88 13.32
CA SER A 60 3.41 -0.05 14.27
C SER A 60 3.40 0.52 15.69
N LYS A 61 3.45 1.85 15.78
CA LYS A 61 3.43 2.53 17.07
C LYS A 61 2.01 2.68 17.59
N MET A 62 1.04 2.58 16.69
CA MET A 62 -0.37 2.71 17.06
C MET A 62 -1.19 1.57 16.48
N PRO A 63 -1.21 0.43 17.19
CA PRO A 63 -1.95 -0.76 16.76
C PRO A 63 -3.46 -0.56 16.85
N GLY A 64 -4.20 -1.34 16.06
CA GLY A 64 -5.64 -1.23 16.06
C GLY A 64 -6.14 0.06 15.42
N ARG A 65 -5.39 0.56 14.44
CA ARG A 65 -5.75 1.78 13.75
C ARG A 65 -5.08 1.86 12.38
N GLU A 66 -5.88 1.91 11.32
CA GLU A 66 -5.36 1.98 9.97
C GLU A 66 -5.74 3.30 9.31
N ILE A 67 -4.91 3.76 8.38
CA ILE A 67 -5.16 5.01 7.68
C ILE A 67 -5.44 4.76 6.19
N GLU A 68 -6.70 4.89 5.81
CA GLU A 68 -7.10 4.68 4.41
C GLU A 68 -6.49 5.74 3.51
N LEU A 69 -5.53 5.32 2.68
CA LEU A 69 -4.86 6.23 1.76
C LEU A 69 -5.78 6.62 0.60
N GLU A 70 -6.54 7.69 0.80
CA GLU A 70 -7.46 8.17 -0.22
C GLU A 70 -6.71 8.82 -1.37
N ASN A 71 -5.82 9.76 -1.03
CA ASN A 71 -5.04 10.47 -2.03
C ASN A 71 -4.01 9.54 -2.67
N ASP A 72 -4.19 9.28 -3.97
CA ASP A 72 -3.28 8.41 -4.70
C ASP A 72 -2.05 9.18 -5.17
N LEU A 73 -2.27 10.38 -5.68
CA LEU A 73 -1.19 11.22 -6.17
C LEU A 73 -0.17 11.49 -5.06
N GLN A 74 -0.60 11.32 -3.82
CA GLN A 74 0.27 11.54 -2.67
C GLN A 74 1.15 10.32 -2.41
N PRO A 75 2.44 10.56 -2.17
CA PRO A 75 3.41 9.50 -1.90
C PRO A 75 3.19 8.84 -0.54
N LEU A 76 3.88 7.73 -0.31
CA LEU A 76 3.76 7.01 0.95
C LEU A 76 4.25 7.85 2.12
N GLN A 77 5.25 8.68 1.87
CA GLN A 77 5.81 9.55 2.90
C GLN A 77 4.78 10.58 3.36
N PHE A 78 3.83 10.90 2.48
CA PHE A 78 2.79 11.86 2.81
C PHE A 78 1.82 11.30 3.83
N TYR A 79 1.88 9.99 4.04
CA TYR A 79 1.01 9.33 5.00
C TYR A 79 1.79 8.87 6.23
N SER A 80 3.02 9.34 6.35
CA SER A 80 3.87 8.97 7.47
C SER A 80 4.16 7.48 7.48
N VAL A 81 4.57 6.95 6.33
CA VAL A 81 4.87 5.53 6.21
C VAL A 81 6.37 5.28 6.23
N GLU A 82 6.83 4.50 7.20
CA GLU A 82 8.25 4.17 7.32
C GLU A 82 8.46 2.67 7.40
N ASN A 83 9.68 2.23 7.11
CA ASN A 83 10.02 0.81 7.16
C ASN A 83 9.51 0.17 8.43
N GLY A 84 8.84 -0.98 8.28
CA GLY A 84 8.30 -1.67 9.43
C GLY A 84 6.79 -1.72 9.43
N ASP A 85 6.17 -0.72 8.82
CA ASP A 85 4.71 -0.65 8.75
C ASP A 85 4.15 -1.84 7.98
N CYS A 86 2.84 -2.01 8.03
CA CYS A 86 2.18 -3.11 7.35
C CYS A 86 1.25 -2.59 6.25
N LEU A 87 1.36 -3.16 5.06
CA LEU A 87 0.54 -2.76 3.94
C LEU A 87 -0.70 -3.65 3.81
N LEU A 88 -1.86 -3.02 3.69
CA LEU A 88 -3.12 -3.77 3.56
C LEU A 88 -3.80 -3.44 2.24
N VAL A 89 -3.85 -4.42 1.34
CA VAL A 89 -4.48 -4.24 0.04
C VAL A 89 -5.91 -4.76 0.05
N ARG A 90 -6.86 -3.86 -0.22
CA ARG A 90 -8.27 -4.22 -0.25
C ARG A 90 -8.95 -3.68 -1.49
N TRP A 91 -10.22 -4.05 -1.68
CA TRP A 91 -10.98 -3.61 -2.85
C TRP A 91 -12.43 -4.06 -2.76
N SER A 92 -13.35 -3.20 -3.16
CA SER A 92 -14.77 -3.51 -3.12
C SER A 92 -15.24 -4.09 -4.46
N GLY A 93 -15.19 -5.41 -4.57
CA GLY A 93 -15.60 -6.06 -5.80
C GLY A 93 -15.00 -7.45 -5.96
N PRO A 94 -15.63 -8.45 -5.33
CA PRO A 94 -15.17 -9.83 -5.39
C PRO A 94 -15.36 -10.45 -6.78
N SER A 95 -14.25 -10.84 -7.41
CA SER A 95 -14.29 -11.43 -8.73
C SER A 95 -15.17 -12.69 -8.74
N SER A 96 -14.92 -13.56 -7.77
CA SER A 96 -15.67 -14.80 -7.66
C SER A 96 -16.02 -15.11 -6.21
N GLY A 97 -17.00 -15.99 -6.01
CA GLY A 97 -17.40 -16.35 -4.66
C GLY A 97 -17.81 -15.16 -3.83
N GLY A 1 3.42 15.50 -7.33
CA GLY A 1 4.49 15.49 -8.30
C GLY A 1 5.85 15.78 -7.67
N SER A 2 6.57 14.73 -7.32
CA SER A 2 7.89 14.89 -6.71
C SER A 2 8.94 14.06 -7.46
N SER A 3 9.76 14.74 -8.25
CA SER A 3 10.80 14.07 -9.02
C SER A 3 12.16 14.72 -8.77
N GLY A 4 13.07 13.96 -8.17
CA GLY A 4 14.40 14.47 -7.88
C GLY A 4 14.70 14.50 -6.40
N SER A 5 13.71 14.88 -5.60
CA SER A 5 13.89 14.96 -4.16
C SER A 5 14.30 13.60 -3.59
N SER A 6 15.18 13.62 -2.61
CA SER A 6 15.67 12.39 -1.99
C SER A 6 14.51 11.42 -1.76
N GLY A 7 14.84 10.13 -1.72
CA GLY A 7 13.83 9.11 -1.51
C GLY A 7 14.42 7.72 -1.34
N GLN A 8 14.13 7.09 -0.21
CA GLN A 8 14.65 5.75 0.08
C GLN A 8 13.53 4.72 -0.03
N LEU A 9 13.92 3.45 -0.12
CA LEU A 9 12.96 2.36 -0.22
C LEU A 9 12.56 1.86 1.16
N LEU A 10 11.26 1.67 1.36
CA LEU A 10 10.74 1.19 2.63
C LEU A 10 10.35 -0.28 2.55
N THR A 11 10.60 -1.02 3.62
CA THR A 11 10.27 -2.44 3.67
C THR A 11 8.93 -2.68 4.35
N LEU A 12 7.90 -2.88 3.55
CA LEU A 12 6.56 -3.12 4.08
C LEU A 12 6.06 -4.51 3.69
N LYS A 13 4.98 -4.94 4.31
CA LYS A 13 4.40 -6.25 4.03
C LYS A 13 2.99 -6.10 3.45
N ILE A 14 2.75 -6.73 2.31
CA ILE A 14 1.45 -6.66 1.66
C ILE A 14 0.59 -7.86 2.05
N LYS A 15 -0.51 -7.59 2.75
CA LYS A 15 -1.42 -8.64 3.18
C LYS A 15 -2.86 -8.31 2.81
N CYS A 16 -3.55 -9.27 2.20
CA CYS A 16 -4.93 -9.07 1.78
C CYS A 16 -5.88 -9.29 2.96
N SER A 17 -6.40 -8.19 3.50
CA SER A 17 -7.32 -8.26 4.63
C SER A 17 -8.50 -9.17 4.32
N ASN A 18 -9.16 -8.91 3.19
CA ASN A 18 -10.31 -9.72 2.78
C ASN A 18 -9.92 -11.18 2.62
N GLN A 19 -8.63 -11.44 2.64
CA GLN A 19 -8.12 -12.81 2.50
C GLN A 19 -7.19 -13.17 3.66
N PRO A 20 -7.73 -13.85 4.67
CA PRO A 20 -6.96 -14.26 5.85
C PRO A 20 -5.96 -15.36 5.53
N GLU A 21 -6.34 -16.24 4.60
CA GLU A 21 -5.47 -17.35 4.20
C GLU A 21 -4.33 -16.85 3.32
N ARG A 22 -4.65 -15.94 2.41
CA ARG A 22 -3.65 -15.38 1.50
C ARG A 22 -2.39 -14.99 2.26
N GLN A 23 -1.35 -15.79 2.12
CA GLN A 23 -0.08 -15.53 2.79
C GLN A 23 0.36 -14.08 2.58
N ILE A 24 1.36 -13.65 3.35
CA ILE A 24 1.87 -12.29 3.24
C ILE A 24 3.24 -12.26 2.58
N LEU A 25 3.49 -11.22 1.79
CA LEU A 25 4.77 -11.08 1.10
C LEU A 25 5.47 -9.80 1.52
N GLU A 26 6.67 -9.58 1.00
CA GLU A 26 7.45 -8.39 1.32
C GLU A 26 7.92 -7.69 0.05
N LYS A 27 7.61 -6.41 -0.05
CA LYS A 27 8.01 -5.62 -1.22
C LYS A 27 8.69 -4.33 -0.79
N GLN A 28 9.69 -3.91 -1.57
CA GLN A 28 10.43 -2.69 -1.28
C GLN A 28 10.18 -1.63 -2.34
N LEU A 29 9.64 -0.49 -1.92
CA LEU A 29 9.35 0.60 -2.85
C LEU A 29 9.78 1.94 -2.25
N PRO A 30 10.19 2.87 -3.13
CA PRO A 30 10.63 4.20 -2.72
C PRO A 30 9.49 5.06 -2.20
N ASP A 31 9.63 5.56 -0.98
CA ASP A 31 8.60 6.40 -0.37
C ASP A 31 8.08 7.43 -1.36
N SER A 32 8.88 7.73 -2.38
CA SER A 32 8.50 8.70 -3.40
C SER A 32 7.34 8.17 -4.23
N MET A 33 7.40 6.89 -4.59
CA MET A 33 6.34 6.27 -5.38
C MET A 33 4.96 6.63 -4.84
N THR A 34 4.18 7.34 -5.67
CA THR A 34 2.84 7.74 -5.27
C THR A 34 1.95 6.53 -5.01
N VAL A 35 1.03 6.67 -4.05
CA VAL A 35 0.12 5.59 -3.71
C VAL A 35 -0.54 5.01 -4.96
N GLN A 36 -0.78 5.86 -5.95
CA GLN A 36 -1.41 5.44 -7.19
C GLN A 36 -0.55 4.39 -7.90
N LYS A 37 0.73 4.68 -8.02
CA LYS A 37 1.66 3.77 -8.68
C LYS A 37 1.67 2.41 -7.98
N VAL A 38 1.80 2.43 -6.65
CA VAL A 38 1.82 1.20 -5.86
C VAL A 38 0.57 0.37 -6.11
N LYS A 39 -0.57 1.05 -6.25
CA LYS A 39 -1.84 0.38 -6.48
C LYS A 39 -1.86 -0.28 -7.85
N GLY A 40 -1.38 0.46 -8.86
CA GLY A 40 -1.35 -0.07 -10.21
C GLY A 40 -0.47 -1.30 -10.34
N LEU A 41 0.51 -1.41 -9.46
CA LEU A 41 1.43 -2.54 -9.47
C LEU A 41 0.70 -3.84 -9.17
N LEU A 42 -0.07 -3.84 -8.09
CA LEU A 42 -0.83 -5.04 -7.69
C LEU A 42 -2.08 -5.20 -8.54
N SER A 43 -2.62 -4.07 -9.01
CA SER A 43 -3.81 -4.09 -9.83
C SER A 43 -3.71 -5.14 -10.94
N ARG A 44 -2.53 -5.24 -11.54
CA ARG A 44 -2.29 -6.20 -12.60
C ARG A 44 -2.19 -7.61 -12.04
N LEU A 45 -1.79 -7.72 -10.77
CA LEU A 45 -1.65 -9.01 -10.12
C LEU A 45 -3.02 -9.59 -9.75
N LEU A 46 -3.74 -8.87 -8.89
CA LEU A 46 -5.06 -9.30 -8.46
C LEU A 46 -6.12 -8.89 -9.46
N LYS A 47 -5.68 -8.37 -10.61
CA LYS A 47 -6.60 -7.94 -11.66
C LYS A 47 -7.65 -6.98 -11.11
N VAL A 48 -7.27 -6.24 -10.05
CA VAL A 48 -8.18 -5.28 -9.43
C VAL A 48 -7.87 -3.86 -9.90
N PRO A 49 -8.92 -3.09 -10.17
CA PRO A 49 -8.80 -1.70 -10.62
C PRO A 49 -8.29 -0.78 -9.51
N VAL A 50 -7.23 -0.02 -9.83
CA VAL A 50 -6.65 0.90 -8.86
C VAL A 50 -7.73 1.72 -8.16
N SER A 51 -8.84 1.92 -8.85
CA SER A 51 -9.95 2.70 -8.30
C SER A 51 -10.52 2.02 -7.05
N GLU A 52 -10.73 0.72 -7.14
CA GLU A 52 -11.27 -0.04 -6.02
C GLU A 52 -10.18 -0.36 -5.00
N LEU A 53 -9.00 -0.71 -5.50
CA LEU A 53 -7.87 -1.03 -4.64
C LEU A 53 -7.74 -0.04 -3.50
N LEU A 54 -8.14 -0.45 -2.30
CA LEU A 54 -8.08 0.41 -1.13
C LEU A 54 -6.87 0.08 -0.26
N LEU A 55 -5.83 0.92 -0.35
CA LEU A 55 -4.62 0.71 0.42
C LEU A 55 -4.71 1.40 1.79
N SER A 56 -4.32 0.67 2.83
CA SER A 56 -4.36 1.20 4.19
C SER A 56 -3.20 0.67 5.01
N TYR A 57 -2.35 1.58 5.48
CA TYR A 57 -1.19 1.21 6.28
C TYR A 57 -1.50 1.35 7.77
N GLU A 58 -0.93 0.45 8.57
CA GLU A 58 -1.14 0.46 10.01
C GLU A 58 0.09 0.99 10.73
N SER A 59 -0.08 2.05 11.52
CA SER A 59 1.01 2.65 12.26
C SER A 59 1.42 1.77 13.44
N SER A 60 2.69 1.35 13.44
CA SER A 60 3.21 0.51 14.50
C SER A 60 3.05 1.17 15.86
N LYS A 61 3.47 2.43 15.95
CA LYS A 61 3.37 3.18 17.19
C LYS A 61 1.95 3.15 17.74
N MET A 62 1.00 2.83 16.88
CA MET A 62 -0.41 2.76 17.28
C MET A 62 -1.06 1.47 16.75
N PRO A 63 -0.87 0.37 17.50
CA PRO A 63 -1.43 -0.94 17.14
C PRO A 63 -2.94 -0.98 17.28
N GLY A 64 -3.63 -1.44 16.23
CA GLY A 64 -5.07 -1.52 16.26
C GLY A 64 -5.73 -0.33 15.58
N ARG A 65 -5.07 0.23 14.59
CA ARG A 65 -5.60 1.38 13.85
C ARG A 65 -4.97 1.47 12.46
N GLU A 66 -5.82 1.55 11.45
CA GLU A 66 -5.36 1.65 10.07
C GLU A 66 -5.83 2.95 9.42
N ILE A 67 -5.03 3.47 8.50
CA ILE A 67 -5.37 4.71 7.81
C ILE A 67 -5.61 4.47 6.33
N GLU A 68 -6.80 4.83 5.85
CA GLU A 68 -7.15 4.64 4.45
C GLU A 68 -6.56 5.75 3.59
N LEU A 69 -5.72 5.37 2.64
CA LEU A 69 -5.09 6.34 1.74
C LEU A 69 -6.03 6.73 0.60
N GLU A 70 -6.83 7.77 0.84
CA GLU A 70 -7.77 8.24 -0.18
C GLU A 70 -7.04 9.00 -1.28
N ASN A 71 -5.97 9.68 -0.91
CA ASN A 71 -5.19 10.45 -1.87
C ASN A 71 -4.18 9.57 -2.59
N ASP A 72 -4.34 9.43 -3.90
CA ASP A 72 -3.44 8.60 -4.71
C ASP A 72 -2.31 9.45 -5.29
N LEU A 73 -2.52 10.76 -5.34
CA LEU A 73 -1.53 11.68 -5.89
C LEU A 73 -0.48 12.03 -4.83
N GLN A 74 -0.61 11.43 -3.65
CA GLN A 74 0.33 11.67 -2.56
C GLN A 74 1.22 10.46 -2.32
N PRO A 75 2.50 10.72 -2.01
CA PRO A 75 3.47 9.65 -1.74
C PRO A 75 3.19 8.92 -0.43
N LEU A 76 4.03 7.93 -0.12
CA LEU A 76 3.87 7.16 1.11
C LEU A 76 4.31 7.96 2.32
N GLN A 77 5.29 8.84 2.11
CA GLN A 77 5.80 9.67 3.20
C GLN A 77 4.73 10.65 3.69
N PHE A 78 3.88 11.10 2.76
CA PHE A 78 2.81 12.04 3.10
C PHE A 78 1.96 11.50 4.24
N TYR A 79 1.78 10.19 4.28
CA TYR A 79 0.98 9.55 5.32
C TYR A 79 1.85 9.15 6.50
N SER A 80 3.06 9.71 6.57
CA SER A 80 3.99 9.41 7.65
C SER A 80 4.34 7.93 7.66
N VAL A 81 4.42 7.33 6.47
CA VAL A 81 4.75 5.91 6.36
C VAL A 81 6.26 5.70 6.35
N GLU A 82 6.71 4.73 7.13
CA GLU A 82 8.14 4.42 7.22
C GLU A 82 8.37 2.92 7.27
N ASN A 83 9.55 2.49 6.83
CA ASN A 83 9.90 1.07 6.83
C ASN A 83 9.41 0.39 8.10
N GLY A 84 8.95 -0.85 7.96
CA GLY A 84 8.46 -1.59 9.11
C GLY A 84 6.96 -1.69 9.13
N ASP A 85 6.29 -0.60 8.82
CA ASP A 85 4.82 -0.56 8.80
C ASP A 85 4.26 -1.73 8.00
N CYS A 86 2.94 -1.84 7.98
CA CYS A 86 2.27 -2.92 7.25
C CYS A 86 1.38 -2.35 6.15
N LEU A 87 1.26 -3.09 5.05
CA LEU A 87 0.45 -2.67 3.92
C LEU A 87 -0.80 -3.54 3.80
N LEU A 88 -1.97 -2.91 3.94
CA LEU A 88 -3.24 -3.63 3.85
C LEU A 88 -3.88 -3.41 2.49
N VAL A 89 -3.88 -4.46 1.66
CA VAL A 89 -4.47 -4.38 0.33
C VAL A 89 -5.94 -4.80 0.36
N ARG A 90 -6.81 -3.92 -0.11
CA ARG A 90 -8.24 -4.19 -0.15
C ARG A 90 -8.85 -3.78 -1.48
N TRP A 91 -10.10 -4.16 -1.71
CA TRP A 91 -10.79 -3.82 -2.94
C TRP A 91 -12.25 -4.27 -2.88
N SER A 92 -13.14 -3.48 -3.49
CA SER A 92 -14.56 -3.80 -3.51
C SER A 92 -14.91 -4.66 -4.73
N GLY A 93 -15.40 -5.86 -4.47
CA GLY A 93 -15.77 -6.76 -5.55
C GLY A 93 -17.23 -7.16 -5.50
N PRO A 94 -17.56 -8.13 -4.65
CA PRO A 94 -18.93 -8.63 -4.49
C PRO A 94 -19.84 -7.61 -3.81
N SER A 95 -19.29 -6.91 -2.83
CA SER A 95 -20.05 -5.90 -2.09
C SER A 95 -21.47 -6.39 -1.81
N SER A 96 -21.59 -7.64 -1.39
CA SER A 96 -22.89 -8.23 -1.10
C SER A 96 -23.49 -7.62 0.16
N GLY A 97 -24.43 -6.69 -0.03
CA GLY A 97 -25.07 -6.04 1.09
C GLY A 97 -26.58 -6.02 0.97
N GLY A 1 17.84 -0.37 -14.14
CA GLY A 1 18.75 0.71 -13.76
C GLY A 1 18.12 1.69 -12.78
N SER A 2 18.95 2.36 -12.00
CA SER A 2 18.47 3.33 -11.02
C SER A 2 19.44 4.50 -10.90
N SER A 3 18.99 5.67 -11.33
CA SER A 3 19.80 6.87 -11.28
C SER A 3 19.20 7.90 -10.32
N GLY A 4 20.06 8.62 -9.60
CA GLY A 4 19.59 9.62 -8.67
C GLY A 4 18.73 9.03 -7.57
N SER A 5 18.79 9.63 -6.38
CA SER A 5 18.02 9.16 -5.24
C SER A 5 16.74 9.97 -5.08
N SER A 6 15.69 9.57 -5.80
CA SER A 6 14.42 10.27 -5.74
C SER A 6 13.52 9.67 -4.66
N GLY A 7 14.11 9.39 -3.51
CA GLY A 7 13.35 8.81 -2.41
C GLY A 7 13.94 7.50 -1.92
N GLN A 8 13.70 7.18 -0.66
CA GLN A 8 14.21 5.95 -0.07
C GLN A 8 13.16 4.85 -0.09
N LEU A 9 13.61 3.61 -0.13
CA LEU A 9 12.70 2.47 -0.17
C LEU A 9 12.33 2.03 1.26
N LEU A 10 11.04 1.77 1.47
CA LEU A 10 10.55 1.35 2.78
C LEU A 10 10.23 -0.14 2.77
N THR A 11 10.71 -0.86 3.78
CA THR A 11 10.47 -2.29 3.89
C THR A 11 9.17 -2.56 4.64
N LEU A 12 8.12 -2.87 3.90
CA LEU A 12 6.81 -3.15 4.50
C LEU A 12 6.28 -4.50 4.03
N LYS A 13 5.17 -4.92 4.61
CA LYS A 13 4.55 -6.20 4.25
C LYS A 13 3.20 -5.98 3.57
N ILE A 14 2.99 -6.66 2.45
CA ILE A 14 1.74 -6.54 1.71
C ILE A 14 0.84 -7.75 1.95
N LYS A 15 -0.39 -7.50 2.39
CA LYS A 15 -1.35 -8.57 2.66
C LYS A 15 -2.77 -8.10 2.38
N CYS A 16 -3.53 -8.93 1.68
CA CYS A 16 -4.92 -8.59 1.35
C CYS A 16 -5.84 -8.93 2.51
N SER A 17 -6.49 -7.90 3.05
CA SER A 17 -7.40 -8.09 4.17
C SER A 17 -8.43 -9.18 3.87
N ASN A 18 -9.18 -8.99 2.78
CA ASN A 18 -10.20 -9.95 2.38
C ASN A 18 -9.60 -11.35 2.23
N GLN A 19 -8.27 -11.41 2.18
CA GLN A 19 -7.57 -12.68 2.05
C GLN A 19 -6.64 -12.92 3.23
N PRO A 20 -7.21 -13.48 4.31
CA PRO A 20 -6.45 -13.78 5.53
C PRO A 20 -5.46 -14.92 5.33
N GLU A 21 -5.86 -15.91 4.53
CA GLU A 21 -5.00 -17.07 4.26
C GLU A 21 -3.73 -16.65 3.54
N ARG A 22 -3.90 -15.96 2.41
CA ARG A 22 -2.76 -15.51 1.62
C ARG A 22 -1.62 -15.04 2.52
N GLN A 23 -0.58 -15.85 2.63
CA GLN A 23 0.56 -15.52 3.46
C GLN A 23 1.02 -14.08 3.23
N ILE A 24 1.50 -13.43 4.28
CA ILE A 24 1.96 -12.05 4.19
C ILE A 24 3.30 -11.97 3.48
N LEU A 25 3.38 -11.11 2.46
CA LEU A 25 4.61 -10.94 1.71
C LEU A 25 5.40 -9.72 2.21
N GLU A 26 6.52 -9.45 1.56
CA GLU A 26 7.37 -8.32 1.94
C GLU A 26 8.04 -7.71 0.71
N LYS A 27 7.67 -6.48 0.39
CA LYS A 27 8.25 -5.79 -0.76
C LYS A 27 8.78 -4.42 -0.35
N GLN A 28 9.73 -3.91 -1.14
CA GLN A 28 10.33 -2.60 -0.86
C GLN A 28 9.99 -1.59 -1.95
N LEU A 29 9.39 -0.48 -1.56
CA LEU A 29 9.01 0.56 -2.52
C LEU A 29 9.42 1.94 -2.00
N PRO A 30 9.83 2.82 -2.94
CA PRO A 30 10.24 4.18 -2.60
C PRO A 30 9.07 5.06 -2.16
N ASP A 31 9.16 5.58 -0.94
CA ASP A 31 8.10 6.42 -0.40
C ASP A 31 7.58 7.39 -1.46
N SER A 32 8.42 7.68 -2.45
CA SER A 32 8.06 8.59 -3.53
C SER A 32 6.90 8.02 -4.34
N MET A 33 7.00 6.74 -4.68
CA MET A 33 5.95 6.07 -5.45
C MET A 33 4.57 6.44 -4.93
N THR A 34 3.81 7.16 -5.75
CA THR A 34 2.47 7.58 -5.38
C THR A 34 1.56 6.37 -5.15
N VAL A 35 0.66 6.49 -4.18
CA VAL A 35 -0.27 5.40 -3.86
C VAL A 35 -0.84 4.78 -5.13
N GLN A 36 -1.16 5.63 -6.10
CA GLN A 36 -1.72 5.16 -7.37
C GLN A 36 -0.80 4.13 -8.01
N LYS A 37 0.49 4.44 -8.05
CA LYS A 37 1.48 3.53 -8.64
C LYS A 37 1.41 2.15 -8.00
N VAL A 38 1.51 2.11 -6.67
CA VAL A 38 1.45 0.85 -5.93
C VAL A 38 0.22 0.06 -6.30
N LYS A 39 -0.92 0.75 -6.40
CA LYS A 39 -2.18 0.11 -6.74
C LYS A 39 -2.18 -0.35 -8.20
N GLY A 40 -1.55 0.44 -9.07
CA GLY A 40 -1.49 0.09 -10.47
C GLY A 40 -0.60 -1.12 -10.73
N LEU A 41 0.46 -1.25 -9.95
CA LEU A 41 1.39 -2.37 -10.09
C LEU A 41 0.68 -3.69 -9.86
N LEU A 42 -0.22 -3.71 -8.89
CA LEU A 42 -0.98 -4.93 -8.57
C LEU A 42 -2.25 -5.01 -9.39
N SER A 43 -2.86 -3.85 -9.65
CA SER A 43 -4.09 -3.80 -10.43
C SER A 43 -4.06 -4.79 -11.59
N ARG A 44 -2.88 -4.91 -12.21
CA ARG A 44 -2.71 -5.82 -13.34
C ARG A 44 -2.71 -7.27 -12.86
N LEU A 45 -2.10 -7.51 -11.72
CA LEU A 45 -2.01 -8.85 -11.15
C LEU A 45 -3.36 -9.27 -10.57
N LEU A 46 -3.86 -8.49 -9.62
CA LEU A 46 -5.15 -8.79 -8.99
C LEU A 46 -6.30 -8.47 -9.93
N LYS A 47 -5.98 -8.08 -11.15
CA LYS A 47 -6.99 -7.74 -12.15
C LYS A 47 -8.02 -6.80 -11.57
N VAL A 48 -7.63 -6.04 -10.56
CA VAL A 48 -8.52 -5.08 -9.91
C VAL A 48 -8.15 -3.65 -10.27
N PRO A 49 -9.16 -2.81 -10.53
CA PRO A 49 -8.96 -1.41 -10.88
C PRO A 49 -8.45 -0.58 -9.71
N VAL A 50 -7.51 0.31 -9.98
CA VAL A 50 -6.94 1.18 -8.94
C VAL A 50 -8.03 1.95 -8.22
N SER A 51 -9.12 2.23 -8.92
CA SER A 51 -10.23 2.97 -8.34
C SER A 51 -10.86 2.20 -7.18
N GLU A 52 -11.03 0.89 -7.37
CA GLU A 52 -11.61 0.04 -6.35
C GLU A 52 -10.57 -0.34 -5.29
N LEU A 53 -9.31 -0.39 -5.71
CA LEU A 53 -8.22 -0.75 -4.82
C LEU A 53 -8.03 0.33 -3.75
N LEU A 54 -7.70 -0.11 -2.53
CA LEU A 54 -7.49 0.81 -1.42
C LEU A 54 -6.34 0.35 -0.54
N LEU A 55 -5.28 1.14 -0.50
CA LEU A 55 -4.11 0.80 0.32
C LEU A 55 -4.23 1.39 1.72
N SER A 56 -4.02 0.56 2.73
CA SER A 56 -4.11 0.99 4.11
C SER A 56 -2.91 0.49 4.92
N TYR A 57 -2.15 1.44 5.47
CA TYR A 57 -0.97 1.09 6.26
C TYR A 57 -1.28 1.16 7.76
N GLU A 58 -0.64 0.28 8.53
CA GLU A 58 -0.84 0.24 9.96
C GLU A 58 0.45 0.54 10.71
N SER A 59 0.45 1.66 11.45
CA SER A 59 1.63 2.06 12.21
C SER A 59 2.05 0.98 13.18
N SER A 60 3.17 1.21 13.88
CA SER A 60 3.69 0.24 14.83
C SER A 60 3.31 0.65 16.26
N LYS A 61 3.06 1.94 16.45
CA LYS A 61 2.70 2.45 17.77
C LYS A 61 1.19 2.43 17.96
N MET A 62 0.46 2.78 16.92
CA MET A 62 -1.01 2.80 16.98
C MET A 62 -1.59 1.64 16.17
N PRO A 63 -1.42 0.41 16.68
CA PRO A 63 -1.93 -0.80 16.03
C PRO A 63 -3.45 -0.89 16.05
N GLY A 64 -4.03 -1.45 15.00
CA GLY A 64 -5.47 -1.59 14.93
C GLY A 64 -6.12 -0.42 14.21
N ARG A 65 -5.41 0.70 14.13
CA ARG A 65 -5.94 1.89 13.48
C ARG A 65 -5.28 2.08 12.10
N GLU A 66 -5.82 1.38 11.11
CA GLU A 66 -5.28 1.47 9.75
C GLU A 66 -5.77 2.75 9.05
N ILE A 67 -4.86 3.40 8.35
CA ILE A 67 -5.20 4.64 7.64
C ILE A 67 -5.49 4.36 6.16
N GLU A 68 -6.76 4.37 5.81
CA GLU A 68 -7.17 4.12 4.43
C GLU A 68 -6.72 5.25 3.52
N LEU A 69 -5.76 4.95 2.64
CA LEU A 69 -5.22 5.95 1.72
C LEU A 69 -6.19 6.17 0.56
N GLU A 70 -6.81 7.35 0.52
CA GLU A 70 -7.75 7.69 -0.54
C GLU A 70 -7.12 8.65 -1.54
N ASN A 71 -6.07 9.34 -1.11
CA ASN A 71 -5.37 10.30 -1.97
C ASN A 71 -4.33 9.60 -2.83
N ASP A 72 -4.70 9.28 -4.06
CA ASP A 72 -3.79 8.60 -4.98
C ASP A 72 -2.67 9.53 -5.41
N LEU A 73 -2.93 10.83 -5.35
CA LEU A 73 -1.93 11.83 -5.73
C LEU A 73 -1.04 12.20 -4.55
N GLN A 74 -0.75 11.22 -3.71
CA GLN A 74 0.10 11.43 -2.54
C GLN A 74 0.98 10.22 -2.27
N PRO A 75 2.26 10.48 -1.97
CA PRO A 75 3.24 9.43 -1.68
C PRO A 75 2.95 8.72 -0.35
N LEU A 76 3.61 7.59 -0.14
CA LEU A 76 3.44 6.82 1.08
C LEU A 76 3.97 7.59 2.29
N GLN A 77 5.06 8.32 2.09
CA GLN A 77 5.66 9.10 3.16
C GLN A 77 4.70 10.18 3.66
N PHE A 78 3.89 10.70 2.75
CA PHE A 78 2.91 11.73 3.11
C PHE A 78 1.96 11.23 4.19
N TYR A 79 1.79 9.92 4.27
CA TYR A 79 0.91 9.32 5.25
C TYR A 79 1.69 8.85 6.48
N SER A 80 2.85 9.47 6.70
CA SER A 80 3.69 9.13 7.83
C SER A 80 4.05 7.64 7.81
N VAL A 81 4.24 7.11 6.60
CA VAL A 81 4.58 5.69 6.44
C VAL A 81 6.09 5.51 6.33
N GLU A 82 6.65 4.74 7.27
CA GLU A 82 8.09 4.49 7.28
C GLU A 82 8.37 3.00 7.45
N ASN A 83 9.59 2.59 7.09
CA ASN A 83 9.98 1.19 7.20
C ASN A 83 9.55 0.60 8.53
N GLY A 84 8.95 -0.58 8.49
CA GLY A 84 8.50 -1.24 9.69
C GLY A 84 7.00 -1.47 9.70
N ASP A 85 6.24 -0.44 9.36
CA ASP A 85 4.78 -0.53 9.33
C ASP A 85 4.33 -1.70 8.45
N CYS A 86 3.03 -1.85 8.30
CA CYS A 86 2.46 -2.93 7.50
C CYS A 86 1.52 -2.37 6.44
N LEU A 87 1.45 -3.04 5.29
CA LEU A 87 0.59 -2.62 4.20
C LEU A 87 -0.60 -3.56 4.05
N LEU A 88 -1.79 -2.99 3.93
CA LEU A 88 -3.01 -3.77 3.77
C LEU A 88 -3.71 -3.45 2.46
N VAL A 89 -3.64 -4.37 1.51
CA VAL A 89 -4.27 -4.18 0.21
C VAL A 89 -5.73 -4.63 0.23
N ARG A 90 -6.64 -3.67 0.34
CA ARG A 90 -8.07 -3.96 0.39
C ARG A 90 -8.81 -3.21 -0.72
N TRP A 91 -9.92 -3.77 -1.18
CA TRP A 91 -10.72 -3.15 -2.22
C TRP A 91 -12.21 -3.37 -1.98
N SER A 92 -13.03 -2.63 -2.70
CA SER A 92 -14.48 -2.73 -2.56
C SER A 92 -15.12 -3.20 -3.86
N GLY A 93 -16.36 -3.69 -3.76
CA GLY A 93 -17.06 -4.16 -4.94
C GLY A 93 -16.38 -5.35 -5.58
N PRO A 94 -16.44 -6.51 -4.90
CA PRO A 94 -15.83 -7.75 -5.39
C PRO A 94 -16.57 -8.32 -6.61
N SER A 95 -16.06 -8.01 -7.79
CA SER A 95 -16.67 -8.49 -9.03
C SER A 95 -15.75 -8.25 -10.22
N SER A 96 -15.44 -9.31 -10.94
CA SER A 96 -14.57 -9.22 -12.11
C SER A 96 -15.17 -9.94 -13.31
N GLY A 97 -15.42 -9.19 -14.38
CA GLY A 97 -16.01 -9.76 -15.57
C GLY A 97 -17.53 -9.77 -15.54
N GLY A 1 25.97 10.89 3.41
CA GLY A 1 26.71 12.04 3.88
C GLY A 1 26.07 13.35 3.48
N SER A 2 26.68 14.05 2.53
CA SER A 2 26.17 15.33 2.05
C SER A 2 25.06 15.12 1.02
N SER A 3 23.83 14.96 1.50
CA SER A 3 22.69 14.75 0.62
C SER A 3 21.42 15.29 1.26
N GLY A 4 20.53 15.84 0.42
CA GLY A 4 19.29 16.39 0.92
C GLY A 4 18.15 15.38 0.88
N SER A 5 17.33 15.45 -0.17
CA SER A 5 16.21 14.54 -0.32
C SER A 5 16.29 13.79 -1.65
N SER A 6 16.55 12.49 -1.57
CA SER A 6 16.66 11.66 -2.77
C SER A 6 15.60 10.58 -2.77
N GLY A 7 15.55 9.80 -1.69
CA GLY A 7 14.58 8.73 -1.59
C GLY A 7 15.19 7.42 -1.12
N GLN A 8 14.39 6.57 -0.49
CA GLN A 8 14.86 5.29 0.02
C GLN A 8 13.73 4.27 0.05
N LEU A 9 14.07 3.01 -0.23
CA LEU A 9 13.09 1.94 -0.24
C LEU A 9 12.57 1.67 1.17
N LEU A 10 11.28 1.38 1.28
CA LEU A 10 10.67 1.10 2.58
C LEU A 10 10.24 -0.37 2.66
N THR A 11 10.90 -1.11 3.55
CA THR A 11 10.59 -2.52 3.74
C THR A 11 9.25 -2.71 4.43
N LEU A 12 8.21 -2.97 3.64
CA LEU A 12 6.87 -3.16 4.18
C LEU A 12 6.35 -4.55 3.84
N LYS A 13 5.15 -4.87 4.31
CA LYS A 13 4.53 -6.16 4.06
C LYS A 13 3.13 -5.99 3.46
N ILE A 14 2.89 -6.67 2.34
CA ILE A 14 1.61 -6.59 1.67
C ILE A 14 0.71 -7.78 2.05
N LYS A 15 -0.55 -7.49 2.35
CA LYS A 15 -1.50 -8.52 2.73
C LYS A 15 -2.94 -8.05 2.53
N CYS A 16 -3.74 -8.87 1.85
CA CYS A 16 -5.13 -8.53 1.60
C CYS A 16 -5.98 -8.75 2.84
N SER A 17 -6.57 -7.67 3.35
CA SER A 17 -7.40 -7.75 4.54
C SER A 17 -8.59 -8.70 4.32
N ASN A 18 -8.95 -8.89 3.06
CA ASN A 18 -10.05 -9.77 2.70
C ASN A 18 -9.58 -11.21 2.52
N GLN A 19 -8.27 -11.37 2.34
CA GLN A 19 -7.68 -12.69 2.15
C GLN A 19 -6.72 -13.03 3.27
N PRO A 20 -7.24 -13.68 4.33
CA PRO A 20 -6.44 -14.06 5.50
C PRO A 20 -5.45 -15.18 5.17
N GLU A 21 -5.92 -16.20 4.46
CA GLU A 21 -5.07 -17.32 4.09
C GLU A 21 -3.85 -16.85 3.32
N ARG A 22 -4.07 -16.01 2.31
CA ARG A 22 -2.98 -15.48 1.50
C ARG A 22 -1.79 -15.08 2.36
N GLN A 23 -0.72 -15.86 2.28
CA GLN A 23 0.48 -15.58 3.06
C GLN A 23 0.99 -14.17 2.80
N ILE A 24 1.45 -13.51 3.85
CA ILE A 24 1.98 -12.15 3.73
C ILE A 24 3.28 -12.14 2.95
N LEU A 25 3.49 -11.08 2.16
CA LEU A 25 4.70 -10.94 1.36
C LEU A 25 5.52 -9.74 1.82
N GLU A 26 6.72 -9.60 1.27
CA GLU A 26 7.60 -8.49 1.62
C GLU A 26 8.13 -7.79 0.37
N LYS A 27 7.83 -6.50 0.25
CA LYS A 27 8.27 -5.72 -0.90
C LYS A 27 8.86 -4.39 -0.47
N GLN A 28 9.76 -3.84 -1.27
CA GLN A 28 10.39 -2.57 -0.97
C GLN A 28 10.04 -1.51 -2.01
N LEU A 29 9.46 -0.41 -1.55
CA LEU A 29 9.07 0.67 -2.45
C LEU A 29 9.48 2.03 -1.88
N PRO A 30 9.92 2.94 -2.76
CA PRO A 30 10.35 4.28 -2.37
C PRO A 30 9.18 5.15 -1.91
N ASP A 31 9.29 5.69 -0.70
CA ASP A 31 8.25 6.54 -0.15
C ASP A 31 7.77 7.56 -1.18
N SER A 32 8.64 7.88 -2.13
CA SER A 32 8.31 8.84 -3.18
C SER A 32 7.15 8.34 -4.03
N MET A 33 7.14 7.05 -4.32
CA MET A 33 6.08 6.44 -5.12
C MET A 33 4.71 6.84 -4.60
N THR A 34 3.85 7.29 -5.50
CA THR A 34 2.50 7.71 -5.13
C THR A 34 1.61 6.51 -4.88
N VAL A 35 0.72 6.63 -3.89
CA VAL A 35 -0.21 5.55 -3.55
C VAL A 35 -0.78 4.90 -4.80
N GLN A 36 -1.11 5.72 -5.79
CA GLN A 36 -1.67 5.23 -7.04
C GLN A 36 -0.74 4.21 -7.69
N LYS A 37 0.54 4.53 -7.74
CA LYS A 37 1.53 3.64 -8.33
C LYS A 37 1.47 2.25 -7.70
N VAL A 38 1.56 2.21 -6.38
CA VAL A 38 1.50 0.94 -5.65
C VAL A 38 0.23 0.17 -5.99
N LYS A 39 -0.87 0.90 -6.15
CA LYS A 39 -2.15 0.28 -6.48
C LYS A 39 -2.12 -0.34 -7.88
N GLY A 40 -1.47 0.36 -8.80
CA GLY A 40 -1.37 -0.12 -10.17
C GLY A 40 -0.47 -1.35 -10.29
N LEU A 41 0.66 -1.31 -9.59
CA LEU A 41 1.61 -2.42 -9.63
C LEU A 41 0.92 -3.75 -9.34
N LEU A 42 0.02 -3.73 -8.35
CA LEU A 42 -0.72 -4.94 -7.97
C LEU A 42 -1.95 -5.11 -8.85
N SER A 43 -2.59 -4.00 -9.19
CA SER A 43 -3.79 -4.03 -10.02
C SER A 43 -3.72 -5.15 -11.05
N ARG A 44 -2.50 -5.42 -11.53
CA ARG A 44 -2.29 -6.47 -12.51
C ARG A 44 -2.22 -7.84 -11.84
N LEU A 45 -1.39 -7.95 -10.81
CA LEU A 45 -1.22 -9.19 -10.07
C LEU A 45 -2.57 -9.68 -9.53
N LEU A 46 -3.32 -8.78 -8.94
CA LEU A 46 -4.63 -9.11 -8.38
C LEU A 46 -5.75 -8.78 -9.35
N LYS A 47 -5.37 -8.44 -10.58
CA LYS A 47 -6.34 -8.09 -11.62
C LYS A 47 -7.44 -7.21 -11.05
N VAL A 48 -7.04 -6.19 -10.29
CA VAL A 48 -8.00 -5.27 -9.69
C VAL A 48 -7.69 -3.83 -10.10
N PRO A 49 -8.76 -3.07 -10.40
CA PRO A 49 -8.63 -1.66 -10.81
C PRO A 49 -8.18 -0.76 -9.66
N VAL A 50 -7.17 0.06 -9.92
CA VAL A 50 -6.65 0.98 -8.91
C VAL A 50 -7.78 1.72 -8.21
N SER A 51 -8.91 1.86 -8.89
CA SER A 51 -10.06 2.55 -8.33
C SER A 51 -10.67 1.76 -7.19
N GLU A 52 -10.74 0.44 -7.36
CA GLU A 52 -11.31 -0.43 -6.33
C GLU A 52 -10.21 -0.94 -5.40
N LEU A 53 -8.99 -0.44 -5.58
CA LEU A 53 -7.85 -0.85 -4.76
C LEU A 53 -7.59 0.16 -3.66
N LEU A 54 -8.22 -0.06 -2.50
CA LEU A 54 -8.05 0.83 -1.36
C LEU A 54 -6.86 0.40 -0.50
N LEU A 55 -5.79 1.18 -0.55
CA LEU A 55 -4.58 0.88 0.22
C LEU A 55 -4.68 1.48 1.62
N SER A 56 -4.21 0.72 2.62
CA SER A 56 -4.24 1.18 4.00
C SER A 56 -3.03 0.67 4.77
N TYR A 57 -2.23 1.59 5.28
CA TYR A 57 -1.04 1.23 6.04
C TYR A 57 -1.30 1.28 7.53
N GLU A 58 -0.74 0.32 8.26
CA GLU A 58 -0.92 0.25 9.70
C GLU A 58 0.32 0.75 10.43
N SER A 59 0.12 1.73 11.31
CA SER A 59 1.24 2.30 12.08
C SER A 59 1.82 1.27 13.04
N SER A 60 3.14 1.17 13.06
CA SER A 60 3.82 0.22 13.94
C SER A 60 3.57 0.57 15.41
N LYS A 61 3.75 1.84 15.75
CA LYS A 61 3.55 2.30 17.12
C LYS A 61 2.09 2.13 17.53
N MET A 62 1.21 1.99 16.56
CA MET A 62 -0.21 1.81 16.81
C MET A 62 -0.78 0.66 15.98
N PRO A 63 -0.67 -0.56 16.51
CA PRO A 63 -1.17 -1.76 15.84
C PRO A 63 -2.70 -1.81 15.80
N GLY A 64 -3.24 -2.53 14.81
CA GLY A 64 -4.68 -2.64 14.68
C GLY A 64 -5.28 -1.46 13.95
N ARG A 65 -4.77 -0.27 14.21
CA ARG A 65 -5.27 0.94 13.56
C ARG A 65 -4.69 1.10 12.17
N GLU A 66 -5.56 1.15 11.17
CA GLU A 66 -5.13 1.29 9.78
C GLU A 66 -5.63 2.61 9.19
N ILE A 67 -4.81 3.22 8.34
CA ILE A 67 -5.18 4.48 7.70
C ILE A 67 -5.50 4.28 6.23
N GLU A 68 -6.74 4.56 5.86
CA GLU A 68 -7.18 4.41 4.47
C GLU A 68 -6.65 5.55 3.61
N LEU A 69 -5.78 5.20 2.66
CA LEU A 69 -5.20 6.19 1.77
C LEU A 69 -6.21 6.65 0.72
N GLU A 70 -6.78 7.82 0.94
CA GLU A 70 -7.77 8.37 0.00
C GLU A 70 -7.10 8.90 -1.25
N ASN A 71 -6.13 9.81 -1.07
CA ASN A 71 -5.42 10.39 -2.20
C ASN A 71 -4.47 9.37 -2.83
N ASP A 72 -4.51 9.28 -4.15
CA ASP A 72 -3.66 8.35 -4.88
C ASP A 72 -2.42 9.05 -5.44
N LEU A 73 -2.55 10.34 -5.73
CA LEU A 73 -1.45 11.13 -6.27
C LEU A 73 -0.59 11.68 -5.15
N GLN A 74 -0.45 10.90 -4.07
CA GLN A 74 0.36 11.30 -2.93
C GLN A 74 1.33 10.20 -2.53
N PRO A 75 2.56 10.60 -2.19
CA PRO A 75 3.61 9.65 -1.78
C PRO A 75 3.34 9.03 -0.42
N LEU A 76 3.80 7.80 -0.24
CA LEU A 76 3.60 7.09 1.02
C LEU A 76 4.07 7.93 2.20
N GLN A 77 5.15 8.69 1.99
CA GLN A 77 5.70 9.54 3.03
C GLN A 77 4.66 10.53 3.54
N PHE A 78 3.79 10.98 2.64
CA PHE A 78 2.74 11.93 3.00
C PHE A 78 1.88 11.39 4.15
N TYR A 79 1.58 10.10 4.09
CA TYR A 79 0.77 9.45 5.11
C TYR A 79 1.64 8.98 6.28
N SER A 80 2.78 9.63 6.47
CA SER A 80 3.70 9.28 7.54
C SER A 80 4.06 7.80 7.48
N VAL A 81 4.36 7.32 6.28
CA VAL A 81 4.72 5.92 6.08
C VAL A 81 6.24 5.75 5.99
N GLU A 82 6.79 4.89 6.83
CA GLU A 82 8.22 4.64 6.85
C GLU A 82 8.51 3.14 6.97
N ASN A 83 9.70 2.74 6.54
CA ASN A 83 10.10 1.34 6.60
C ASN A 83 9.63 0.69 7.90
N GLY A 84 9.22 -0.57 7.81
CA GLY A 84 8.74 -1.27 8.98
C GLY A 84 7.23 -1.39 9.02
N ASP A 85 6.54 -0.31 8.70
CA ASP A 85 5.09 -0.29 8.69
C ASP A 85 4.53 -1.48 7.92
N CYS A 86 3.21 -1.61 7.90
CA CYS A 86 2.55 -2.71 7.21
C CYS A 86 1.64 -2.17 6.10
N LEU A 87 1.51 -2.96 5.03
CA LEU A 87 0.67 -2.57 3.90
C LEU A 87 -0.55 -3.48 3.79
N LEU A 88 -1.73 -2.87 3.74
CA LEU A 88 -2.97 -3.62 3.63
C LEU A 88 -3.72 -3.28 2.35
N VAL A 89 -4.00 -4.29 1.54
CA VAL A 89 -4.71 -4.08 0.28
C VAL A 89 -6.14 -4.59 0.37
N ARG A 90 -7.10 -3.70 0.12
CA ARG A 90 -8.51 -4.07 0.17
C ARG A 90 -9.26 -3.51 -1.03
N TRP A 91 -10.26 -4.24 -1.49
CA TRP A 91 -11.06 -3.80 -2.64
C TRP A 91 -12.50 -4.32 -2.52
N SER A 92 -13.45 -3.47 -2.88
CA SER A 92 -14.87 -3.83 -2.81
C SER A 92 -15.41 -4.12 -4.21
N GLY A 93 -16.37 -5.04 -4.28
CA GLY A 93 -16.96 -5.41 -5.55
C GLY A 93 -16.89 -6.90 -5.82
N PRO A 94 -17.86 -7.65 -5.29
CA PRO A 94 -17.92 -9.10 -5.46
C PRO A 94 -18.27 -9.50 -6.89
N SER A 95 -18.51 -8.49 -7.74
CA SER A 95 -18.87 -8.73 -9.13
C SER A 95 -18.13 -9.96 -9.68
N SER A 96 -18.81 -11.10 -9.65
CA SER A 96 -18.22 -12.34 -10.15
C SER A 96 -19.25 -13.18 -10.90
N GLY A 97 -18.91 -13.55 -12.14
CA GLY A 97 -19.82 -14.34 -12.94
C GLY A 97 -19.15 -15.55 -13.56
N GLY A 1 15.49 9.29 -12.98
CA GLY A 1 16.40 10.26 -12.40
C GLY A 1 15.93 10.79 -11.06
N SER A 2 16.84 11.40 -10.32
CA SER A 2 16.51 11.95 -9.01
C SER A 2 17.42 13.12 -8.66
N SER A 3 16.87 14.12 -7.99
CA SER A 3 17.63 15.30 -7.60
C SER A 3 19.04 14.91 -7.18
N GLY A 4 19.13 14.00 -6.20
CA GLY A 4 20.42 13.56 -5.73
C GLY A 4 20.32 12.73 -4.46
N SER A 5 20.01 11.45 -4.62
CA SER A 5 19.88 10.55 -3.48
C SER A 5 18.76 11.01 -2.56
N SER A 6 17.66 11.47 -3.15
CA SER A 6 16.51 11.94 -2.39
C SER A 6 15.36 10.94 -2.47
N GLY A 7 15.40 9.93 -1.60
CA GLY A 7 14.35 8.92 -1.59
C GLY A 7 14.86 7.55 -1.18
N GLN A 8 14.35 7.05 -0.06
CA GLN A 8 14.76 5.75 0.45
C GLN A 8 13.64 4.73 0.32
N LEU A 9 14.01 3.47 0.17
CA LEU A 9 13.02 2.40 0.03
C LEU A 9 12.60 1.87 1.40
N LEU A 10 11.29 1.69 1.59
CA LEU A 10 10.76 1.18 2.85
C LEU A 10 10.38 -0.29 2.73
N THR A 11 10.66 -1.06 3.77
CA THR A 11 10.33 -2.48 3.78
C THR A 11 9.01 -2.73 4.48
N LEU A 12 7.97 -3.02 3.69
CA LEU A 12 6.65 -3.29 4.22
C LEU A 12 6.14 -4.65 3.75
N LYS A 13 5.06 -5.11 4.38
CA LYS A 13 4.46 -6.39 4.01
C LYS A 13 3.05 -6.20 3.47
N ILE A 14 2.78 -6.83 2.32
CA ILE A 14 1.46 -6.74 1.70
C ILE A 14 0.58 -7.91 2.09
N LYS A 15 -0.55 -7.61 2.73
CA LYS A 15 -1.49 -8.65 3.15
C LYS A 15 -2.87 -8.38 2.59
N CYS A 16 -3.43 -9.37 1.90
CA CYS A 16 -4.76 -9.23 1.31
C CYS A 16 -5.84 -9.39 2.37
N SER A 17 -6.36 -8.26 2.84
CA SER A 17 -7.39 -8.27 3.88
C SER A 17 -8.52 -9.23 3.51
N ASN A 18 -9.07 -9.06 2.30
CA ASN A 18 -10.15 -9.91 1.83
C ASN A 18 -9.72 -11.37 1.78
N GLN A 19 -8.42 -11.59 1.55
CA GLN A 19 -7.87 -12.93 1.48
C GLN A 19 -7.05 -13.25 2.71
N PRO A 20 -7.69 -13.86 3.71
CA PRO A 20 -7.02 -14.24 4.97
C PRO A 20 -6.03 -15.38 4.78
N GLU A 21 -6.46 -16.42 4.08
CA GLU A 21 -5.61 -17.58 3.83
C GLU A 21 -4.41 -17.19 2.96
N ARG A 22 -4.63 -16.26 2.05
CA ARG A 22 -3.57 -15.80 1.15
C ARG A 22 -2.29 -15.51 1.93
N GLN A 23 -1.17 -16.03 1.44
CA GLN A 23 0.11 -15.82 2.10
C GLN A 23 0.55 -14.36 2.00
N ILE A 24 1.50 -13.98 2.84
CA ILE A 24 2.01 -12.61 2.84
C ILE A 24 3.35 -12.51 2.13
N LEU A 25 3.56 -11.42 1.41
CA LEU A 25 4.79 -11.20 0.67
C LEU A 25 5.54 -9.98 1.22
N GLU A 26 6.72 -9.71 0.66
CA GLU A 26 7.52 -8.58 1.09
C GLU A 26 8.12 -7.86 -0.11
N LYS A 27 7.81 -6.58 -0.24
CA LYS A 27 8.31 -5.76 -1.34
C LYS A 27 8.87 -4.44 -0.83
N GLN A 28 9.87 -3.92 -1.53
CA GLN A 28 10.50 -2.65 -1.15
C GLN A 28 10.21 -1.57 -2.19
N LEU A 29 9.62 -0.47 -1.73
CA LEU A 29 9.29 0.64 -2.61
C LEU A 29 9.73 1.98 -2.00
N PRO A 30 10.14 2.91 -2.86
CA PRO A 30 10.59 4.24 -2.43
C PRO A 30 9.44 5.09 -1.91
N ASP A 31 9.61 5.62 -0.70
CA ASP A 31 8.59 6.46 -0.08
C ASP A 31 8.12 7.55 -1.05
N SER A 32 8.98 7.88 -2.01
CA SER A 32 8.66 8.92 -2.99
C SER A 32 7.52 8.47 -3.91
N MET A 33 7.48 7.16 -4.18
CA MET A 33 6.45 6.60 -5.04
C MET A 33 5.07 7.14 -4.66
N THR A 34 4.18 7.24 -5.65
CA THR A 34 2.83 7.74 -5.41
C THR A 34 1.86 6.60 -5.13
N VAL A 35 1.03 6.78 -4.11
CA VAL A 35 0.05 5.77 -3.73
C VAL A 35 -0.57 5.11 -4.96
N GLN A 36 -0.81 5.92 -6.00
CA GLN A 36 -1.39 5.42 -7.23
C GLN A 36 -0.55 4.29 -7.81
N LYS A 37 0.74 4.55 -7.99
CA LYS A 37 1.65 3.55 -8.55
C LYS A 37 1.54 2.24 -7.78
N VAL A 38 1.71 2.31 -6.47
CA VAL A 38 1.64 1.11 -5.62
C VAL A 38 0.38 0.31 -5.92
N LYS A 39 -0.71 1.01 -6.24
CA LYS A 39 -1.98 0.36 -6.55
C LYS A 39 -1.96 -0.21 -7.96
N GLY A 40 -1.28 0.48 -8.87
CA GLY A 40 -1.21 0.02 -10.25
C GLY A 40 -0.30 -1.20 -10.40
N LEU A 41 0.61 -1.38 -9.44
CA LEU A 41 1.53 -2.51 -9.47
C LEU A 41 0.82 -3.80 -9.13
N LEU A 42 -0.08 -3.75 -8.15
CA LEU A 42 -0.83 -4.93 -7.73
C LEU A 42 -2.12 -5.06 -8.53
N SER A 43 -2.55 -3.96 -9.15
CA SER A 43 -3.77 -3.96 -9.95
C SER A 43 -3.69 -5.01 -11.05
N ARG A 44 -2.48 -5.32 -11.50
CA ARG A 44 -2.27 -6.31 -12.54
C ARG A 44 -2.09 -7.70 -11.95
N LEU A 45 -1.80 -7.75 -10.65
CA LEU A 45 -1.61 -9.02 -9.97
C LEU A 45 -2.94 -9.65 -9.59
N LEU A 46 -3.68 -8.98 -8.72
CA LEU A 46 -4.98 -9.47 -8.28
C LEU A 46 -6.07 -9.13 -9.29
N LYS A 47 -5.66 -8.55 -10.42
CA LYS A 47 -6.59 -8.17 -11.47
C LYS A 47 -7.66 -7.22 -10.94
N VAL A 48 -7.25 -6.29 -10.08
CA VAL A 48 -8.17 -5.33 -9.50
C VAL A 48 -7.84 -3.91 -9.95
N PRO A 49 -8.87 -3.14 -10.30
CA PRO A 49 -8.73 -1.75 -10.75
C PRO A 49 -8.27 -0.82 -9.62
N VAL A 50 -7.26 -0.01 -9.90
CA VAL A 50 -6.74 0.93 -8.92
C VAL A 50 -7.88 1.72 -8.25
N SER A 51 -9.03 1.78 -8.93
CA SER A 51 -10.19 2.49 -8.40
C SER A 51 -10.83 1.72 -7.26
N GLU A 52 -10.86 0.39 -7.40
CA GLU A 52 -11.46 -0.46 -6.37
C GLU A 52 -10.41 -0.90 -5.35
N LEU A 53 -9.16 -0.51 -5.59
CA LEU A 53 -8.06 -0.86 -4.70
C LEU A 53 -7.93 0.17 -3.58
N LEU A 54 -8.15 -0.26 -2.35
CA LEU A 54 -8.05 0.63 -1.20
C LEU A 54 -6.89 0.22 -0.29
N LEU A 55 -5.78 0.94 -0.38
CA LEU A 55 -4.61 0.65 0.44
C LEU A 55 -4.70 1.35 1.79
N SER A 56 -4.33 0.63 2.85
CA SER A 56 -4.38 1.18 4.20
C SER A 56 -3.17 0.72 5.02
N TYR A 57 -2.35 1.67 5.43
CA TYR A 57 -1.16 1.37 6.22
C TYR A 57 -1.44 1.51 7.71
N GLU A 58 -1.04 0.50 8.48
CA GLU A 58 -1.25 0.52 9.92
C GLU A 58 -0.01 1.04 10.64
N SER A 59 -0.18 2.15 11.36
CA SER A 59 0.92 2.76 12.10
C SER A 59 1.26 1.96 13.36
N SER A 60 2.54 1.69 13.56
CA SER A 60 2.98 0.92 14.73
C SER A 60 2.72 1.71 16.01
N LYS A 61 3.13 2.96 16.02
CA LYS A 61 2.95 3.82 17.19
C LYS A 61 1.51 3.72 17.72
N MET A 62 0.56 3.63 16.80
CA MET A 62 -0.85 3.53 17.16
C MET A 62 -1.44 2.22 16.66
N PRO A 63 -1.23 1.14 17.43
CA PRO A 63 -1.75 -0.19 17.09
C PRO A 63 -3.27 -0.28 17.20
N GLY A 64 -3.90 -0.96 16.25
CA GLY A 64 -5.34 -1.11 16.27
C GLY A 64 -6.05 0.03 15.54
N ARG A 65 -5.38 0.58 14.54
CA ARG A 65 -5.95 1.68 13.77
C ARG A 65 -5.22 1.84 12.43
N GLU A 66 -5.95 1.65 11.34
CA GLU A 66 -5.38 1.77 10.00
C GLU A 66 -5.80 3.07 9.34
N ILE A 67 -4.97 3.59 8.45
CA ILE A 67 -5.26 4.83 7.74
C ILE A 67 -5.62 4.55 6.28
N GLU A 68 -6.88 4.80 5.93
CA GLU A 68 -7.35 4.58 4.56
C GLU A 68 -6.83 5.68 3.64
N LEU A 69 -5.94 5.29 2.72
CA LEU A 69 -5.36 6.23 1.78
C LEU A 69 -6.37 6.60 0.69
N GLU A 70 -6.89 7.82 0.76
CA GLU A 70 -7.87 8.29 -0.22
C GLU A 70 -7.17 8.96 -1.40
N ASN A 71 -6.03 9.59 -1.13
CA ASN A 71 -5.27 10.27 -2.17
C ASN A 71 -4.34 9.30 -2.89
N ASP A 72 -4.15 9.53 -4.19
CA ASP A 72 -3.28 8.67 -4.99
C ASP A 72 -2.05 9.44 -5.47
N LEU A 73 -2.27 10.65 -5.98
CA LEU A 73 -1.19 11.48 -6.47
C LEU A 73 -0.20 11.81 -5.36
N GLN A 74 -0.62 11.57 -4.12
CA GLN A 74 0.23 11.84 -2.96
C GLN A 74 1.15 10.67 -2.69
N PRO A 75 2.41 10.96 -2.36
CA PRO A 75 3.43 9.94 -2.05
C PRO A 75 3.15 9.22 -0.74
N LEU A 76 3.92 8.17 -0.48
CA LEU A 76 3.76 7.40 0.75
C LEU A 76 4.26 8.18 1.96
N GLN A 77 5.31 8.96 1.77
CA GLN A 77 5.88 9.77 2.85
C GLN A 77 4.85 10.78 3.36
N PHE A 78 3.90 11.13 2.51
CA PHE A 78 2.86 12.09 2.88
C PHE A 78 1.95 11.51 3.97
N TYR A 79 1.73 10.21 3.91
CA TYR A 79 0.88 9.54 4.89
C TYR A 79 1.69 9.13 6.13
N SER A 80 2.90 9.65 6.22
CA SER A 80 3.78 9.33 7.35
C SER A 80 4.10 7.85 7.39
N VAL A 81 4.30 7.26 6.22
CA VAL A 81 4.63 5.84 6.11
C VAL A 81 6.13 5.61 6.23
N GLU A 82 6.52 4.79 7.20
CA GLU A 82 7.93 4.48 7.42
C GLU A 82 8.18 2.97 7.38
N ASN A 83 9.41 2.60 7.09
CA ASN A 83 9.78 1.19 7.02
C ASN A 83 9.33 0.43 8.26
N GLY A 84 8.81 -0.77 8.07
CA GLY A 84 8.35 -1.57 9.19
C GLY A 84 6.84 -1.65 9.25
N ASP A 85 6.16 -0.67 8.66
CA ASP A 85 4.70 -0.64 8.67
C ASP A 85 4.13 -1.82 7.88
N CYS A 86 2.81 -1.93 7.88
CA CYS A 86 2.14 -3.01 7.17
C CYS A 86 1.14 -2.47 6.16
N LEU A 87 1.29 -2.89 4.91
CA LEU A 87 0.40 -2.44 3.83
C LEU A 87 -0.78 -3.37 3.69
N LEU A 88 -1.98 -2.85 3.93
CA LEU A 88 -3.21 -3.64 3.82
C LEU A 88 -3.89 -3.41 2.48
N VAL A 89 -3.90 -4.45 1.64
CA VAL A 89 -4.52 -4.36 0.33
C VAL A 89 -5.95 -4.87 0.36
N ARG A 90 -6.90 -3.95 0.50
CA ARG A 90 -8.31 -4.31 0.55
C ARG A 90 -9.08 -3.67 -0.61
N TRP A 91 -9.99 -4.43 -1.19
CA TRP A 91 -10.79 -3.93 -2.31
C TRP A 91 -12.22 -4.47 -2.23
N SER A 92 -13.18 -3.64 -2.64
CA SER A 92 -14.58 -4.02 -2.61
C SER A 92 -14.97 -4.76 -3.89
N GLY A 93 -15.14 -6.07 -3.79
CA GLY A 93 -15.50 -6.87 -4.94
C GLY A 93 -16.07 -8.23 -4.56
N PRO A 94 -17.37 -8.26 -4.24
CA PRO A 94 -18.06 -9.49 -3.84
C PRO A 94 -18.22 -10.46 -5.00
N SER A 95 -18.35 -9.91 -6.20
CA SER A 95 -18.52 -10.74 -7.40
C SER A 95 -17.51 -11.88 -7.42
N SER A 96 -18.00 -13.11 -7.37
CA SER A 96 -17.14 -14.28 -7.38
C SER A 96 -16.63 -14.56 -8.79
N GLY A 97 -15.63 -15.43 -8.88
CA GLY A 97 -15.06 -15.78 -10.17
C GLY A 97 -13.59 -16.12 -10.08
N GLY A 1 10.78 19.30 2.40
CA GLY A 1 10.33 20.66 2.17
C GLY A 1 10.41 21.06 0.71
N SER A 2 11.63 21.30 0.23
CA SER A 2 11.83 21.70 -1.15
C SER A 2 11.43 20.58 -2.11
N SER A 3 11.48 20.87 -3.41
CA SER A 3 11.13 19.89 -4.42
C SER A 3 12.33 19.03 -4.79
N GLY A 4 13.10 18.63 -3.78
CA GLY A 4 14.27 17.81 -4.02
C GLY A 4 13.91 16.43 -4.53
N SER A 5 14.93 15.62 -4.80
CA SER A 5 14.72 14.26 -5.30
C SER A 5 14.90 13.24 -4.18
N SER A 6 14.37 13.57 -3.00
CA SER A 6 14.47 12.67 -1.85
C SER A 6 13.46 11.54 -1.95
N GLY A 7 13.78 10.41 -1.33
CA GLY A 7 12.89 9.27 -1.36
C GLY A 7 13.62 7.96 -1.17
N GLN A 8 13.41 7.33 -0.01
CA GLN A 8 14.06 6.06 0.29
C GLN A 8 13.06 4.91 0.24
N LEU A 9 13.58 3.69 0.12
CA LEU A 9 12.74 2.50 0.06
C LEU A 9 12.34 2.03 1.46
N LEU A 10 11.11 1.56 1.59
CA LEU A 10 10.61 1.08 2.87
C LEU A 10 10.25 -0.41 2.80
N THR A 11 10.69 -1.17 3.81
CA THR A 11 10.41 -2.59 3.85
C THR A 11 9.08 -2.87 4.54
N LEU A 12 8.03 -3.02 3.74
CA LEU A 12 6.70 -3.29 4.27
C LEU A 12 6.19 -4.65 3.80
N LYS A 13 5.24 -5.21 4.54
CA LYS A 13 4.66 -6.51 4.18
C LYS A 13 3.25 -6.34 3.62
N ILE A 14 3.05 -6.84 2.41
CA ILE A 14 1.74 -6.76 1.76
C ILE A 14 0.82 -7.87 2.23
N LYS A 15 -0.28 -7.49 2.88
CA LYS A 15 -1.24 -8.47 3.38
C LYS A 15 -2.65 -8.15 2.87
N CYS A 16 -3.27 -9.14 2.23
CA CYS A 16 -4.61 -8.97 1.69
C CYS A 16 -5.65 -8.90 2.81
N SER A 17 -6.70 -8.13 2.60
CA SER A 17 -7.76 -7.98 3.59
C SER A 17 -8.81 -9.07 3.43
N ASN A 18 -9.13 -9.74 4.52
CA ASN A 18 -10.12 -10.81 4.50
C ASN A 18 -9.68 -11.96 3.61
N GLN A 19 -8.36 -12.17 3.54
CA GLN A 19 -7.80 -13.24 2.73
C GLN A 19 -6.75 -14.03 3.50
N PRO A 20 -7.19 -15.09 4.19
CA PRO A 20 -6.30 -15.94 4.99
C PRO A 20 -5.36 -16.77 4.11
N GLU A 21 -5.92 -17.40 3.09
CA GLU A 21 -5.14 -18.23 2.18
C GLU A 21 -4.04 -17.41 1.51
N ARG A 22 -4.33 -16.13 1.27
CA ARG A 22 -3.37 -15.23 0.64
C ARG A 22 -2.20 -14.92 1.57
N GLN A 23 -1.11 -15.66 1.41
CA GLN A 23 0.07 -15.47 2.23
C GLN A 23 0.60 -14.04 2.12
N ILE A 24 1.21 -13.56 3.19
CA ILE A 24 1.75 -12.19 3.21
C ILE A 24 3.10 -12.14 2.50
N LEU A 25 3.28 -11.12 1.66
CA LEU A 25 4.52 -10.95 0.92
C LEU A 25 5.30 -9.75 1.44
N GLU A 26 6.50 -9.55 0.91
CA GLU A 26 7.34 -8.43 1.32
C GLU A 26 7.95 -7.74 0.10
N LYS A 27 7.60 -6.45 -0.06
CA LYS A 27 8.10 -5.66 -1.18
C LYS A 27 8.72 -4.36 -0.69
N GLN A 28 9.71 -3.87 -1.43
CA GLN A 28 10.38 -2.62 -1.08
C GLN A 28 10.13 -1.54 -2.12
N LEU A 29 9.43 -0.49 -1.72
CA LEU A 29 9.11 0.61 -2.62
C LEU A 29 9.54 1.94 -2.03
N PRO A 30 9.94 2.89 -2.89
CA PRO A 30 10.37 4.21 -2.48
C PRO A 30 9.22 5.07 -1.95
N ASP A 31 9.31 5.47 -0.69
CA ASP A 31 8.29 6.29 -0.06
C ASP A 31 7.79 7.37 -1.01
N SER A 32 8.64 7.72 -1.97
CA SER A 32 8.29 8.75 -2.95
C SER A 32 7.13 8.30 -3.84
N MET A 33 7.20 7.05 -4.29
CA MET A 33 6.16 6.50 -5.14
C MET A 33 4.77 6.91 -4.65
N THR A 34 3.90 7.27 -5.59
CA THR A 34 2.54 7.69 -5.24
C THR A 34 1.63 6.49 -5.05
N VAL A 35 0.75 6.58 -4.07
CA VAL A 35 -0.19 5.49 -3.78
C VAL A 35 -0.76 4.91 -5.06
N GLN A 36 -0.99 5.77 -6.04
CA GLN A 36 -1.55 5.33 -7.32
C GLN A 36 -0.69 4.24 -7.94
N LYS A 37 0.60 4.53 -8.14
CA LYS A 37 1.52 3.57 -8.72
C LYS A 37 1.43 2.23 -8.01
N VAL A 38 1.60 2.25 -6.69
CA VAL A 38 1.53 1.03 -5.90
C VAL A 38 0.32 0.19 -6.29
N LYS A 39 -0.83 0.82 -6.36
CA LYS A 39 -2.07 0.12 -6.72
C LYS A 39 -2.01 -0.35 -8.17
N GLY A 40 -1.53 0.51 -9.06
CA GLY A 40 -1.43 0.15 -10.46
C GLY A 40 -0.49 -1.02 -10.70
N LEU A 41 0.47 -1.21 -9.79
CA LEU A 41 1.43 -2.29 -9.91
C LEU A 41 0.79 -3.62 -9.52
N LEU A 42 -0.10 -3.59 -8.54
CA LEU A 42 -0.78 -4.80 -8.08
C LEU A 42 -1.99 -5.10 -8.97
N SER A 43 -2.67 -4.06 -9.42
CA SER A 43 -3.85 -4.22 -10.26
C SER A 43 -3.64 -5.34 -11.28
N ARG A 44 -2.45 -5.39 -11.86
CA ARG A 44 -2.11 -6.40 -12.86
C ARG A 44 -1.94 -7.76 -12.20
N LEU A 45 -1.43 -7.76 -10.97
CA LEU A 45 -1.22 -9.00 -10.22
C LEU A 45 -2.54 -9.59 -9.76
N LEU A 46 -3.28 -8.83 -8.97
CA LEU A 46 -4.57 -9.27 -8.45
C LEU A 46 -5.69 -8.92 -9.43
N LYS A 47 -5.35 -8.74 -10.69
CA LYS A 47 -6.32 -8.39 -11.71
C LYS A 47 -7.44 -7.54 -11.13
N VAL A 48 -7.07 -6.47 -10.46
CA VAL A 48 -8.05 -5.57 -9.86
C VAL A 48 -7.78 -4.12 -10.25
N PRO A 49 -8.86 -3.38 -10.54
CA PRO A 49 -8.76 -1.97 -10.93
C PRO A 49 -8.33 -1.07 -9.77
N VAL A 50 -7.39 -0.18 -10.05
CA VAL A 50 -6.88 0.75 -9.04
C VAL A 50 -8.02 1.56 -8.42
N SER A 51 -9.11 1.71 -9.18
CA SER A 51 -10.26 2.47 -8.70
C SER A 51 -10.90 1.80 -7.50
N GLU A 52 -10.64 0.50 -7.34
CA GLU A 52 -11.19 -0.26 -6.22
C GLU A 52 -10.09 -0.60 -5.21
N LEU A 53 -8.87 -0.78 -5.70
CA LEU A 53 -7.74 -1.11 -4.83
C LEU A 53 -7.48 0.01 -3.83
N LEU A 54 -7.81 -0.25 -2.57
CA LEU A 54 -7.61 0.73 -1.51
C LEU A 54 -6.50 0.29 -0.56
N LEU A 55 -5.41 1.04 -0.54
CA LEU A 55 -4.28 0.74 0.34
C LEU A 55 -4.43 1.41 1.68
N SER A 56 -4.07 0.69 2.75
CA SER A 56 -4.17 1.23 4.11
C SER A 56 -3.03 0.70 4.98
N TYR A 57 -2.21 1.61 5.48
CA TYR A 57 -1.08 1.24 6.33
C TYR A 57 -1.46 1.35 7.80
N GLU A 58 -0.96 0.40 8.60
CA GLU A 58 -1.24 0.38 10.03
C GLU A 58 -0.03 0.86 10.82
N SER A 59 -0.13 2.09 11.32
CA SER A 59 0.95 2.68 12.10
C SER A 59 1.47 1.69 13.15
N SER A 60 2.77 1.39 13.08
CA SER A 60 3.38 0.46 14.02
C SER A 60 3.16 0.91 15.46
N LYS A 61 3.32 2.20 15.70
CA LYS A 61 3.13 2.77 17.03
C LYS A 61 1.70 2.59 17.51
N MET A 62 0.74 2.84 16.61
CA MET A 62 -0.66 2.70 16.94
C MET A 62 -1.31 1.60 16.10
N PRO A 63 -1.15 0.35 16.55
CA PRO A 63 -1.71 -0.82 15.86
C PRO A 63 -3.22 -0.88 15.96
N GLY A 64 -3.86 -1.45 14.94
CA GLY A 64 -5.31 -1.57 14.94
C GLY A 64 -5.98 -0.43 14.18
N ARG A 65 -5.41 0.76 14.28
CA ARG A 65 -5.96 1.93 13.59
C ARG A 65 -5.30 2.12 12.24
N GLU A 66 -5.86 1.49 11.21
CA GLU A 66 -5.32 1.58 9.86
C GLU A 66 -5.75 2.89 9.20
N ILE A 67 -4.86 3.46 8.39
CA ILE A 67 -5.15 4.71 7.70
C ILE A 67 -5.45 4.47 6.22
N GLU A 68 -6.65 4.84 5.80
CA GLU A 68 -7.06 4.67 4.42
C GLU A 68 -6.43 5.73 3.52
N LEU A 69 -5.61 5.29 2.57
CA LEU A 69 -4.94 6.21 1.65
C LEU A 69 -5.83 6.50 0.44
N GLU A 70 -6.67 7.53 0.57
CA GLU A 70 -7.55 7.91 -0.52
C GLU A 70 -6.81 8.72 -1.58
N ASN A 71 -5.93 9.61 -1.12
CA ASN A 71 -5.17 10.46 -2.03
C ASN A 71 -4.16 9.62 -2.83
N ASP A 72 -4.52 9.32 -4.07
CA ASP A 72 -3.65 8.53 -4.94
C ASP A 72 -2.49 9.37 -5.46
N LEU A 73 -2.71 10.68 -5.57
CA LEU A 73 -1.68 11.59 -6.05
C LEU A 73 -0.78 12.06 -4.91
N GLN A 74 -0.58 11.18 -3.93
CA GLN A 74 0.25 11.51 -2.78
C GLN A 74 1.19 10.36 -2.43
N PRO A 75 2.44 10.70 -2.11
CA PRO A 75 3.46 9.70 -1.75
C PRO A 75 3.18 9.05 -0.40
N LEU A 76 3.64 7.81 -0.24
CA LEU A 76 3.44 7.06 1.00
C LEU A 76 3.96 7.85 2.19
N GLN A 77 4.99 8.67 1.96
CA GLN A 77 5.58 9.48 3.01
C GLN A 77 4.58 10.50 3.55
N PHE A 78 3.70 10.98 2.67
CA PHE A 78 2.69 11.95 3.06
C PHE A 78 1.87 11.45 4.25
N TYR A 79 1.62 10.15 4.28
CA TYR A 79 0.86 9.54 5.37
C TYR A 79 1.77 9.16 6.52
N SER A 80 2.97 9.73 6.55
CA SER A 80 3.94 9.44 7.60
C SER A 80 4.25 7.95 7.66
N VAL A 81 4.42 7.34 6.49
CA VAL A 81 4.72 5.92 6.41
C VAL A 81 6.22 5.68 6.43
N GLU A 82 6.65 4.68 7.20
CA GLU A 82 8.06 4.34 7.31
C GLU A 82 8.27 2.83 7.30
N ASN A 83 9.49 2.42 7.02
CA ASN A 83 9.83 1.00 6.98
C ASN A 83 9.35 0.28 8.24
N GLY A 84 8.96 -0.97 8.10
CA GLY A 84 8.49 -1.74 9.24
C GLY A 84 6.98 -1.86 9.27
N ASP A 85 6.29 -0.78 8.93
CA ASP A 85 4.82 -0.77 8.92
C ASP A 85 4.28 -1.92 8.09
N CYS A 86 2.97 -2.07 8.07
CA CYS A 86 2.32 -3.12 7.31
C CYS A 86 1.42 -2.54 6.23
N LEU A 87 1.42 -3.18 5.06
CA LEU A 87 0.61 -2.74 3.94
C LEU A 87 -0.66 -3.57 3.80
N LEU A 88 -1.81 -2.92 3.97
CA LEU A 88 -3.10 -3.61 3.87
C LEU A 88 -3.76 -3.32 2.52
N VAL A 89 -3.98 -4.37 1.74
CA VAL A 89 -4.61 -4.23 0.44
C VAL A 89 -6.06 -4.69 0.47
N ARG A 90 -6.97 -3.72 0.47
CA ARG A 90 -8.40 -4.02 0.51
C ARG A 90 -9.14 -3.30 -0.62
N TRP A 91 -10.04 -4.02 -1.28
CA TRP A 91 -10.81 -3.45 -2.38
C TRP A 91 -12.30 -3.73 -2.20
N SER A 92 -13.13 -2.89 -2.82
CA SER A 92 -14.58 -3.04 -2.71
C SER A 92 -15.14 -3.62 -4.00
N GLY A 93 -16.32 -4.26 -3.89
CA GLY A 93 -16.95 -4.85 -5.05
C GLY A 93 -18.46 -4.90 -4.92
N PRO A 94 -19.12 -3.79 -5.26
CA PRO A 94 -20.59 -3.69 -5.19
C PRO A 94 -21.28 -4.55 -6.24
N SER A 95 -22.56 -4.83 -6.02
CA SER A 95 -23.33 -5.65 -6.94
C SER A 95 -24.30 -4.79 -7.75
N SER A 96 -23.96 -4.56 -9.01
CA SER A 96 -24.80 -3.74 -9.90
C SER A 96 -26.02 -4.53 -10.36
N GLY A 97 -27.13 -3.82 -10.54
CA GLY A 97 -28.35 -4.47 -10.99
C GLY A 97 -29.40 -3.47 -11.42
N GLY A 1 19.61 22.07 7.22
CA GLY A 1 19.93 20.96 6.34
C GLY A 1 18.74 20.51 5.51
N SER A 2 18.99 19.62 4.55
CA SER A 2 17.94 19.12 3.69
C SER A 2 17.98 17.60 3.59
N SER A 3 16.89 17.02 3.11
CA SER A 3 16.80 15.56 2.97
C SER A 3 17.87 15.04 2.02
N GLY A 4 17.95 15.65 0.85
CA GLY A 4 18.95 15.23 -0.13
C GLY A 4 18.78 13.77 -0.54
N SER A 5 17.53 13.34 -0.67
CA SER A 5 17.24 11.96 -1.04
C SER A 5 16.07 11.90 -2.03
N SER A 6 16.29 11.26 -3.17
CA SER A 6 15.26 11.13 -4.19
C SER A 6 14.09 10.30 -3.68
N GLY A 7 14.41 9.15 -3.09
CA GLY A 7 13.36 8.27 -2.57
C GLY A 7 13.92 6.95 -2.08
N GLN A 8 13.88 6.76 -0.75
CA GLN A 8 14.39 5.54 -0.15
C GLN A 8 13.30 4.47 -0.10
N LEU A 9 13.67 3.24 -0.43
CA LEU A 9 12.73 2.12 -0.42
C LEU A 9 12.39 1.70 1.01
N LEU A 10 11.11 1.56 1.30
CA LEU A 10 10.66 1.16 2.62
C LEU A 10 10.25 -0.31 2.64
N THR A 11 10.45 -0.96 3.79
CA THR A 11 10.11 -2.37 3.93
C THR A 11 8.75 -2.54 4.60
N LEU A 12 7.78 -3.07 3.86
CA LEU A 12 6.44 -3.28 4.38
C LEU A 12 5.96 -4.69 4.07
N LYS A 13 4.95 -5.13 4.82
CA LYS A 13 4.40 -6.48 4.63
C LYS A 13 3.03 -6.40 3.96
N ILE A 14 2.94 -6.95 2.76
CA ILE A 14 1.68 -6.95 2.01
C ILE A 14 0.79 -8.11 2.43
N LYS A 15 -0.41 -7.78 2.91
CA LYS A 15 -1.37 -8.80 3.35
C LYS A 15 -2.76 -8.49 2.83
N CYS A 16 -3.24 -9.30 1.89
CA CYS A 16 -4.56 -9.12 1.31
C CYS A 16 -5.65 -9.36 2.35
N SER A 17 -6.62 -8.47 2.40
CA SER A 17 -7.73 -8.58 3.35
C SER A 17 -8.75 -9.61 2.88
N ASN A 18 -9.20 -10.45 3.82
CA ASN A 18 -10.17 -11.48 3.50
C ASN A 18 -9.63 -12.45 2.45
N GLN A 19 -8.30 -12.55 2.38
CA GLN A 19 -7.67 -13.43 1.42
C GLN A 19 -6.71 -14.39 2.13
N PRO A 20 -7.28 -15.43 2.76
CA PRO A 20 -6.50 -16.44 3.47
C PRO A 20 -5.69 -17.33 2.54
N GLU A 21 -6.33 -17.79 1.47
CA GLU A 21 -5.67 -18.66 0.49
C GLU A 21 -4.26 -18.15 0.19
N ARG A 22 -4.13 -16.84 0.06
CA ARG A 22 -2.84 -16.23 -0.24
C ARG A 22 -2.00 -16.09 1.04
N GLN A 23 -0.71 -15.82 0.87
CA GLN A 23 0.19 -15.66 1.99
C GLN A 23 0.78 -14.25 2.03
N ILE A 24 1.38 -13.89 3.16
CA ILE A 24 1.98 -12.57 3.32
C ILE A 24 3.25 -12.45 2.48
N LEU A 25 3.41 -11.30 1.83
CA LEU A 25 4.58 -11.04 1.00
C LEU A 25 5.28 -9.75 1.41
N GLU A 26 6.56 -9.65 1.10
CA GLU A 26 7.35 -8.47 1.43
C GLU A 26 7.89 -7.80 0.17
N LYS A 27 7.51 -6.54 -0.03
CA LYS A 27 7.96 -5.78 -1.19
C LYS A 27 8.44 -4.39 -0.79
N GLN A 28 9.62 -4.00 -1.27
CA GLN A 28 10.17 -2.70 -0.95
C GLN A 28 9.79 -1.67 -2.01
N LEU A 29 9.26 -0.54 -1.57
CA LEU A 29 8.85 0.52 -2.48
C LEU A 29 9.40 1.87 -2.03
N PRO A 30 9.82 2.69 -3.00
CA PRO A 30 10.36 4.03 -2.72
C PRO A 30 9.30 4.99 -2.22
N ASP A 31 9.59 5.64 -1.08
CA ASP A 31 8.66 6.59 -0.49
C ASP A 31 8.11 7.54 -1.55
N SER A 32 8.88 7.73 -2.62
CA SER A 32 8.47 8.63 -3.70
C SER A 32 7.26 8.07 -4.44
N MET A 33 7.25 6.75 -4.61
CA MET A 33 6.15 6.09 -5.31
C MET A 33 4.81 6.68 -4.89
N THR A 34 4.12 7.31 -5.83
CA THR A 34 2.82 7.92 -5.56
C THR A 34 1.76 6.86 -5.28
N VAL A 35 1.00 7.05 -4.21
CA VAL A 35 -0.05 6.12 -3.84
C VAL A 35 -0.71 5.51 -5.07
N GLN A 36 -0.82 6.30 -6.13
CA GLN A 36 -1.43 5.84 -7.37
C GLN A 36 -0.60 4.73 -8.00
N LYS A 37 0.70 4.94 -8.08
CA LYS A 37 1.61 3.96 -8.66
C LYS A 37 1.44 2.60 -7.99
N VAL A 38 1.40 2.59 -6.66
CA VAL A 38 1.23 1.36 -5.91
C VAL A 38 0.03 0.57 -6.40
N LYS A 39 -1.15 1.19 -6.34
CA LYS A 39 -2.37 0.53 -6.78
C LYS A 39 -2.18 -0.11 -8.14
N GLY A 40 -1.46 0.58 -9.03
CA GLY A 40 -1.22 0.05 -10.35
C GLY A 40 -0.36 -1.21 -10.33
N LEU A 41 0.60 -1.25 -9.42
CA LEU A 41 1.49 -2.40 -9.30
C LEU A 41 0.69 -3.69 -9.16
N LEU A 42 -0.09 -3.78 -8.09
CA LEU A 42 -0.92 -4.95 -7.83
C LEU A 42 -2.09 -5.03 -8.81
N SER A 43 -2.70 -3.88 -9.07
CA SER A 43 -3.83 -3.82 -9.99
C SER A 43 -3.68 -4.84 -11.11
N ARG A 44 -2.44 -5.08 -11.53
CA ARG A 44 -2.18 -6.04 -12.59
C ARG A 44 -2.10 -7.45 -12.03
N LEU A 45 -1.28 -7.64 -11.01
CA LEU A 45 -1.11 -8.95 -10.38
C LEU A 45 -2.45 -9.54 -9.98
N LEU A 46 -3.28 -8.72 -9.33
CA LEU A 46 -4.60 -9.16 -8.89
C LEU A 46 -5.66 -8.79 -9.92
N LYS A 47 -5.24 -8.18 -11.02
CA LYS A 47 -6.15 -7.79 -12.08
C LYS A 47 -7.29 -6.93 -11.53
N VAL A 48 -6.95 -6.06 -10.58
CA VAL A 48 -7.94 -5.18 -9.97
C VAL A 48 -7.70 -3.73 -10.35
N PRO A 49 -8.78 -3.00 -10.64
CA PRO A 49 -8.71 -1.59 -11.02
C PRO A 49 -8.29 -0.69 -9.87
N VAL A 50 -7.35 0.21 -10.14
CA VAL A 50 -6.86 1.13 -9.12
C VAL A 50 -8.01 1.86 -8.44
N SER A 51 -9.17 1.88 -9.10
CA SER A 51 -10.35 2.55 -8.56
C SER A 51 -10.93 1.77 -7.40
N GLU A 52 -10.79 0.45 -7.45
CA GLU A 52 -11.31 -0.43 -6.40
C GLU A 52 -10.22 -0.75 -5.38
N LEU A 53 -8.97 -0.64 -5.80
CA LEU A 53 -7.84 -0.92 -4.92
C LEU A 53 -7.69 0.17 -3.87
N LEU A 54 -7.44 -0.25 -2.62
CA LEU A 54 -7.29 0.68 -1.53
C LEU A 54 -6.24 0.19 -0.54
N LEU A 55 -5.09 0.87 -0.50
CA LEU A 55 -4.01 0.50 0.40
C LEU A 55 -4.17 1.18 1.76
N SER A 56 -3.91 0.43 2.82
CA SER A 56 -4.02 0.97 4.18
C SER A 56 -2.89 0.46 5.06
N TYR A 57 -2.10 1.39 5.60
CA TYR A 57 -0.98 1.03 6.46
C TYR A 57 -1.36 1.17 7.93
N GLU A 58 -0.86 0.25 8.75
CA GLU A 58 -1.15 0.27 10.18
C GLU A 58 0.01 0.91 10.95
N SER A 59 -0.30 1.98 11.70
CA SER A 59 0.71 2.68 12.48
C SER A 59 1.23 1.79 13.61
N SER A 60 2.40 1.19 13.40
CA SER A 60 3.00 0.32 14.41
C SER A 60 2.71 0.83 15.81
N LYS A 61 3.10 2.08 16.07
CA LYS A 61 2.88 2.69 17.38
C LYS A 61 1.44 2.50 17.83
N MET A 62 0.49 2.81 16.96
CA MET A 62 -0.92 2.68 17.28
C MET A 62 -1.58 1.64 16.37
N PRO A 63 -1.47 0.36 16.75
CA PRO A 63 -2.05 -0.75 15.97
C PRO A 63 -3.57 -0.75 16.04
N GLY A 64 -4.20 -1.44 15.09
CA GLY A 64 -5.64 -1.51 15.06
C GLY A 64 -6.27 -0.34 14.35
N ARG A 65 -5.49 0.72 14.14
CA ARG A 65 -5.98 1.92 13.47
C ARG A 65 -5.26 2.12 12.14
N GLU A 66 -5.79 1.49 11.09
CA GLU A 66 -5.20 1.61 9.76
C GLU A 66 -5.67 2.89 9.07
N ILE A 67 -4.78 3.48 8.28
CA ILE A 67 -5.10 4.71 7.55
C ILE A 67 -5.34 4.43 6.08
N GLU A 68 -6.59 4.59 5.65
CA GLU A 68 -6.96 4.36 4.26
C GLU A 68 -6.34 5.42 3.35
N LEU A 69 -5.42 4.99 2.50
CA LEU A 69 -4.75 5.90 1.57
C LEU A 69 -5.65 6.23 0.38
N GLU A 70 -6.19 7.46 0.38
CA GLU A 70 -7.06 7.89 -0.70
C GLU A 70 -6.27 8.60 -1.79
N ASN A 71 -5.65 9.72 -1.43
CA ASN A 71 -4.85 10.50 -2.37
C ASN A 71 -3.91 9.59 -3.16
N ASP A 72 -3.97 9.69 -4.48
CA ASP A 72 -3.11 8.89 -5.35
C ASP A 72 -1.90 9.69 -5.81
N LEU A 73 -2.09 10.99 -6.03
CA LEU A 73 -1.02 11.85 -6.47
C LEU A 73 -0.03 12.13 -5.33
N GLN A 74 -0.39 11.68 -4.13
CA GLN A 74 0.46 11.88 -2.96
C GLN A 74 1.27 10.62 -2.66
N PRO A 75 2.56 10.81 -2.35
CA PRO A 75 3.47 9.71 -2.02
C PRO A 75 3.14 9.06 -0.68
N LEU A 76 3.91 8.04 -0.32
CA LEU A 76 3.71 7.34 0.93
C LEU A 76 4.17 8.19 2.12
N GLN A 77 5.16 9.04 1.88
CA GLN A 77 5.69 9.91 2.91
C GLN A 77 4.64 10.91 3.37
N PHE A 78 3.70 11.23 2.49
CA PHE A 78 2.65 12.18 2.80
C PHE A 78 1.74 11.65 3.90
N TYR A 79 1.60 10.32 3.95
CA TYR A 79 0.76 9.68 4.95
C TYR A 79 1.57 9.31 6.19
N SER A 80 2.80 9.83 6.26
CA SER A 80 3.68 9.55 7.39
C SER A 80 4.00 8.07 7.46
N VAL A 81 4.30 7.46 6.32
CA VAL A 81 4.63 6.05 6.26
C VAL A 81 6.14 5.84 6.18
N GLU A 82 6.65 4.88 6.96
CA GLU A 82 8.07 4.58 6.98
C GLU A 82 8.31 3.08 7.08
N ASN A 83 9.55 2.67 6.82
CA ASN A 83 9.91 1.26 6.89
C ASN A 83 9.51 0.64 8.23
N GLY A 84 8.95 -0.56 8.18
CA GLY A 84 8.53 -1.24 9.39
C GLY A 84 7.03 -1.45 9.46
N ASP A 85 6.28 -0.43 9.05
CA ASP A 85 4.83 -0.51 9.05
C ASP A 85 4.34 -1.64 8.14
N CYS A 86 3.05 -1.95 8.23
CA CYS A 86 2.47 -3.00 7.41
C CYS A 86 1.62 -2.43 6.29
N LEU A 87 1.34 -3.24 5.28
CA LEU A 87 0.54 -2.81 4.14
C LEU A 87 -0.68 -3.70 3.95
N LEU A 88 -1.87 -3.09 4.04
CA LEU A 88 -3.12 -3.84 3.88
C LEU A 88 -3.75 -3.56 2.53
N VAL A 89 -3.88 -4.61 1.72
CA VAL A 89 -4.47 -4.48 0.39
C VAL A 89 -5.93 -4.93 0.39
N ARG A 90 -6.85 -3.96 0.33
CA ARG A 90 -8.27 -4.26 0.33
C ARG A 90 -8.98 -3.51 -0.78
N TRP A 91 -9.85 -4.20 -1.51
CA TRP A 91 -10.59 -3.60 -2.61
C TRP A 91 -12.09 -3.86 -2.46
N SER A 92 -12.90 -2.86 -2.80
CA SER A 92 -14.35 -2.99 -2.71
C SER A 92 -14.96 -3.18 -4.09
N GLY A 93 -15.38 -4.41 -4.37
CA GLY A 93 -15.99 -4.70 -5.66
C GLY A 93 -17.47 -4.96 -5.56
N PRO A 94 -18.24 -3.90 -5.28
CA PRO A 94 -19.70 -3.98 -5.15
C PRO A 94 -20.40 -4.26 -6.48
N SER A 95 -20.86 -5.49 -6.66
CA SER A 95 -21.53 -5.88 -7.89
C SER A 95 -22.65 -4.89 -8.23
N SER A 96 -22.72 -4.49 -9.50
CA SER A 96 -23.73 -3.55 -9.95
C SER A 96 -25.11 -3.96 -9.44
N GLY A 97 -25.98 -2.97 -9.30
CA GLY A 97 -27.33 -3.23 -8.81
C GLY A 97 -28.00 -1.99 -8.25
N GLY A 1 15.56 9.07 -10.66
CA GLY A 1 14.25 9.64 -10.35
C GLY A 1 13.66 10.40 -11.53
N SER A 2 12.57 9.89 -12.06
CA SER A 2 11.90 10.52 -13.20
C SER A 2 11.46 11.94 -12.85
N SER A 3 10.91 12.11 -11.65
CA SER A 3 10.44 13.40 -11.19
C SER A 3 11.61 14.35 -10.97
N GLY A 4 12.53 13.95 -10.10
CA GLY A 4 13.69 14.78 -9.81
C GLY A 4 14.44 14.32 -8.59
N SER A 5 13.70 13.90 -7.56
CA SER A 5 14.30 13.44 -6.32
C SER A 5 14.04 11.95 -6.10
N SER A 6 14.94 11.29 -5.38
CA SER A 6 14.80 9.87 -5.10
C SER A 6 14.39 9.63 -3.64
N GLY A 7 14.24 8.37 -3.28
CA GLY A 7 13.87 8.02 -1.93
C GLY A 7 14.34 6.65 -1.51
N GLN A 8 14.46 6.43 -0.21
CA GLN A 8 14.91 5.14 0.31
C GLN A 8 13.78 4.12 0.30
N LEU A 9 14.10 2.90 -0.12
CA LEU A 9 13.11 1.83 -0.17
C LEU A 9 12.58 1.51 1.22
N LEU A 10 11.26 1.34 1.33
CA LEU A 10 10.63 1.02 2.60
C LEU A 10 10.15 -0.42 2.63
N THR A 11 10.70 -1.21 3.55
CA THR A 11 10.33 -2.61 3.68
C THR A 11 8.98 -2.77 4.39
N LEU A 12 7.96 -3.15 3.62
CA LEU A 12 6.62 -3.34 4.18
C LEU A 12 6.09 -4.73 3.86
N LYS A 13 5.18 -5.22 4.69
CA LYS A 13 4.59 -6.54 4.50
C LYS A 13 3.16 -6.42 3.98
N ILE A 14 2.92 -6.96 2.79
CA ILE A 14 1.61 -6.92 2.18
C ILE A 14 0.73 -8.07 2.66
N LYS A 15 -0.42 -7.73 3.24
CA LYS A 15 -1.34 -8.73 3.74
C LYS A 15 -2.78 -8.41 3.33
N CYS A 16 -3.29 -9.16 2.36
CA CYS A 16 -4.65 -8.95 1.88
C CYS A 16 -5.67 -9.33 2.95
N SER A 17 -6.60 -8.42 3.22
CA SER A 17 -7.63 -8.65 4.23
C SER A 17 -8.67 -9.65 3.71
N ASN A 18 -8.98 -9.55 2.42
CA ASN A 18 -9.96 -10.44 1.81
C ASN A 18 -9.39 -11.85 1.64
N GLN A 19 -8.09 -11.99 1.86
CA GLN A 19 -7.42 -13.28 1.74
C GLN A 19 -6.60 -13.59 2.98
N PRO A 20 -7.27 -14.13 4.02
CA PRO A 20 -6.62 -14.49 5.28
C PRO A 20 -5.68 -15.68 5.13
N GLU A 21 -6.01 -16.57 4.21
CA GLU A 21 -5.20 -17.76 3.98
C GLU A 21 -3.90 -17.39 3.27
N ARG A 22 -4.00 -16.55 2.24
CA ARG A 22 -2.84 -16.12 1.49
C ARG A 22 -1.73 -15.63 2.42
N GLN A 23 -0.55 -16.22 2.29
CA GLN A 23 0.59 -15.84 3.12
C GLN A 23 0.95 -14.37 2.91
N ILE A 24 1.99 -13.91 3.60
CA ILE A 24 2.43 -12.53 3.49
C ILE A 24 3.70 -12.43 2.65
N LEU A 25 3.77 -11.41 1.80
CA LEU A 25 4.92 -11.19 0.94
C LEU A 25 5.68 -9.94 1.36
N GLU A 26 6.80 -9.68 0.69
CA GLU A 26 7.62 -8.51 0.99
C GLU A 26 7.89 -7.70 -0.27
N LYS A 27 7.91 -6.38 -0.13
CA LYS A 27 8.16 -5.48 -1.24
C LYS A 27 8.85 -4.20 -0.77
N GLN A 28 9.76 -3.69 -1.60
CA GLN A 28 10.48 -2.46 -1.28
C GLN A 28 10.19 -1.37 -2.28
N LEU A 29 9.54 -0.30 -1.81
CA LEU A 29 9.19 0.82 -2.68
C LEU A 29 9.64 2.14 -2.06
N PRO A 30 10.08 3.07 -2.92
CA PRO A 30 10.54 4.39 -2.47
C PRO A 30 9.40 5.27 -1.96
N ASP A 31 9.62 5.91 -0.82
CA ASP A 31 8.60 6.78 -0.23
C ASP A 31 8.10 7.81 -1.25
N SER A 32 8.96 8.13 -2.22
CA SER A 32 8.60 9.11 -3.24
C SER A 32 7.48 8.58 -4.13
N MET A 33 7.37 7.26 -4.22
CA MET A 33 6.33 6.64 -5.03
C MET A 33 4.95 7.15 -4.63
N THR A 34 4.10 7.37 -5.63
CA THR A 34 2.75 7.86 -5.39
C THR A 34 1.77 6.71 -5.15
N VAL A 35 0.96 6.84 -4.12
CA VAL A 35 -0.02 5.81 -3.78
C VAL A 35 -0.58 5.16 -5.05
N GLN A 36 -0.92 5.97 -6.03
CA GLN A 36 -1.46 5.48 -7.29
C GLN A 36 -0.53 4.43 -7.91
N LYS A 37 0.74 4.79 -8.04
CA LYS A 37 1.73 3.88 -8.61
C LYS A 37 1.65 2.50 -7.97
N VAL A 38 1.73 2.47 -6.64
CA VAL A 38 1.65 1.22 -5.90
C VAL A 38 0.40 0.42 -6.27
N LYS A 39 -0.75 1.09 -6.20
CA LYS A 39 -2.02 0.46 -6.54
C LYS A 39 -1.98 -0.13 -7.95
N GLY A 40 -1.35 0.59 -8.86
CA GLY A 40 -1.26 0.13 -10.24
C GLY A 40 -0.43 -1.13 -10.37
N LEU A 41 0.62 -1.23 -9.57
CA LEU A 41 1.50 -2.39 -9.61
C LEU A 41 0.73 -3.67 -9.32
N LEU A 42 -0.03 -3.66 -8.23
CA LEU A 42 -0.82 -4.82 -7.84
C LEU A 42 -2.10 -4.91 -8.67
N SER A 43 -2.59 -3.76 -9.12
CA SER A 43 -3.81 -3.71 -9.92
C SER A 43 -3.77 -4.75 -11.04
N ARG A 44 -2.56 -5.07 -11.49
CA ARG A 44 -2.37 -6.04 -12.56
C ARG A 44 -2.21 -7.45 -11.98
N LEU A 45 -1.74 -7.52 -10.75
CA LEU A 45 -1.53 -8.80 -10.07
C LEU A 45 -2.86 -9.46 -9.76
N LEU A 46 -3.69 -8.77 -8.99
CA LEU A 46 -5.01 -9.30 -8.61
C LEU A 46 -6.07 -8.87 -9.61
N LYS A 47 -5.66 -8.15 -10.64
CA LYS A 47 -6.58 -7.67 -11.66
C LYS A 47 -7.68 -6.81 -11.05
N VAL A 48 -7.28 -5.88 -10.19
CA VAL A 48 -8.23 -4.99 -9.54
C VAL A 48 -8.00 -3.54 -9.95
N PRO A 49 -9.10 -2.81 -10.18
CA PRO A 49 -9.05 -1.40 -10.59
C PRO A 49 -8.57 -0.50 -9.46
N VAL A 50 -7.52 0.28 -9.74
CA VAL A 50 -6.97 1.20 -8.75
C VAL A 50 -8.05 2.05 -8.11
N SER A 51 -9.12 2.28 -8.86
CA SER A 51 -10.24 3.08 -8.36
C SER A 51 -10.88 2.43 -7.16
N GLU A 52 -10.92 1.10 -7.15
CA GLU A 52 -11.52 0.36 -6.05
C GLU A 52 -10.45 -0.03 -5.02
N LEU A 53 -9.30 -0.48 -5.51
CA LEU A 53 -8.21 -0.88 -4.64
C LEU A 53 -8.10 0.05 -3.44
N LEU A 54 -8.43 -0.45 -2.26
CA LEU A 54 -8.36 0.33 -1.03
C LEU A 54 -7.12 -0.03 -0.23
N LEU A 55 -6.11 0.84 -0.29
CA LEU A 55 -4.87 0.61 0.44
C LEU A 55 -4.88 1.33 1.79
N SER A 56 -4.54 0.61 2.84
CA SER A 56 -4.51 1.18 4.18
C SER A 56 -3.33 0.64 4.99
N TYR A 57 -2.46 1.54 5.43
CA TYR A 57 -1.29 1.15 6.21
C TYR A 57 -1.56 1.29 7.71
N GLU A 58 -1.05 0.34 8.48
CA GLU A 58 -1.24 0.34 9.92
C GLU A 58 -0.03 0.97 10.63
N SER A 59 -0.27 2.06 11.35
CA SER A 59 0.80 2.74 12.06
C SER A 59 1.10 2.05 13.38
N SER A 60 2.37 1.73 13.61
CA SER A 60 2.79 1.07 14.84
C SER A 60 2.31 1.84 16.07
N LYS A 61 2.75 3.09 16.18
CA LYS A 61 2.37 3.93 17.31
C LYS A 61 0.89 3.77 17.62
N MET A 62 0.07 3.71 16.59
CA MET A 62 -1.37 3.56 16.77
C MET A 62 -1.86 2.24 16.16
N PRO A 63 -1.76 1.15 16.92
CA PRO A 63 -2.18 -0.18 16.48
C PRO A 63 -3.69 -0.29 16.35
N GLY A 64 -4.15 -0.89 15.25
CA GLY A 64 -5.57 -1.05 15.04
C GLY A 64 -6.18 0.12 14.28
N ARG A 65 -5.45 1.23 14.23
CA ARG A 65 -5.93 2.42 13.53
C ARG A 65 -5.33 2.51 12.14
N GLU A 66 -6.00 1.89 11.16
CA GLU A 66 -5.52 1.89 9.79
C GLU A 66 -5.87 3.22 9.11
N ILE A 67 -5.03 3.62 8.15
CA ILE A 67 -5.23 4.86 7.42
C ILE A 67 -5.52 4.61 5.95
N GLU A 68 -6.79 4.70 5.57
CA GLU A 68 -7.20 4.46 4.20
C GLU A 68 -6.62 5.54 3.28
N LEU A 69 -5.66 5.15 2.44
CA LEU A 69 -5.04 6.08 1.51
C LEU A 69 -5.97 6.40 0.35
N GLU A 70 -6.42 7.65 0.29
CA GLU A 70 -7.32 8.09 -0.78
C GLU A 70 -6.55 8.84 -1.86
N ASN A 71 -5.75 9.82 -1.44
CA ASN A 71 -4.96 10.61 -2.38
C ASN A 71 -3.98 9.74 -3.15
N ASP A 72 -4.20 9.62 -4.45
CA ASP A 72 -3.35 8.82 -5.30
C ASP A 72 -2.19 9.65 -5.86
N LEU A 73 -2.33 10.97 -5.78
CA LEU A 73 -1.31 11.88 -6.27
C LEU A 73 -0.35 12.29 -5.15
N GLN A 74 -0.40 11.55 -4.05
CA GLN A 74 0.46 11.85 -2.91
C GLN A 74 1.38 10.67 -2.60
N PRO A 75 2.64 10.96 -2.28
CA PRO A 75 3.63 9.94 -1.96
C PRO A 75 3.36 9.26 -0.62
N LEU A 76 3.97 8.09 -0.42
CA LEU A 76 3.78 7.34 0.82
C LEU A 76 4.25 8.16 2.03
N GLN A 77 5.27 8.99 1.82
CA GLN A 77 5.81 9.82 2.88
C GLN A 77 4.74 10.78 3.41
N PHE A 78 3.87 11.24 2.52
CA PHE A 78 2.81 12.17 2.90
C PHE A 78 1.94 11.58 4.00
N TYR A 79 1.91 10.25 4.08
CA TYR A 79 1.11 9.56 5.09
C TYR A 79 1.98 9.14 6.26
N SER A 80 3.13 9.79 6.42
CA SER A 80 4.05 9.48 7.51
C SER A 80 4.39 8.01 7.52
N VAL A 81 4.45 7.41 6.34
CA VAL A 81 4.77 5.99 6.21
C VAL A 81 6.28 5.77 6.17
N GLU A 82 6.75 4.78 6.92
CA GLU A 82 8.18 4.46 6.96
C GLU A 82 8.40 2.95 7.05
N ASN A 83 9.53 2.51 6.55
CA ASN A 83 9.87 1.08 6.56
C ASN A 83 9.44 0.44 7.87
N GLY A 84 8.92 -0.78 7.79
CA GLY A 84 8.47 -1.49 8.98
C GLY A 84 6.97 -1.65 9.02
N ASP A 85 6.24 -0.57 8.83
CA ASP A 85 4.78 -0.60 8.85
C ASP A 85 4.26 -1.75 8.02
N CYS A 86 2.97 -2.05 8.17
CA CYS A 86 2.34 -3.14 7.43
C CYS A 86 1.45 -2.60 6.31
N LEU A 87 1.39 -3.32 5.20
CA LEU A 87 0.57 -2.91 4.07
C LEU A 87 -0.67 -3.80 3.94
N LEU A 88 -1.84 -3.18 4.09
CA LEU A 88 -3.10 -3.91 3.99
C LEU A 88 -3.81 -3.60 2.67
N VAL A 89 -3.79 -4.57 1.76
CA VAL A 89 -4.44 -4.41 0.47
C VAL A 89 -5.89 -4.83 0.52
N ARG A 90 -6.73 -4.13 -0.24
CA ARG A 90 -8.16 -4.44 -0.27
C ARG A 90 -8.81 -3.81 -1.50
N TRP A 91 -10.11 -4.04 -1.66
CA TRP A 91 -10.86 -3.51 -2.80
C TRP A 91 -12.35 -3.75 -2.63
N SER A 92 -13.15 -3.12 -3.49
CA SER A 92 -14.60 -3.26 -3.44
C SER A 92 -15.21 -3.19 -4.84
N GLY A 93 -16.43 -3.70 -4.97
CA GLY A 93 -17.10 -3.68 -6.26
C GLY A 93 -17.42 -5.07 -6.76
N PRO A 94 -18.69 -5.29 -7.12
CA PRO A 94 -19.15 -6.60 -7.63
C PRO A 94 -18.61 -6.90 -9.01
N SER A 95 -17.87 -5.96 -9.57
CA SER A 95 -17.29 -6.12 -10.91
C SER A 95 -16.75 -7.54 -11.09
N SER A 96 -17.16 -8.19 -12.19
CA SER A 96 -16.73 -9.54 -12.47
C SER A 96 -16.65 -9.78 -13.98
N GLY A 97 -15.48 -10.20 -14.45
CA GLY A 97 -15.30 -10.46 -15.86
C GLY A 97 -14.89 -9.22 -16.63
N GLY A 1 18.34 19.48 2.99
CA GLY A 1 19.12 18.64 3.88
C GLY A 1 20.53 18.43 3.40
N SER A 2 21.50 18.76 4.24
CA SER A 2 22.91 18.61 3.89
C SER A 2 23.17 17.25 3.25
N SER A 3 22.72 16.19 3.92
CA SER A 3 22.90 14.84 3.42
C SER A 3 22.49 14.74 1.95
N GLY A 4 23.06 13.76 1.25
CA GLY A 4 22.75 13.58 -0.15
C GLY A 4 21.94 12.32 -0.40
N SER A 5 20.74 12.28 0.16
CA SER A 5 19.86 11.13 -0.01
C SER A 5 18.49 11.55 -0.54
N SER A 6 18.30 11.38 -1.84
CA SER A 6 17.05 11.75 -2.48
C SER A 6 16.08 10.57 -2.51
N GLY A 7 15.18 10.52 -1.52
CA GLY A 7 14.22 9.44 -1.45
C GLY A 7 14.87 8.11 -1.10
N GLN A 8 14.08 7.21 -0.55
CA GLN A 8 14.58 5.89 -0.16
C GLN A 8 13.47 4.85 -0.23
N LEU A 9 13.85 3.58 -0.25
CA LEU A 9 12.89 2.48 -0.31
C LEU A 9 12.48 2.04 1.09
N LEU A 10 11.20 1.74 1.26
CA LEU A 10 10.69 1.29 2.55
C LEU A 10 10.33 -0.19 2.52
N THR A 11 10.61 -0.88 3.63
CA THR A 11 10.33 -2.31 3.72
C THR A 11 9.05 -2.56 4.52
N LEU A 12 7.97 -2.87 3.81
CA LEU A 12 6.68 -3.13 4.45
C LEU A 12 6.15 -4.51 4.06
N LYS A 13 5.10 -4.95 4.75
CA LYS A 13 4.50 -6.25 4.47
C LYS A 13 3.13 -6.08 3.81
N ILE A 14 2.86 -6.91 2.81
CA ILE A 14 1.59 -6.86 2.10
C ILE A 14 0.74 -8.08 2.41
N LYS A 15 -0.53 -7.84 2.74
CA LYS A 15 -1.46 -8.92 3.06
C LYS A 15 -2.88 -8.54 2.69
N CYS A 16 -3.51 -9.36 1.85
CA CYS A 16 -4.88 -9.10 1.41
C CYS A 16 -5.87 -9.45 2.51
N SER A 17 -6.46 -8.42 3.11
CA SER A 17 -7.43 -8.61 4.19
C SER A 17 -8.59 -9.50 3.72
N ASN A 18 -9.05 -9.26 2.50
CA ASN A 18 -10.16 -10.03 1.94
C ASN A 18 -9.73 -11.47 1.69
N GLN A 19 -8.44 -11.74 1.82
CA GLN A 19 -7.90 -13.08 1.61
C GLN A 19 -7.05 -13.52 2.78
N PRO A 20 -7.66 -14.23 3.73
CA PRO A 20 -6.97 -14.72 4.93
C PRO A 20 -5.98 -15.84 4.60
N GLU A 21 -6.30 -16.62 3.57
CA GLU A 21 -5.43 -17.72 3.16
C GLU A 21 -4.14 -17.20 2.54
N ARG A 22 -4.27 -16.25 1.62
CA ARG A 22 -3.12 -15.67 0.94
C ARG A 22 -2.02 -15.34 1.95
N GLN A 23 -0.87 -16.01 1.81
CA GLN A 23 0.25 -15.78 2.70
C GLN A 23 0.75 -14.35 2.62
N ILE A 24 1.40 -13.88 3.68
CA ILE A 24 1.92 -12.52 3.72
C ILE A 24 3.23 -12.41 2.96
N LEU A 25 3.42 -11.28 2.28
CA LEU A 25 4.64 -11.05 1.51
C LEU A 25 5.32 -9.76 1.95
N GLU A 26 6.40 -9.40 1.26
CA GLU A 26 7.16 -8.20 1.59
C GLU A 26 7.71 -7.54 0.32
N LYS A 27 7.33 -6.30 0.09
CA LYS A 27 7.80 -5.56 -1.07
C LYS A 27 8.54 -4.30 -0.67
N GLN A 28 9.46 -3.85 -1.52
CA GLN A 28 10.24 -2.65 -1.25
C GLN A 28 10.06 -1.62 -2.36
N LEU A 29 9.45 -0.49 -2.02
CA LEU A 29 9.22 0.58 -2.99
C LEU A 29 9.71 1.92 -2.45
N PRO A 30 10.12 2.81 -3.36
CA PRO A 30 10.61 4.15 -3.00
C PRO A 30 9.49 5.05 -2.48
N ASP A 31 9.64 5.49 -1.24
CA ASP A 31 8.65 6.37 -0.62
C ASP A 31 8.25 7.49 -1.56
N SER A 32 9.10 7.76 -2.55
CA SER A 32 8.84 8.82 -3.52
C SER A 32 7.65 8.46 -4.40
N MET A 33 7.57 7.19 -4.79
CA MET A 33 6.48 6.72 -5.63
C MET A 33 5.13 7.18 -5.10
N THR A 34 4.27 7.65 -6.00
CA THR A 34 2.95 8.13 -5.60
C THR A 34 2.00 6.96 -5.34
N VAL A 35 1.15 7.12 -4.33
CA VAL A 35 0.19 6.08 -3.97
C VAL A 35 -0.35 5.38 -5.21
N GLN A 36 -0.78 6.18 -6.20
CA GLN A 36 -1.32 5.63 -7.44
C GLN A 36 -0.40 4.56 -8.00
N LYS A 37 0.87 4.89 -8.15
CA LYS A 37 1.85 3.95 -8.69
C LYS A 37 1.84 2.65 -7.90
N VAL A 38 1.80 2.77 -6.58
CA VAL A 38 1.79 1.60 -5.70
C VAL A 38 0.56 0.72 -5.97
N LYS A 39 -0.56 1.37 -6.24
CA LYS A 39 -1.81 0.65 -6.52
C LYS A 39 -1.74 -0.04 -7.88
N GLY A 40 -1.39 0.73 -8.91
CA GLY A 40 -1.29 0.19 -10.25
C GLY A 40 -0.34 -1.00 -10.33
N LEU A 41 0.48 -1.16 -9.30
CA LEU A 41 1.45 -2.24 -9.27
C LEU A 41 0.75 -3.58 -9.02
N LEU A 42 -0.21 -3.58 -8.10
CA LEU A 42 -0.95 -4.79 -7.77
C LEU A 42 -2.18 -4.93 -8.66
N SER A 43 -2.82 -3.80 -8.97
CA SER A 43 -4.00 -3.80 -9.81
C SER A 43 -3.92 -4.89 -10.88
N ARG A 44 -2.77 -4.94 -11.56
CA ARG A 44 -2.56 -5.93 -12.61
C ARG A 44 -2.54 -7.35 -12.02
N LEU A 45 -1.81 -7.52 -10.93
CA LEU A 45 -1.70 -8.82 -10.27
C LEU A 45 -3.06 -9.31 -9.81
N LEU A 46 -3.76 -8.48 -9.04
CA LEU A 46 -5.07 -8.82 -8.52
C LEU A 46 -6.16 -8.42 -9.52
N LYS A 47 -5.74 -8.00 -10.70
CA LYS A 47 -6.68 -7.59 -11.74
C LYS A 47 -7.73 -6.63 -11.19
N VAL A 48 -7.35 -5.88 -10.16
CA VAL A 48 -8.25 -4.91 -9.54
C VAL A 48 -7.90 -3.49 -9.95
N PRO A 49 -8.94 -2.70 -10.26
CA PRO A 49 -8.77 -1.31 -10.68
C PRO A 49 -8.30 -0.41 -9.54
N VAL A 50 -7.37 0.50 -9.84
CA VAL A 50 -6.83 1.41 -8.85
C VAL A 50 -7.95 2.26 -8.23
N SER A 51 -9.01 2.48 -9.00
CA SER A 51 -10.14 3.27 -8.54
C SER A 51 -10.84 2.59 -7.36
N GLU A 52 -10.64 1.29 -7.24
CA GLU A 52 -11.25 0.51 -6.16
C GLU A 52 -10.21 0.07 -5.15
N LEU A 53 -9.04 -0.33 -5.65
CA LEU A 53 -7.96 -0.77 -4.79
C LEU A 53 -7.88 0.07 -3.52
N LEU A 54 -8.43 -0.46 -2.43
CA LEU A 54 -8.42 0.24 -1.15
C LEU A 54 -7.23 -0.19 -0.29
N LEU A 55 -6.17 0.60 -0.33
CA LEU A 55 -4.97 0.30 0.45
C LEU A 55 -4.99 1.01 1.80
N SER A 56 -4.57 0.31 2.84
CA SER A 56 -4.54 0.87 4.18
C SER A 56 -3.32 0.38 4.95
N TYR A 57 -2.53 1.32 5.46
CA TYR A 57 -1.33 1.00 6.22
C TYR A 57 -1.56 1.21 7.72
N GLU A 58 -0.91 0.37 8.53
CA GLU A 58 -1.04 0.46 9.97
C GLU A 58 0.30 0.79 10.62
N SER A 59 0.32 1.86 11.41
CA SER A 59 1.55 2.29 12.08
C SER A 59 1.83 1.41 13.30
N SER A 60 3.10 1.34 13.69
CA SER A 60 3.51 0.54 14.84
C SER A 60 3.19 1.26 16.14
N LYS A 61 3.12 2.59 16.07
CA LYS A 61 2.82 3.39 17.24
C LYS A 61 1.36 3.27 17.64
N MET A 62 0.48 3.29 16.65
CA MET A 62 -0.96 3.18 16.89
C MET A 62 -1.50 1.86 16.34
N PRO A 63 -1.35 0.79 17.14
CA PRO A 63 -1.83 -0.54 16.75
C PRO A 63 -3.35 -0.64 16.74
N GLY A 64 -3.88 -1.47 15.85
CA GLY A 64 -5.31 -1.64 15.74
C GLY A 64 -5.98 -0.48 15.04
N ARG A 65 -5.24 0.19 14.17
CA ARG A 65 -5.77 1.33 13.42
C ARG A 65 -5.07 1.47 12.07
N GLU A 66 -5.84 1.38 11.00
CA GLU A 66 -5.30 1.50 9.65
C GLU A 66 -5.72 2.81 9.00
N ILE A 67 -4.89 3.33 8.10
CA ILE A 67 -5.17 4.58 7.42
C ILE A 67 -5.46 4.33 5.93
N GLU A 68 -6.72 4.47 5.55
CA GLU A 68 -7.13 4.28 4.17
C GLU A 68 -6.57 5.35 3.27
N LEU A 69 -5.68 4.96 2.35
CA LEU A 69 -5.06 5.91 1.42
C LEU A 69 -5.98 6.19 0.24
N GLU A 70 -6.46 7.43 0.16
CA GLU A 70 -7.34 7.84 -0.93
C GLU A 70 -6.65 8.82 -1.86
N ASN A 71 -5.47 9.29 -1.44
CA ASN A 71 -4.71 10.24 -2.25
C ASN A 71 -3.78 9.52 -3.21
N ASP A 72 -3.98 9.74 -4.50
CA ASP A 72 -3.16 9.11 -5.52
C ASP A 72 -2.02 10.02 -5.95
N LEU A 73 -2.20 11.33 -5.72
CA LEU A 73 -1.19 12.31 -6.09
C LEU A 73 -0.31 12.66 -4.89
N GLN A 74 -0.12 11.69 -4.00
CA GLN A 74 0.70 11.89 -2.81
C GLN A 74 1.61 10.69 -2.57
N PRO A 75 2.89 10.97 -2.25
CA PRO A 75 3.88 9.92 -1.99
C PRO A 75 3.60 9.17 -0.68
N LEU A 76 4.33 8.08 -0.45
CA LEU A 76 4.17 7.28 0.75
C LEU A 76 4.64 8.06 1.98
N GLN A 77 5.66 8.89 1.80
CA GLN A 77 6.20 9.69 2.89
C GLN A 77 5.14 10.62 3.46
N PHE A 78 4.25 11.10 2.60
CA PHE A 78 3.19 12.00 3.02
C PHE A 78 2.33 11.36 4.11
N TYR A 79 2.21 10.04 4.06
CA TYR A 79 1.42 9.31 5.04
C TYR A 79 2.29 8.83 6.20
N SER A 80 3.42 9.51 6.40
CA SER A 80 4.34 9.17 7.48
C SER A 80 4.68 7.68 7.44
N VAL A 81 4.58 7.09 6.26
CA VAL A 81 4.89 5.68 6.08
C VAL A 81 6.39 5.44 6.06
N GLU A 82 6.87 4.67 7.03
CA GLU A 82 8.29 4.37 7.13
C GLU A 82 8.54 2.86 7.14
N ASN A 83 9.77 2.46 6.88
CA ASN A 83 10.13 1.05 6.85
C ASN A 83 9.73 0.36 8.15
N GLY A 84 9.00 -0.75 8.03
CA GLY A 84 8.56 -1.48 9.20
C GLY A 84 7.05 -1.59 9.29
N ASP A 85 6.36 -0.51 8.94
CA ASP A 85 4.91 -0.49 8.98
C ASP A 85 4.32 -1.68 8.23
N CYS A 86 2.99 -1.73 8.16
CA CYS A 86 2.31 -2.82 7.47
C CYS A 86 1.42 -2.28 6.36
N LEU A 87 1.25 -3.09 5.30
CA LEU A 87 0.42 -2.69 4.17
C LEU A 87 -0.77 -3.63 4.00
N LEU A 88 -1.97 -3.10 4.20
CA LEU A 88 -3.18 -3.90 4.06
C LEU A 88 -3.89 -3.60 2.75
N VAL A 89 -3.87 -4.56 1.83
CA VAL A 89 -4.52 -4.39 0.54
C VAL A 89 -5.91 -4.98 0.54
N ARG A 90 -6.89 -4.21 0.05
CA ARG A 90 -8.26 -4.66 0.00
C ARG A 90 -9.04 -3.89 -1.07
N TRP A 91 -10.01 -4.56 -1.68
CA TRP A 91 -10.83 -3.93 -2.72
C TRP A 91 -12.27 -4.44 -2.66
N SER A 92 -13.18 -3.71 -3.28
CA SER A 92 -14.60 -4.08 -3.30
C SER A 92 -14.96 -4.78 -4.61
N GLY A 93 -15.03 -6.10 -4.56
CA GLY A 93 -15.37 -6.85 -5.75
C GLY A 93 -15.72 -8.30 -5.45
N PRO A 94 -16.87 -8.50 -4.78
CA PRO A 94 -17.36 -9.83 -4.40
C PRO A 94 -17.80 -10.65 -5.62
N SER A 95 -18.00 -11.94 -5.41
CA SER A 95 -18.42 -12.83 -6.48
C SER A 95 -19.90 -12.64 -6.81
N SER A 96 -20.23 -12.76 -8.09
CA SER A 96 -21.61 -12.59 -8.54
C SER A 96 -22.01 -13.68 -9.53
N GLY A 97 -23.00 -14.50 -9.15
CA GLY A 97 -23.45 -15.56 -10.00
C GLY A 97 -24.90 -15.93 -9.76
#